data_5CBV
# 
_entry.id   5CBV 
# 
_audit_conform.dict_name       mmcif_pdbx.dic 
_audit_conform.dict_version    5.383 
_audit_conform.dict_location   http://mmcif.pdb.org/dictionaries/ascii/mmcif_pdbx.dic 
# 
loop_
_database_2.database_id 
_database_2.database_code 
_database_2.pdbx_database_accession 
_database_2.pdbx_DOI 
PDB   5CBV         pdb_00005cbv 10.2210/pdb5cbv/pdb 
WWPDB D_1000210700 ?            ?                   
# 
loop_
_pdbx_audit_revision_history.ordinal 
_pdbx_audit_revision_history.data_content_type 
_pdbx_audit_revision_history.major_revision 
_pdbx_audit_revision_history.minor_revision 
_pdbx_audit_revision_history.revision_date 
1 'Structure model' 1 0 2016-07-20 
2 'Structure model' 1 1 2024-01-10 
# 
_pdbx_audit_revision_details.ordinal             1 
_pdbx_audit_revision_details.revision_ordinal    1 
_pdbx_audit_revision_details.data_content_type   'Structure model' 
_pdbx_audit_revision_details.provider            repository 
_pdbx_audit_revision_details.type                'Initial release' 
_pdbx_audit_revision_details.description         ? 
_pdbx_audit_revision_details.details             ? 
# 
loop_
_pdbx_audit_revision_group.ordinal 
_pdbx_audit_revision_group.revision_ordinal 
_pdbx_audit_revision_group.data_content_type 
_pdbx_audit_revision_group.group 
1 2 'Structure model' 'Data collection'        
2 2 'Structure model' 'Database references'    
3 2 'Structure model' 'Refinement description' 
# 
loop_
_pdbx_audit_revision_category.ordinal 
_pdbx_audit_revision_category.revision_ordinal 
_pdbx_audit_revision_category.data_content_type 
_pdbx_audit_revision_category.category 
1 2 'Structure model' chem_comp_atom                
2 2 'Structure model' chem_comp_bond                
3 2 'Structure model' database_2                    
4 2 'Structure model' pdbx_initial_refinement_model 
# 
loop_
_pdbx_audit_revision_item.ordinal 
_pdbx_audit_revision_item.revision_ordinal 
_pdbx_audit_revision_item.data_content_type 
_pdbx_audit_revision_item.item 
1 2 'Structure model' '_database_2.pdbx_DOI'                
2 2 'Structure model' '_database_2.pdbx_database_accession' 
# 
_pdbx_database_status.status_code                     REL 
_pdbx_database_status.status_code_sf                  REL 
_pdbx_database_status.status_code_mr                  ? 
_pdbx_database_status.entry_id                        5CBV 
_pdbx_database_status.recvd_initial_deposition_date   2015-07-01 
_pdbx_database_status.SG_entry                        N 
_pdbx_database_status.deposit_site                    RCSB 
_pdbx_database_status.process_site                    PDBE 
_pdbx_database_status.status_code_cs                  ? 
_pdbx_database_status.methods_development_category    ? 
_pdbx_database_status.pdb_format_compatible           Y 
_pdbx_database_status.status_code_nmr_data            ? 
# 
loop_
_audit_author.name 
_audit_author.pdbx_ordinal 
'Gibson, R.P.'    1  
'Shore, E.'       2  
'Kershaw, N.'     3  
'Awais, M.'       4  
'Javed, A.'       5  
'Latawiec, D.'    6  
'Pandalaneni, S.' 7  
'Wen, L.'         8  
'Berry, N.'       9  
;O'Neill, P.
;
10 
'Sutton, R.'      11 
'Lian, L.Y.'      12 
# 
_citation.abstract                  ? 
_citation.abstract_id_CAS           ? 
_citation.book_id_ISBN              ? 
_citation.book_publisher            ? 
_citation.book_publisher_city       ? 
_citation.book_title                ? 
_citation.coordinate_linkage        ? 
_citation.country                   ? 
_citation.database_id_Medline       ? 
_citation.details                   ? 
_citation.id                        primary 
_citation.journal_abbrev            'To Be Published' 
_citation.journal_id_ASTM           ? 
_citation.journal_id_CSD            0353 
_citation.journal_id_ISSN           ? 
_citation.journal_full              ? 
_citation.journal_issue             ? 
_citation.journal_volume            ? 
_citation.language                  ? 
_citation.page_first                ? 
_citation.page_last                 ? 
_citation.title                     'Human Cyclophilin D Complexed with Inhibitor' 
_citation.year                      ? 
_citation.database_id_CSD           ? 
_citation.pdbx_database_id_DOI      ? 
_citation.pdbx_database_id_PubMed   ? 
_citation.unpublished_flag          ? 
# 
loop_
_citation_author.citation_id 
_citation_author.name 
_citation_author.ordinal 
_citation_author.identifier_ORCID 
primary 'Gibson, R.P.'    1  ? 
primary 'Shore, E.'       2  ? 
primary 'Kershaw, N.'     3  ? 
primary 'Awais, M.'       4  ? 
primary 'Javed, A.'       5  ? 
primary 'Latawiec, D.'    6  ? 
primary 'Pandalaneni, S.' 7  ? 
primary 'Wen, L.'         8  ? 
primary 'Berry, N.'       9  ? 
primary 
;O'Neill, P.
;
10 ? 
primary 'Sutton, R.'      11 ? 
primary 'Lian, L.Y.'      12 ? 
# 
loop_
_entity.id 
_entity.type 
_entity.src_method 
_entity.pdbx_description 
_entity.formula_weight 
_entity.pdbx_number_of_molecules 
_entity.pdbx_ec 
_entity.pdbx_mutation 
_entity.pdbx_fragment 
_entity.details 
1 polymer     man 'Human Cyclophilin D'                                  17783.322 1   ? K133I 'residues 44-207' ? 
2 non-polymer syn 'POTASSIUM ION'                                        39.098    1   ? ?     ?                 ? 
3 non-polymer syn 'FORMIC ACID'                                          46.025    1   ? ?     ?                 ? 
4 non-polymer syn 'TETRAETHYLENE GLYCOL'                                 194.226   1   ? ?     ?                 ? 
5 non-polymer syn 'TRIETHYLENE GLYCOL'                                   150.173   1   ? ?     ?                 ? 
6 non-polymer syn 'ethyl N-{[3-(pyridin-3-yl)benzyl]carbamoyl}glycinate' 313.351   1   ? ?     ?                 ? 
7 water       nat water                                                  18.015    134 ? ?     ?                 ? 
# 
_entity_poly.entity_id                      1 
_entity_poly.type                           'polypeptide(L)' 
_entity_poly.nstd_linkage                   no 
_entity_poly.nstd_monomer                   no 
_entity_poly.pdbx_seq_one_letter_code       
;MGNPLVYLDVDANGKPLGRVVLELKADVVPKTAENFRALCTGEKGFGYKGSTFHRVIPSFMCQAGDFTNHNGTGGKSIYG
SRFPDENFTLKHVGPGVLSMANAGPNTNGSQFFICTIKTDWLDGKHVVFGHVIEGMDVVKKIESFGSKSGRTSKKIVITD
CGQLS
;
_entity_poly.pdbx_seq_one_letter_code_can   
;MGNPLVYLDVDANGKPLGRVVLELKADVVPKTAENFRALCTGEKGFGYKGSTFHRVIPSFMCQAGDFTNHNGTGGKSIYG
SRFPDENFTLKHVGPGVLSMANAGPNTNGSQFFICTIKTDWLDGKHVVFGHVIEGMDVVKKIESFGSKSGRTSKKIVITD
CGQLS
;
_entity_poly.pdbx_strand_id                 A 
_entity_poly.pdbx_target_identifier         ? 
# 
loop_
_pdbx_entity_nonpoly.entity_id 
_pdbx_entity_nonpoly.name 
_pdbx_entity_nonpoly.comp_id 
2 'POTASSIUM ION'                                        K   
3 'FORMIC ACID'                                          FMT 
4 'TETRAETHYLENE GLYCOL'                                 PG4 
5 'TRIETHYLENE GLYCOL'                                   PGE 
6 'ethyl N-{[3-(pyridin-3-yl)benzyl]carbamoyl}glycinate' 4ZP 
7 water                                                  HOH 
# 
loop_
_entity_poly_seq.entity_id 
_entity_poly_seq.num 
_entity_poly_seq.mon_id 
_entity_poly_seq.hetero 
1 1   MET n 
1 2   GLY n 
1 3   ASN n 
1 4   PRO n 
1 5   LEU n 
1 6   VAL n 
1 7   TYR n 
1 8   LEU n 
1 9   ASP n 
1 10  VAL n 
1 11  ASP n 
1 12  ALA n 
1 13  ASN n 
1 14  GLY n 
1 15  LYS n 
1 16  PRO n 
1 17  LEU n 
1 18  GLY n 
1 19  ARG n 
1 20  VAL n 
1 21  VAL n 
1 22  LEU n 
1 23  GLU n 
1 24  LEU n 
1 25  LYS n 
1 26  ALA n 
1 27  ASP n 
1 28  VAL n 
1 29  VAL n 
1 30  PRO n 
1 31  LYS n 
1 32  THR n 
1 33  ALA n 
1 34  GLU n 
1 35  ASN n 
1 36  PHE n 
1 37  ARG n 
1 38  ALA n 
1 39  LEU n 
1 40  CYS n 
1 41  THR n 
1 42  GLY n 
1 43  GLU n 
1 44  LYS n 
1 45  GLY n 
1 46  PHE n 
1 47  GLY n 
1 48  TYR n 
1 49  LYS n 
1 50  GLY n 
1 51  SER n 
1 52  THR n 
1 53  PHE n 
1 54  HIS n 
1 55  ARG n 
1 56  VAL n 
1 57  ILE n 
1 58  PRO n 
1 59  SER n 
1 60  PHE n 
1 61  MET n 
1 62  CYS n 
1 63  GLN n 
1 64  ALA n 
1 65  GLY n 
1 66  ASP n 
1 67  PHE n 
1 68  THR n 
1 69  ASN n 
1 70  HIS n 
1 71  ASN n 
1 72  GLY n 
1 73  THR n 
1 74  GLY n 
1 75  GLY n 
1 76  LYS n 
1 77  SER n 
1 78  ILE n 
1 79  TYR n 
1 80  GLY n 
1 81  SER n 
1 82  ARG n 
1 83  PHE n 
1 84  PRO n 
1 85  ASP n 
1 86  GLU n 
1 87  ASN n 
1 88  PHE n 
1 89  THR n 
1 90  LEU n 
1 91  LYS n 
1 92  HIS n 
1 93  VAL n 
1 94  GLY n 
1 95  PRO n 
1 96  GLY n 
1 97  VAL n 
1 98  LEU n 
1 99  SER n 
1 100 MET n 
1 101 ALA n 
1 102 ASN n 
1 103 ALA n 
1 104 GLY n 
1 105 PRO n 
1 106 ASN n 
1 107 THR n 
1 108 ASN n 
1 109 GLY n 
1 110 SER n 
1 111 GLN n 
1 112 PHE n 
1 113 PHE n 
1 114 ILE n 
1 115 CYS n 
1 116 THR n 
1 117 ILE n 
1 118 LYS n 
1 119 THR n 
1 120 ASP n 
1 121 TRP n 
1 122 LEU n 
1 123 ASP n 
1 124 GLY n 
1 125 LYS n 
1 126 HIS n 
1 127 VAL n 
1 128 VAL n 
1 129 PHE n 
1 130 GLY n 
1 131 HIS n 
1 132 VAL n 
1 133 ILE n 
1 134 GLU n 
1 135 GLY n 
1 136 MET n 
1 137 ASP n 
1 138 VAL n 
1 139 VAL n 
1 140 LYS n 
1 141 LYS n 
1 142 ILE n 
1 143 GLU n 
1 144 SER n 
1 145 PHE n 
1 146 GLY n 
1 147 SER n 
1 148 LYS n 
1 149 SER n 
1 150 GLY n 
1 151 ARG n 
1 152 THR n 
1 153 SER n 
1 154 LYS n 
1 155 LYS n 
1 156 ILE n 
1 157 VAL n 
1 158 ILE n 
1 159 THR n 
1 160 ASP n 
1 161 CYS n 
1 162 GLY n 
1 163 GLN n 
1 164 LEU n 
1 165 SER n 
# 
_entity_src_gen.entity_id                          1 
_entity_src_gen.pdbx_src_id                        1 
_entity_src_gen.pdbx_alt_source_flag               sample 
_entity_src_gen.pdbx_seq_type                      'Biological sequence' 
_entity_src_gen.pdbx_beg_seq_num                   1 
_entity_src_gen.pdbx_end_seq_num                   165 
_entity_src_gen.gene_src_common_name               human 
_entity_src_gen.gene_src_genus                     ? 
_entity_src_gen.pdbx_gene_src_gene                 ? 
_entity_src_gen.gene_src_species                   ? 
_entity_src_gen.gene_src_strain                    ? 
_entity_src_gen.gene_src_tissue                    ? 
_entity_src_gen.gene_src_tissue_fraction           ? 
_entity_src_gen.gene_src_details                   ? 
_entity_src_gen.pdbx_gene_src_fragment             ? 
_entity_src_gen.pdbx_gene_src_scientific_name      'homo sapiens' 
_entity_src_gen.pdbx_gene_src_ncbi_taxonomy_id     9606 
_entity_src_gen.pdbx_gene_src_variant              ? 
_entity_src_gen.pdbx_gene_src_cell_line            ? 
_entity_src_gen.pdbx_gene_src_atcc                 ? 
_entity_src_gen.pdbx_gene_src_organ                ? 
_entity_src_gen.pdbx_gene_src_organelle            ? 
_entity_src_gen.pdbx_gene_src_cell                 ? 
_entity_src_gen.pdbx_gene_src_cellular_location    ? 
_entity_src_gen.host_org_common_name               ? 
_entity_src_gen.pdbx_host_org_scientific_name      'Escherichia coli BL21(DE3)' 
_entity_src_gen.pdbx_host_org_ncbi_taxonomy_id     469008 
_entity_src_gen.host_org_genus                     ? 
_entity_src_gen.pdbx_host_org_gene                 ? 
_entity_src_gen.pdbx_host_org_organ                ? 
_entity_src_gen.host_org_species                   ? 
_entity_src_gen.pdbx_host_org_tissue               ? 
_entity_src_gen.pdbx_host_org_tissue_fraction      ? 
_entity_src_gen.pdbx_host_org_strain               ? 
_entity_src_gen.pdbx_host_org_variant              ? 
_entity_src_gen.pdbx_host_org_cell_line            ? 
_entity_src_gen.pdbx_host_org_atcc                 ? 
_entity_src_gen.pdbx_host_org_culture_collection   ? 
_entity_src_gen.pdbx_host_org_cell                 ? 
_entity_src_gen.pdbx_host_org_organelle            ? 
_entity_src_gen.pdbx_host_org_cellular_location    ? 
_entity_src_gen.pdbx_host_org_vector_type          ? 
_entity_src_gen.pdbx_host_org_vector               ? 
_entity_src_gen.host_org_details                   ? 
_entity_src_gen.expression_system_id               ? 
_entity_src_gen.plasmid_name                       pET28b 
_entity_src_gen.plasmid_details                    ? 
_entity_src_gen.pdbx_description                   ? 
# 
loop_
_chem_comp.id 
_chem_comp.type 
_chem_comp.mon_nstd_flag 
_chem_comp.name 
_chem_comp.pdbx_synonyms 
_chem_comp.formula 
_chem_comp.formula_weight 
4ZP non-polymer         . 'ethyl N-{[3-(pyridin-3-yl)benzyl]carbamoyl}glycinate' ? 'C17 H19 N3 O3'  313.351 
ALA 'L-peptide linking' y ALANINE                                                ? 'C3 H7 N O2'     89.093  
ARG 'L-peptide linking' y ARGININE                                               ? 'C6 H15 N4 O2 1' 175.209 
ASN 'L-peptide linking' y ASPARAGINE                                             ? 'C4 H8 N2 O3'    132.118 
ASP 'L-peptide linking' y 'ASPARTIC ACID'                                        ? 'C4 H7 N O4'     133.103 
CYS 'L-peptide linking' y CYSTEINE                                               ? 'C3 H7 N O2 S'   121.158 
FMT non-polymer         . 'FORMIC ACID'                                          ? 'C H2 O2'        46.025  
GLN 'L-peptide linking' y GLUTAMINE                                              ? 'C5 H10 N2 O3'   146.144 
GLU 'L-peptide linking' y 'GLUTAMIC ACID'                                        ? 'C5 H9 N O4'     147.129 
GLY 'peptide linking'   y GLYCINE                                                ? 'C2 H5 N O2'     75.067  
HIS 'L-peptide linking' y HISTIDINE                                              ? 'C6 H10 N3 O2 1' 156.162 
HOH non-polymer         . WATER                                                  ? 'H2 O'           18.015  
ILE 'L-peptide linking' y ISOLEUCINE                                             ? 'C6 H13 N O2'    131.173 
K   non-polymer         . 'POTASSIUM ION'                                        ? 'K 1'            39.098  
LEU 'L-peptide linking' y LEUCINE                                                ? 'C6 H13 N O2'    131.173 
LYS 'L-peptide linking' y LYSINE                                                 ? 'C6 H15 N2 O2 1' 147.195 
MET 'L-peptide linking' y METHIONINE                                             ? 'C5 H11 N O2 S'  149.211 
PG4 non-polymer         . 'TETRAETHYLENE GLYCOL'                                 ? 'C8 H18 O5'      194.226 
PGE non-polymer         . 'TRIETHYLENE GLYCOL'                                   ? 'C6 H14 O4'      150.173 
PHE 'L-peptide linking' y PHENYLALANINE                                          ? 'C9 H11 N O2'    165.189 
PRO 'L-peptide linking' y PROLINE                                                ? 'C5 H9 N O2'     115.130 
SER 'L-peptide linking' y SERINE                                                 ? 'C3 H7 N O3'     105.093 
THR 'L-peptide linking' y THREONINE                                              ? 'C4 H9 N O3'     119.119 
TRP 'L-peptide linking' y TRYPTOPHAN                                             ? 'C11 H12 N2 O2'  204.225 
TYR 'L-peptide linking' y TYROSINE                                               ? 'C9 H11 N O3'    181.189 
VAL 'L-peptide linking' y VALINE                                                 ? 'C5 H11 N O2'    117.146 
# 
loop_
_pdbx_poly_seq_scheme.asym_id 
_pdbx_poly_seq_scheme.entity_id 
_pdbx_poly_seq_scheme.seq_id 
_pdbx_poly_seq_scheme.mon_id 
_pdbx_poly_seq_scheme.ndb_seq_num 
_pdbx_poly_seq_scheme.pdb_seq_num 
_pdbx_poly_seq_scheme.auth_seq_num 
_pdbx_poly_seq_scheme.pdb_mon_id 
_pdbx_poly_seq_scheme.auth_mon_id 
_pdbx_poly_seq_scheme.pdb_strand_id 
_pdbx_poly_seq_scheme.pdb_ins_code 
_pdbx_poly_seq_scheme.hetero 
A 1 1   MET 1   1   ?   ?   ?   A . n 
A 1 2   GLY 2   2   2   GLY GLY A . n 
A 1 3   ASN 3   3   3   ASN ASN A . n 
A 1 4   PRO 4   4   4   PRO PRO A . n 
A 1 5   LEU 5   5   5   LEU LEU A . n 
A 1 6   VAL 6   6   6   VAL VAL A . n 
A 1 7   TYR 7   7   7   TYR TYR A . n 
A 1 8   LEU 8   8   8   LEU LEU A . n 
A 1 9   ASP 9   9   9   ASP ASP A . n 
A 1 10  VAL 10  10  10  VAL VAL A . n 
A 1 11  ASP 11  11  11  ASP ASP A . n 
A 1 12  ALA 12  12  12  ALA ALA A . n 
A 1 13  ASN 13  13  13  ASN ASN A . n 
A 1 14  GLY 14  14  14  GLY GLY A . n 
A 1 15  LYS 15  15  15  LYS LYS A . n 
A 1 16  PRO 16  16  16  PRO PRO A . n 
A 1 17  LEU 17  17  17  LEU LEU A . n 
A 1 18  GLY 18  18  18  GLY GLY A . n 
A 1 19  ARG 19  19  19  ARG ARG A . n 
A 1 20  VAL 20  20  20  VAL VAL A . n 
A 1 21  VAL 21  21  21  VAL VAL A . n 
A 1 22  LEU 22  22  22  LEU LEU A . n 
A 1 23  GLU 23  23  23  GLU GLU A . n 
A 1 24  LEU 24  24  24  LEU LEU A . n 
A 1 25  LYS 25  25  25  LYS LYS A . n 
A 1 26  ALA 26  26  26  ALA ALA A . n 
A 1 27  ASP 27  27  27  ASP ASP A . n 
A 1 28  VAL 28  28  28  VAL VAL A . n 
A 1 29  VAL 29  29  29  VAL VAL A . n 
A 1 30  PRO 30  30  30  PRO PRO A . n 
A 1 31  LYS 31  31  31  LYS LYS A . n 
A 1 32  THR 32  32  32  THR THR A . n 
A 1 33  ALA 33  33  33  ALA ALA A . n 
A 1 34  GLU 34  34  34  GLU GLU A . n 
A 1 35  ASN 35  35  35  ASN ASN A . n 
A 1 36  PHE 36  36  36  PHE PHE A . n 
A 1 37  ARG 37  37  37  ARG ARG A . n 
A 1 38  ALA 38  38  38  ALA ALA A . n 
A 1 39  LEU 39  39  39  LEU LEU A . n 
A 1 40  CYS 40  40  40  CYS CYS A . n 
A 1 41  THR 41  41  41  THR THR A . n 
A 1 42  GLY 42  42  42  GLY GLY A . n 
A 1 43  GLU 43  43  43  GLU GLU A . n 
A 1 44  LYS 44  44  44  LYS LYS A . n 
A 1 45  GLY 45  45  45  GLY GLY A . n 
A 1 46  PHE 46  46  46  PHE PHE A . n 
A 1 47  GLY 47  47  47  GLY GLY A . n 
A 1 48  TYR 48  48  48  TYR TYR A . n 
A 1 49  LYS 49  49  49  LYS LYS A . n 
A 1 50  GLY 50  50  50  GLY GLY A . n 
A 1 51  SER 51  51  51  SER SER A . n 
A 1 52  THR 52  52  52  THR THR A . n 
A 1 53  PHE 53  53  53  PHE PHE A . n 
A 1 54  HIS 54  54  54  HIS HIS A . n 
A 1 55  ARG 55  55  55  ARG ARG A . n 
A 1 56  VAL 56  56  56  VAL VAL A . n 
A 1 57  ILE 57  57  57  ILE ILE A . n 
A 1 58  PRO 58  58  58  PRO PRO A . n 
A 1 59  SER 59  59  59  SER SER A . n 
A 1 60  PHE 60  60  60  PHE PHE A . n 
A 1 61  MET 61  61  61  MET MET A . n 
A 1 62  CYS 62  62  62  CYS CYS A . n 
A 1 63  GLN 63  63  63  GLN GLN A . n 
A 1 64  ALA 64  64  64  ALA ALA A . n 
A 1 65  GLY 65  65  65  GLY GLY A . n 
A 1 66  ASP 66  66  66  ASP ASP A . n 
A 1 67  PHE 67  67  67  PHE PHE A . n 
A 1 68  THR 68  68  68  THR THR A . n 
A 1 69  ASN 69  69  69  ASN ASN A . n 
A 1 70  HIS 70  70  70  HIS HIS A . n 
A 1 71  ASN 71  71  71  ASN ASN A . n 
A 1 72  GLY 72  72  72  GLY GLY A . n 
A 1 73  THR 73  73  73  THR THR A . n 
A 1 74  GLY 74  74  74  GLY GLY A . n 
A 1 75  GLY 75  75  75  GLY GLY A . n 
A 1 76  LYS 76  76  76  LYS LYS A . n 
A 1 77  SER 77  77  77  SER SER A . n 
A 1 78  ILE 78  78  78  ILE ILE A . n 
A 1 79  TYR 79  79  79  TYR TYR A . n 
A 1 80  GLY 80  80  80  GLY GLY A . n 
A 1 81  SER 81  81  81  SER SER A . n 
A 1 82  ARG 82  82  82  ARG ARG A . n 
A 1 83  PHE 83  83  83  PHE PHE A . n 
A 1 84  PRO 84  84  84  PRO PRO A . n 
A 1 85  ASP 85  85  85  ASP ASP A . n 
A 1 86  GLU 86  86  86  GLU GLU A . n 
A 1 87  ASN 87  87  87  ASN ASN A . n 
A 1 88  PHE 88  88  88  PHE PHE A . n 
A 1 89  THR 89  89  89  THR THR A . n 
A 1 90  LEU 90  90  90  LEU LEU A . n 
A 1 91  LYS 91  91  91  LYS LYS A . n 
A 1 92  HIS 92  92  92  HIS HIS A . n 
A 1 93  VAL 93  93  93  VAL VAL A . n 
A 1 94  GLY 94  94  94  GLY GLY A . n 
A 1 95  PRO 95  95  95  PRO PRO A . n 
A 1 96  GLY 96  96  96  GLY GLY A . n 
A 1 97  VAL 97  97  97  VAL VAL A . n 
A 1 98  LEU 98  98  98  LEU LEU A . n 
A 1 99  SER 99  99  99  SER SER A . n 
A 1 100 MET 100 100 100 MET MET A . n 
A 1 101 ALA 101 101 101 ALA ALA A . n 
A 1 102 ASN 102 102 102 ASN ASN A . n 
A 1 103 ALA 103 103 103 ALA ALA A . n 
A 1 104 GLY 104 104 104 GLY GLY A . n 
A 1 105 PRO 105 105 105 PRO PRO A . n 
A 1 106 ASN 106 106 106 ASN ASN A . n 
A 1 107 THR 107 107 107 THR THR A . n 
A 1 108 ASN 108 108 108 ASN ASN A . n 
A 1 109 GLY 109 109 109 GLY GLY A . n 
A 1 110 SER 110 110 110 SER SER A . n 
A 1 111 GLN 111 111 111 GLN GLN A . n 
A 1 112 PHE 112 112 112 PHE PHE A . n 
A 1 113 PHE 113 113 113 PHE PHE A . n 
A 1 114 ILE 114 114 114 ILE ILE A . n 
A 1 115 CYS 115 115 115 CYS CYS A . n 
A 1 116 THR 116 116 116 THR THR A . n 
A 1 117 ILE 117 117 117 ILE ILE A . n 
A 1 118 LYS 118 118 118 LYS LYS A . n 
A 1 119 THR 119 119 119 THR THR A . n 
A 1 120 ASP 120 120 120 ASP ASP A . n 
A 1 121 TRP 121 121 121 TRP TRP A . n 
A 1 122 LEU 122 122 122 LEU LEU A . n 
A 1 123 ASP 123 123 123 ASP ASP A . n 
A 1 124 GLY 124 124 124 GLY GLY A . n 
A 1 125 LYS 125 125 125 LYS LYS A . n 
A 1 126 HIS 126 126 126 HIS HIS A . n 
A 1 127 VAL 127 127 127 VAL VAL A . n 
A 1 128 VAL 128 128 128 VAL VAL A . n 
A 1 129 PHE 129 129 129 PHE PHE A . n 
A 1 130 GLY 130 130 130 GLY GLY A . n 
A 1 131 HIS 131 131 131 HIS HIS A . n 
A 1 132 VAL 132 132 132 VAL VAL A . n 
A 1 133 ILE 133 133 133 ILE ILE A . n 
A 1 134 GLU 134 134 134 GLU GLU A . n 
A 1 135 GLY 135 135 135 GLY GLY A . n 
A 1 136 MET 136 136 136 MET MET A . n 
A 1 137 ASP 137 137 137 ASP ASP A . n 
A 1 138 VAL 138 138 138 VAL VAL A . n 
A 1 139 VAL 139 139 139 VAL VAL A . n 
A 1 140 LYS 140 140 140 LYS LYS A . n 
A 1 141 LYS 141 141 141 LYS LYS A . n 
A 1 142 ILE 142 142 142 ILE ILE A . n 
A 1 143 GLU 143 143 143 GLU GLU A . n 
A 1 144 SER 144 144 144 SER SER A . n 
A 1 145 PHE 145 145 145 PHE PHE A . n 
A 1 146 GLY 146 146 146 GLY GLY A . n 
A 1 147 SER 147 147 147 SER SER A . n 
A 1 148 LYS 148 148 148 LYS LYS A . n 
A 1 149 SER 149 149 149 SER SER A . n 
A 1 150 GLY 150 150 150 GLY GLY A . n 
A 1 151 ARG 151 151 151 ARG ARG A . n 
A 1 152 THR 152 152 152 THR THR A . n 
A 1 153 SER 153 153 153 SER SER A . n 
A 1 154 LYS 154 154 154 LYS LYS A . n 
A 1 155 LYS 155 155 155 LYS LYS A . n 
A 1 156 ILE 156 156 156 ILE ILE A . n 
A 1 157 VAL 157 157 157 VAL VAL A . n 
A 1 158 ILE 158 158 158 ILE ILE A . n 
A 1 159 THR 159 159 159 THR THR A . n 
A 1 160 ASP 160 160 160 ASP ASP A . n 
A 1 161 CYS 161 161 161 CYS CYS A . n 
A 1 162 GLY 162 162 162 GLY GLY A . n 
A 1 163 GLN 163 163 163 GLN GLN A . n 
A 1 164 LEU 164 164 164 LEU LEU A . n 
A 1 165 SER 165 165 165 SER SER A . n 
# 
loop_
_pdbx_nonpoly_scheme.asym_id 
_pdbx_nonpoly_scheme.entity_id 
_pdbx_nonpoly_scheme.mon_id 
_pdbx_nonpoly_scheme.ndb_seq_num 
_pdbx_nonpoly_scheme.pdb_seq_num 
_pdbx_nonpoly_scheme.auth_seq_num 
_pdbx_nonpoly_scheme.pdb_mon_id 
_pdbx_nonpoly_scheme.auth_mon_id 
_pdbx_nonpoly_scheme.pdb_strand_id 
_pdbx_nonpoly_scheme.pdb_ins_code 
B 2 K   1   201 1   K   K   A . 
C 3 FMT 1   202 1   FMT FMT A . 
D 4 PG4 1   203 1   PG4 PG4 A . 
E 5 PGE 1   204 1   PGE PGE A . 
F 6 4ZP 1   205 1   4ZP Z17 A . 
G 7 HOH 1   301 109 HOH HOH A . 
G 7 HOH 2   302 116 HOH HOH A . 
G 7 HOH 3   303 40  HOH HOH A . 
G 7 HOH 4   304 52  HOH HOH A . 
G 7 HOH 5   305 122 HOH HOH A . 
G 7 HOH 6   306 113 HOH HOH A . 
G 7 HOH 7   307 20  HOH HOH A . 
G 7 HOH 8   308 1   HOH HOH A . 
G 7 HOH 9   309 82  HOH HOH A . 
G 7 HOH 10  310 14  HOH HOH A . 
G 7 HOH 11  311 94  HOH HOH A . 
G 7 HOH 12  312 16  HOH HOH A . 
G 7 HOH 13  313 80  HOH HOH A . 
G 7 HOH 14  314 118 HOH HOH A . 
G 7 HOH 15  315 112 HOH HOH A . 
G 7 HOH 16  316 19  HOH HOH A . 
G 7 HOH 17  317 78  HOH HOH A . 
G 7 HOH 18  318 111 HOH HOH A . 
G 7 HOH 19  319 110 HOH HOH A . 
G 7 HOH 20  320 51  HOH HOH A . 
G 7 HOH 21  321 58  HOH HOH A . 
G 7 HOH 22  322 8   HOH HOH A . 
G 7 HOH 23  323 107 HOH HOH A . 
G 7 HOH 24  324 41  HOH HOH A . 
G 7 HOH 25  325 12  HOH HOH A . 
G 7 HOH 26  326 43  HOH HOH A . 
G 7 HOH 27  327 47  HOH HOH A . 
G 7 HOH 28  328 21  HOH HOH A . 
G 7 HOH 29  329 79  HOH HOH A . 
G 7 HOH 30  330 131 HOH HOH A . 
G 7 HOH 31  331 42  HOH HOH A . 
G 7 HOH 32  332 93  HOH HOH A . 
G 7 HOH 33  333 132 HOH HOH A . 
G 7 HOH 34  334 129 HOH HOH A . 
G 7 HOH 35  335 5   HOH HOH A . 
G 7 HOH 36  336 92  HOH HOH A . 
G 7 HOH 37  337 134 HOH HOH A . 
G 7 HOH 38  338 87  HOH HOH A . 
G 7 HOH 39  339 39  HOH HOH A . 
G 7 HOH 40  340 27  HOH HOH A . 
G 7 HOH 41  341 75  HOH HOH A . 
G 7 HOH 42  342 97  HOH HOH A . 
G 7 HOH 43  343 61  HOH HOH A . 
G 7 HOH 44  344 72  HOH HOH A . 
G 7 HOH 45  345 18  HOH HOH A . 
G 7 HOH 46  346 15  HOH HOH A . 
G 7 HOH 47  347 69  HOH HOH A . 
G 7 HOH 48  348 127 HOH HOH A . 
G 7 HOH 49  349 35  HOH HOH A . 
G 7 HOH 50  350 81  HOH HOH A . 
G 7 HOH 51  351 67  HOH HOH A . 
G 7 HOH 52  352 7   HOH HOH A . 
G 7 HOH 53  353 50  HOH HOH A . 
G 7 HOH 54  354 76  HOH HOH A . 
G 7 HOH 55  355 60  HOH HOH A . 
G 7 HOH 56  356 74  HOH HOH A . 
G 7 HOH 57  357 6   HOH HOH A . 
G 7 HOH 58  358 13  HOH HOH A . 
G 7 HOH 59  359 10  HOH HOH A . 
G 7 HOH 60  360 34  HOH HOH A . 
G 7 HOH 61  361 24  HOH HOH A . 
G 7 HOH 62  362 62  HOH HOH A . 
G 7 HOH 63  363 68  HOH HOH A . 
G 7 HOH 64  364 59  HOH HOH A . 
G 7 HOH 65  365 108 HOH HOH A . 
G 7 HOH 66  366 104 HOH HOH A . 
G 7 HOH 67  367 56  HOH HOH A . 
G 7 HOH 68  368 33  HOH HOH A . 
G 7 HOH 69  369 4   HOH HOH A . 
G 7 HOH 70  370 119 HOH HOH A . 
G 7 HOH 71  371 25  HOH HOH A . 
G 7 HOH 72  372 31  HOH HOH A . 
G 7 HOH 73  373 3   HOH HOH A . 
G 7 HOH 74  374 46  HOH HOH A . 
G 7 HOH 75  375 86  HOH HOH A . 
G 7 HOH 76  376 120 HOH HOH A . 
G 7 HOH 77  377 37  HOH HOH A . 
G 7 HOH 78  378 48  HOH HOH A . 
G 7 HOH 79  379 11  HOH HOH A . 
G 7 HOH 80  380 88  HOH HOH A . 
G 7 HOH 81  381 66  HOH HOH A . 
G 7 HOH 82  382 2   HOH HOH A . 
G 7 HOH 83  383 130 HOH HOH A . 
G 7 HOH 84  384 32  HOH HOH A . 
G 7 HOH 85  385 38  HOH HOH A . 
G 7 HOH 86  386 44  HOH HOH A . 
G 7 HOH 87  387 85  HOH HOH A . 
G 7 HOH 88  388 45  HOH HOH A . 
G 7 HOH 89  389 121 HOH HOH A . 
G 7 HOH 90  390 117 HOH HOH A . 
G 7 HOH 91  391 54  HOH HOH A . 
G 7 HOH 92  392 123 HOH HOH A . 
G 7 HOH 93  393 9   HOH HOH A . 
G 7 HOH 94  394 30  HOH HOH A . 
G 7 HOH 95  395 17  HOH HOH A . 
G 7 HOH 96  396 28  HOH HOH A . 
G 7 HOH 97  397 135 HOH HOH A . 
G 7 HOH 98  398 65  HOH HOH A . 
G 7 HOH 99  399 133 HOH HOH A . 
G 7 HOH 100 400 91  HOH HOH A . 
G 7 HOH 101 401 70  HOH HOH A . 
G 7 HOH 102 402 96  HOH HOH A . 
G 7 HOH 103 403 53  HOH HOH A . 
G 7 HOH 104 404 22  HOH HOH A . 
G 7 HOH 105 405 57  HOH HOH A . 
G 7 HOH 106 406 115 HOH HOH A . 
G 7 HOH 107 407 36  HOH HOH A . 
G 7 HOH 108 408 29  HOH HOH A . 
G 7 HOH 109 409 63  HOH HOH A . 
G 7 HOH 110 410 83  HOH HOH A . 
G 7 HOH 111 411 89  HOH HOH A . 
G 7 HOH 112 412 49  HOH HOH A . 
G 7 HOH 113 413 26  HOH HOH A . 
G 7 HOH 114 414 106 HOH HOH A . 
G 7 HOH 115 415 99  HOH HOH A . 
G 7 HOH 116 416 84  HOH HOH A . 
G 7 HOH 117 417 114 HOH HOH A . 
G 7 HOH 118 418 55  HOH HOH A . 
G 7 HOH 119 419 90  HOH HOH A . 
G 7 HOH 120 420 124 HOH HOH A . 
G 7 HOH 121 421 100 HOH HOH A . 
G 7 HOH 122 422 128 HOH HOH A . 
G 7 HOH 123 423 105 HOH HOH A . 
G 7 HOH 124 424 101 HOH HOH A . 
G 7 HOH 125 425 73  HOH HOH A . 
G 7 HOH 126 426 126 HOH HOH A . 
G 7 HOH 127 427 77  HOH HOH A . 
G 7 HOH 128 428 98  HOH HOH A . 
G 7 HOH 129 429 102 HOH HOH A . 
G 7 HOH 130 430 95  HOH HOH A . 
G 7 HOH 131 431 125 HOH HOH A . 
G 7 HOH 132 432 23  HOH HOH A . 
G 7 HOH 133 433 64  HOH HOH A . 
G 7 HOH 134 434 103 HOH HOH A . 
# 
loop_
_software.citation_id 
_software.classification 
_software.compiler_name 
_software.compiler_version 
_software.contact_author 
_software.contact_author_email 
_software.date 
_software.description 
_software.dependencies 
_software.hardware 
_software.language 
_software.location 
_software.mods 
_software.name 
_software.os 
_software.os_version 
_software.type 
_software.version 
_software.pdbx_ordinal 
? refinement       ? ? ? ? ? ? ? ? ? ? ? REFMAC ? ? ? 5.8.0123 1 
? 'data reduction' ? ? ? ? ? ? ? ? ? ? ? MOSFLM ? ? ? .        2 
? 'data scaling'   ? ? ? ? ? ? ? ? ? ? ? SCALA  ? ? ? .        3 
? phasing          ? ? ? ? ? ? ? ? ? ? ? PHASER ? ? ? .        4 
# 
_cell.angle_alpha                  90.00 
_cell.angle_alpha_esd              ? 
_cell.angle_beta                   90.00 
_cell.angle_beta_esd               ? 
_cell.angle_gamma                  90.00 
_cell.angle_gamma_esd              ? 
_cell.entry_id                     5CBV 
_cell.details                      ? 
_cell.formula_units_Z              ? 
_cell.length_a                     57.430 
_cell.length_a_esd                 ? 
_cell.length_b                     57.430 
_cell.length_b_esd                 ? 
_cell.length_c                     113.040 
_cell.length_c_esd                 ? 
_cell.volume                       ? 
_cell.volume_esd                   ? 
_cell.Z_PDB                        8 
_cell.reciprocal_angle_alpha       ? 
_cell.reciprocal_angle_beta        ? 
_cell.reciprocal_angle_gamma       ? 
_cell.reciprocal_angle_alpha_esd   ? 
_cell.reciprocal_angle_beta_esd    ? 
_cell.reciprocal_angle_gamma_esd   ? 
_cell.reciprocal_length_a          ? 
_cell.reciprocal_length_b          ? 
_cell.reciprocal_length_c          ? 
_cell.reciprocal_length_a_esd      ? 
_cell.reciprocal_length_b_esd      ? 
_cell.reciprocal_length_c_esd      ? 
_cell.pdbx_unique_axis             ? 
# 
_symmetry.entry_id                         5CBV 
_symmetry.cell_setting                     ? 
_symmetry.Int_Tables_number                96 
_symmetry.space_group_name_Hall            ? 
_symmetry.space_group_name_H-M             'P 43 21 2' 
_symmetry.pdbx_full_space_group_name_H-M   ? 
# 
_exptl.absorpt_coefficient_mu     ? 
_exptl.absorpt_correction_T_max   ? 
_exptl.absorpt_correction_T_min   ? 
_exptl.absorpt_correction_type    ? 
_exptl.absorpt_process_details    ? 
_exptl.entry_id                   5CBV 
_exptl.crystals_number            ? 
_exptl.details                    ? 
_exptl.method                     'X-RAY DIFFRACTION' 
_exptl.method_details             ? 
# 
_exptl_crystal.colour                      ? 
_exptl_crystal.density_diffrn              ? 
_exptl_crystal.density_Matthews            2.62 
_exptl_crystal.density_method              ? 
_exptl_crystal.density_percent_sol         53.06 
_exptl_crystal.description                 ? 
_exptl_crystal.F_000                       ? 
_exptl_crystal.id                          1 
_exptl_crystal.preparation                 ? 
_exptl_crystal.size_max                    ? 
_exptl_crystal.size_mid                    ? 
_exptl_crystal.size_min                    ? 
_exptl_crystal.size_rad                    ? 
_exptl_crystal.colour_lustre               ? 
_exptl_crystal.colour_modifier             ? 
_exptl_crystal.colour_primary              ? 
_exptl_crystal.density_meas                ? 
_exptl_crystal.density_meas_esd            ? 
_exptl_crystal.density_meas_gt             ? 
_exptl_crystal.density_meas_lt             ? 
_exptl_crystal.density_meas_temp           ? 
_exptl_crystal.density_meas_temp_esd       ? 
_exptl_crystal.density_meas_temp_gt        ? 
_exptl_crystal.density_meas_temp_lt        ? 
_exptl_crystal.pdbx_crystal_image_url      ? 
_exptl_crystal.pdbx_crystal_image_format   ? 
_exptl_crystal.pdbx_mosaicity              ? 
_exptl_crystal.pdbx_mosaicity_esd          ? 
# 
_exptl_crystal_grow.apparatus       ? 
_exptl_crystal_grow.atmosphere      ? 
_exptl_crystal_grow.crystal_id      1 
_exptl_crystal_grow.details         ? 
_exptl_crystal_grow.method          'VAPOR DIFFUSION, SITTING DROP' 
_exptl_crystal_grow.method_ref      ? 
_exptl_crystal_grow.pH              9 
_exptl_crystal_grow.pressure        ? 
_exptl_crystal_grow.pressure_esd    ? 
_exptl_crystal_grow.seeding         ? 
_exptl_crystal_grow.seeding_ref     ? 
_exptl_crystal_grow.temp            291 
_exptl_crystal_grow.temp_details    ? 
_exptl_crystal_grow.temp_esd        ? 
_exptl_crystal_grow.time            ? 
_exptl_crystal_grow.pdbx_details    '4M potassium formate, 0.1M BIS-TRIS propane pH 9, 2% w/v PEG 2000mme' 
_exptl_crystal_grow.pdbx_pH_range   ? 
# 
_diffrn.ambient_environment    ? 
_diffrn.ambient_temp           100 
_diffrn.ambient_temp_details   ? 
_diffrn.ambient_temp_esd       ? 
_diffrn.crystal_id             1 
_diffrn.crystal_support        ? 
_diffrn.crystal_treatment      ? 
_diffrn.details                ? 
_diffrn.id                     1 
_diffrn.ambient_pressure       ? 
_diffrn.ambient_pressure_esd   ? 
_diffrn.ambient_pressure_gt    ? 
_diffrn.ambient_pressure_lt    ? 
_diffrn.ambient_temp_gt        ? 
_diffrn.ambient_temp_lt        ? 
# 
_diffrn_detector.details                      ? 
_diffrn_detector.detector                     PIXEL 
_diffrn_detector.diffrn_id                    1 
_diffrn_detector.type                         'PSI PILATUS 6M' 
_diffrn_detector.area_resol_mean              ? 
_diffrn_detector.dtime                        ? 
_diffrn_detector.pdbx_frames_total            ? 
_diffrn_detector.pdbx_collection_time_total   ? 
_diffrn_detector.pdbx_collection_date         2013-06-29 
# 
_diffrn_radiation.collimation                      ? 
_diffrn_radiation.diffrn_id                        1 
_diffrn_radiation.filter_edge                      ? 
_diffrn_radiation.inhomogeneity                    ? 
_diffrn_radiation.monochromator                    ? 
_diffrn_radiation.polarisn_norm                    ? 
_diffrn_radiation.polarisn_ratio                   ? 
_diffrn_radiation.probe                            ? 
_diffrn_radiation.type                             ? 
_diffrn_radiation.xray_symbol                      ? 
_diffrn_radiation.wavelength_id                    1 
_diffrn_radiation.pdbx_monochromatic_or_laue_m_l   M 
_diffrn_radiation.pdbx_wavelength_list             ? 
_diffrn_radiation.pdbx_wavelength                  ? 
_diffrn_radiation.pdbx_diffrn_protocol             'SINGLE WAVELENGTH' 
_diffrn_radiation.pdbx_analyzer                    ? 
_diffrn_radiation.pdbx_scattering_type             x-ray 
# 
_diffrn_radiation_wavelength.id           1 
_diffrn_radiation_wavelength.wavelength   0.984 
_diffrn_radiation_wavelength.wt           1.0 
# 
_diffrn_source.current                     ? 
_diffrn_source.details                     ? 
_diffrn_source.diffrn_id                   1 
_diffrn_source.power                       ? 
_diffrn_source.size                        ? 
_diffrn_source.source                      SYNCHROTRON 
_diffrn_source.target                      ? 
_diffrn_source.type                        'SOLEIL BEAMLINE PROXIMA 1' 
_diffrn_source.voltage                     ? 
_diffrn_source.take-off_angle              ? 
_diffrn_source.pdbx_wavelength_list        0.984 
_diffrn_source.pdbx_wavelength             ? 
_diffrn_source.pdbx_synchrotron_beamline   'PROXIMA 1' 
_diffrn_source.pdbx_synchrotron_site       SOLEIL 
# 
_reflns.B_iso_Wilson_estimate            ? 
_reflns.entry_id                         5CBV 
_reflns.data_reduction_details           ? 
_reflns.data_reduction_method            ? 
_reflns.d_resolution_high                1.8 
_reflns.d_resolution_low                 38.2 
_reflns.details                          ? 
_reflns.limit_h_max                      ? 
_reflns.limit_h_min                      ? 
_reflns.limit_k_max                      ? 
_reflns.limit_k_min                      ? 
_reflns.limit_l_max                      ? 
_reflns.limit_l_min                      ? 
_reflns.number_all                       ? 
_reflns.number_obs                       17797 
_reflns.observed_criterion               ? 
_reflns.observed_criterion_F_max         ? 
_reflns.observed_criterion_F_min         ? 
_reflns.observed_criterion_I_max         ? 
_reflns.observed_criterion_I_min         ? 
_reflns.observed_criterion_sigma_F       ? 
_reflns.observed_criterion_sigma_I       ? 
_reflns.percent_possible_obs             98.2 
_reflns.R_free_details                   ? 
_reflns.Rmerge_F_all                     ? 
_reflns.Rmerge_F_obs                     ? 
_reflns.Friedel_coverage                 ? 
_reflns.number_gt                        ? 
_reflns.threshold_expression             ? 
_reflns.pdbx_redundancy                  8.1 
_reflns.pdbx_Rmerge_I_obs                0.068 
_reflns.pdbx_Rmerge_I_all                ? 
_reflns.pdbx_Rsym_value                  ? 
_reflns.pdbx_netI_over_av_sigmaI         ? 
_reflns.pdbx_netI_over_sigmaI            20.2 
_reflns.pdbx_res_netI_over_av_sigmaI_2   ? 
_reflns.pdbx_res_netI_over_sigmaI_2      ? 
_reflns.pdbx_chi_squared                 ? 
_reflns.pdbx_scaling_rejects             ? 
_reflns.pdbx_d_res_high_opt              ? 
_reflns.pdbx_d_res_low_opt               ? 
_reflns.pdbx_d_res_opt_method            ? 
_reflns.phase_calculation_details        ? 
_reflns.pdbx_Rrim_I_all                  ? 
_reflns.pdbx_Rpim_I_all                  ? 
_reflns.pdbx_d_opt                       ? 
_reflns.pdbx_number_measured_all         ? 
_reflns.pdbx_diffrn_id                   1 
_reflns.pdbx_ordinal                     1 
_reflns.pdbx_CC_half                     ? 
_reflns.pdbx_R_split                     ? 
# 
_reflns_shell.Rmerge_F_all                ? 
_reflns_shell.Rmerge_F_gt                 ? 
_reflns_shell.Rmerge_F_obs                ? 
_reflns_shell.Rmerge_I_all                ? 
_reflns_shell.Rmerge_I_gt                 ? 
_reflns_shell.Rmerge_I_obs                0.152 
_reflns_shell.d_res_high                  1.8 
_reflns_shell.d_res_low                   1.9 
_reflns_shell.meanI_over_sigI_all         ? 
_reflns_shell.meanI_over_sigI_gt          ? 
_reflns_shell.meanI_over_sigI_obs         11.0 
_reflns_shell.meanI_over_uI_all           ? 
_reflns_shell.meanI_over_uI_gt            ? 
_reflns_shell.number_measured_all         ? 
_reflns_shell.number_measured_gt          ? 
_reflns_shell.number_measured_obs         ? 
_reflns_shell.number_possible             ? 
_reflns_shell.number_unique_all           ? 
_reflns_shell.number_unique_gt            ? 
_reflns_shell.number_unique_obs           ? 
_reflns_shell.pdbx_CC_half                ? 
_reflns_shell.pdbx_R_split                ? 
_reflns_shell.pdbx_Rpim_I_all             ? 
_reflns_shell.pdbx_Rrim_I_all             ? 
_reflns_shell.pdbx_Rsym_value             ? 
_reflns_shell.pdbx_chi_squared            ? 
_reflns_shell.pdbx_diffrn_id              1 
_reflns_shell.pdbx_netI_over_sigmaI_all   ? 
_reflns_shell.pdbx_netI_over_sigmaI_obs   ? 
_reflns_shell.pdbx_ordinal                1 
_reflns_shell.pdbx_redundancy             7.9 
_reflns_shell.pdbx_rejects                ? 
_reflns_shell.percent_possible_all        99.4 
_reflns_shell.percent_possible_gt         ? 
_reflns_shell.percent_possible_obs        ? 
# 
_refine.aniso_B[1][1]                            0.01 
_refine.aniso_B[1][2]                            0.00 
_refine.aniso_B[1][3]                            0.00 
_refine.aniso_B[2][2]                            0.01 
_refine.aniso_B[2][3]                            0.00 
_refine.aniso_B[3][3]                            -0.03 
_refine.B_iso_max                                ? 
_refine.B_iso_mean                               13.795 
_refine.B_iso_min                                ? 
_refine.correlation_coeff_Fo_to_Fc               0.953 
_refine.correlation_coeff_Fo_to_Fc_free          0.945 
_refine.details                                  'HYDROGENS HAVE BEEN ADDED IN THE RIDING POSITIONS' 
_refine.diff_density_max                         ? 
_refine.diff_density_max_esd                     ? 
_refine.diff_density_min                         ? 
_refine.diff_density_min_esd                     ? 
_refine.diff_density_rms                         ? 
_refine.diff_density_rms_esd                     ? 
_refine.entry_id                                 5CBV 
_refine.pdbx_refine_id                           'X-RAY DIFFRACTION' 
_refine.ls_abs_structure_details                 ? 
_refine.ls_abs_structure_Flack                   ? 
_refine.ls_abs_structure_Flack_esd               ? 
_refine.ls_abs_structure_Rogers                  ? 
_refine.ls_abs_structure_Rogers_esd              ? 
_refine.ls_d_res_high                            1.80 
_refine.ls_d_res_low                             38.2 
_refine.ls_extinction_coef                       ? 
_refine.ls_extinction_coef_esd                   ? 
_refine.ls_extinction_expression                 ? 
_refine.ls_extinction_method                     ? 
_refine.ls_goodness_of_fit_all                   ? 
_refine.ls_goodness_of_fit_all_esd               ? 
_refine.ls_goodness_of_fit_obs                   ? 
_refine.ls_goodness_of_fit_obs_esd               ? 
_refine.ls_hydrogen_treatment                    ? 
_refine.ls_matrix_type                           ? 
_refine.ls_number_constraints                    ? 
_refine.ls_number_parameters                     ? 
_refine.ls_number_reflns_all                     ? 
_refine.ls_number_reflns_obs                     16871 
_refine.ls_number_reflns_R_free                  910 
_refine.ls_number_reflns_R_work                  ? 
_refine.ls_number_restraints                     ? 
_refine.ls_percent_reflns_obs                    97.48 
_refine.ls_percent_reflns_R_free                 5.1 
_refine.ls_R_factor_all                          ? 
_refine.ls_R_factor_obs                          0.16475 
_refine.ls_R_factor_R_free                       0.19150 
_refine.ls_R_factor_R_free_error                 ? 
_refine.ls_R_factor_R_free_error_details         ? 
_refine.ls_R_factor_R_work                       0.16333 
_refine.ls_R_Fsqd_factor_obs                     ? 
_refine.ls_R_I_factor_obs                        ? 
_refine.ls_redundancy_reflns_all                 ? 
_refine.ls_redundancy_reflns_obs                 ? 
_refine.ls_restrained_S_all                      ? 
_refine.ls_restrained_S_obs                      ? 
_refine.ls_shift_over_esd_max                    ? 
_refine.ls_shift_over_esd_mean                   ? 
_refine.ls_structure_factor_coef                 ? 
_refine.ls_weighting_details                     ? 
_refine.ls_weighting_scheme                      ? 
_refine.ls_wR_factor_all                         ? 
_refine.ls_wR_factor_obs                         ? 
_refine.ls_wR_factor_R_free                      ? 
_refine.ls_wR_factor_R_work                      ? 
_refine.occupancy_max                            ? 
_refine.occupancy_min                            ? 
_refine.solvent_model_details                    MASK 
_refine.solvent_model_param_bsol                 ? 
_refine.solvent_model_param_ksol                 ? 
_refine.ls_R_factor_gt                           ? 
_refine.ls_goodness_of_fit_gt                    ? 
_refine.ls_goodness_of_fit_ref                   ? 
_refine.ls_shift_over_su_max                     ? 
_refine.ls_shift_over_su_max_lt                  ? 
_refine.ls_shift_over_su_mean                    ? 
_refine.ls_shift_over_su_mean_lt                 ? 
_refine.pdbx_ls_sigma_I                          ? 
_refine.pdbx_ls_sigma_F                          ? 
_refine.pdbx_ls_sigma_Fsqd                       ? 
_refine.pdbx_data_cutoff_high_absF               ? 
_refine.pdbx_data_cutoff_high_rms_absF           ? 
_refine.pdbx_data_cutoff_low_absF                ? 
_refine.pdbx_isotropic_thermal_model             ? 
_refine.pdbx_ls_cross_valid_method               THROUGHOUT 
_refine.pdbx_method_to_determine_struct          'MOLECULAR REPLACEMENT' 
_refine.pdbx_starting_model                      2bit 
_refine.pdbx_stereochemistry_target_values       'MAXIMUM LIKELIHOOD' 
_refine.pdbx_R_Free_selection_details            RANDOM 
_refine.pdbx_stereochem_target_val_spec_case     ? 
_refine.pdbx_overall_ESU_R                       0.108 
_refine.pdbx_overall_ESU_R_Free                  0.103 
_refine.pdbx_solvent_vdw_probe_radii             1.20 
_refine.pdbx_solvent_ion_probe_radii             0.80 
_refine.pdbx_solvent_shrinkage_radii             0.80 
_refine.pdbx_real_space_R                        ? 
_refine.pdbx_density_correlation                 ? 
_refine.pdbx_pd_number_of_powder_patterns        ? 
_refine.pdbx_pd_number_of_points                 ? 
_refine.pdbx_pd_meas_number_of_points            ? 
_refine.pdbx_pd_proc_ls_prof_R_factor            ? 
_refine.pdbx_pd_proc_ls_prof_wR_factor           ? 
_refine.pdbx_pd_Marquardt_correlation_coeff      ? 
_refine.pdbx_pd_Fsqrd_R_factor                   ? 
_refine.pdbx_pd_ls_matrix_band_width             ? 
_refine.pdbx_overall_phase_error                 ? 
_refine.pdbx_overall_SU_R_free_Cruickshank_DPI   ? 
_refine.pdbx_overall_SU_R_free_Blow_DPI          ? 
_refine.pdbx_overall_SU_R_Blow_DPI               ? 
_refine.pdbx_TLS_residual_ADP_flag               ? 
_refine.pdbx_diffrn_id                           1 
_refine.overall_SU_B                             1.831 
_refine.overall_SU_ML                            0.059 
_refine.overall_SU_R_Cruickshank_DPI             ? 
_refine.overall_SU_R_free                        ? 
_refine.overall_FOM_free_R_set                   ? 
_refine.overall_FOM_work_R_set                   ? 
_refine.pdbx_average_fsc_overall                 ? 
_refine.pdbx_average_fsc_work                    ? 
_refine.pdbx_average_fsc_free                    ? 
# 
_refine_hist.pdbx_refine_id                   'X-RAY DIFFRACTION' 
_refine_hist.cycle_id                         LAST 
_refine_hist.pdbx_number_atoms_protein        1240 
_refine_hist.pdbx_number_atoms_nucleic_acid   0 
_refine_hist.pdbx_number_atoms_ligand         50 
_refine_hist.number_atoms_solvent             134 
_refine_hist.number_atoms_total               1424 
_refine_hist.d_res_high                       1.80 
_refine_hist.d_res_low                        38.2 
# 
loop_
_refine_ls_restr.pdbx_refine_id 
_refine_ls_restr.criterion 
_refine_ls_restr.dev_ideal 
_refine_ls_restr.dev_ideal_target 
_refine_ls_restr.number 
_refine_ls_restr.rejects 
_refine_ls_restr.type 
_refine_ls_restr.weight 
_refine_ls_restr.pdbx_restraint_function 
'X-RAY DIFFRACTION' ? 0.021  0.019  1314 ? r_bond_refined_d             ? ? 
'X-RAY DIFFRACTION' ? 0.002  0.020  1258 ? r_bond_other_d               ? ? 
'X-RAY DIFFRACTION' ? 2.030  1.980  1758 ? r_angle_refined_deg          ? ? 
'X-RAY DIFFRACTION' ? 1.107  3.000  2904 ? r_angle_other_deg            ? ? 
'X-RAY DIFFRACTION' ? 6.484  5.000  163  ? r_dihedral_angle_1_deg       ? ? 
'X-RAY DIFFRACTION' ? 33.844 24.231 52   ? r_dihedral_angle_2_deg       ? ? 
'X-RAY DIFFRACTION' ? 13.853 15.000 213  ? r_dihedral_angle_3_deg       ? ? 
'X-RAY DIFFRACTION' ? 26.391 15.000 5    ? r_dihedral_angle_4_deg       ? ? 
'X-RAY DIFFRACTION' ? 0.133  0.200  186  ? r_chiral_restr               ? ? 
'X-RAY DIFFRACTION' ? 0.011  0.021  1482 ? r_gen_planes_refined         ? ? 
'X-RAY DIFFRACTION' ? 0.002  0.020  306  ? r_gen_planes_other           ? ? 
'X-RAY DIFFRACTION' ? ?      ?      ?    ? r_nbd_refined                ? ? 
'X-RAY DIFFRACTION' ? ?      ?      ?    ? r_nbd_other                  ? ? 
'X-RAY DIFFRACTION' ? ?      ?      ?    ? r_nbtor_refined              ? ? 
'X-RAY DIFFRACTION' ? ?      ?      ?    ? r_nbtor_other                ? ? 
'X-RAY DIFFRACTION' ? ?      ?      ?    ? r_xyhbond_nbd_refined        ? ? 
'X-RAY DIFFRACTION' ? ?      ?      ?    ? r_xyhbond_nbd_other          ? ? 
'X-RAY DIFFRACTION' ? ?      ?      ?    ? r_metal_ion_refined          ? ? 
'X-RAY DIFFRACTION' ? ?      ?      ?    ? r_metal_ion_other            ? ? 
'X-RAY DIFFRACTION' ? ?      ?      ?    ? r_symmetry_vdw_refined       ? ? 
'X-RAY DIFFRACTION' ? ?      ?      ?    ? r_symmetry_vdw_other         ? ? 
'X-RAY DIFFRACTION' ? ?      ?      ?    ? r_symmetry_hbond_refined     ? ? 
'X-RAY DIFFRACTION' ? ?      ?      ?    ? r_symmetry_hbond_other       ? ? 
'X-RAY DIFFRACTION' ? ?      ?      ?    ? r_symmetry_metal_ion_refined ? ? 
'X-RAY DIFFRACTION' ? ?      ?      ?    ? r_symmetry_metal_ion_other   ? ? 
'X-RAY DIFFRACTION' ? 1.156  1.155  655  ? r_mcbond_it                  ? ? 
'X-RAY DIFFRACTION' ? 1.155  1.158  656  ? r_mcbond_other               ? ? 
'X-RAY DIFFRACTION' ? 1.655  1.724  817  ? r_mcangle_it                 ? ? 
'X-RAY DIFFRACTION' ? 1.654  1.724  818  ? r_mcangle_other              ? ? 
'X-RAY DIFFRACTION' ? 2.095  1.420  659  ? r_scbond_it                  ? ? 
'X-RAY DIFFRACTION' ? 2.093  1.421  660  ? r_scbond_other               ? ? 
'X-RAY DIFFRACTION' ? ?      ?      ?    ? r_scangle_it                 ? ? 
'X-RAY DIFFRACTION' ? 3.022  2.001  942  ? r_scangle_other              ? ? 
'X-RAY DIFFRACTION' ? 4.963  10.435 1506 ? r_long_range_B_refined       ? ? 
'X-RAY DIFFRACTION' ? 4.962  10.449 1507 ? r_long_range_B_other         ? ? 
'X-RAY DIFFRACTION' ? ?      ?      ?    ? r_rigid_bond_restr           ? ? 
'X-RAY DIFFRACTION' ? ?      ?      ?    ? r_sphericity_free            ? ? 
'X-RAY DIFFRACTION' ? ?      ?      ?    ? r_sphericity_bonded          ? ? 
# 
_refine_ls_shell.pdbx_refine_id                   'X-RAY DIFFRACTION' 
_refine_ls_shell.d_res_high                       1.800 
_refine_ls_shell.d_res_low                        1.847 
_refine_ls_shell.number_reflns_all                ? 
_refine_ls_shell.number_reflns_obs                ? 
_refine_ls_shell.number_reflns_R_free             69 
_refine_ls_shell.number_reflns_R_work             1222 
_refine_ls_shell.percent_reflns_obs               99.00 
_refine_ls_shell.percent_reflns_R_free            ? 
_refine_ls_shell.R_factor_all                     ? 
_refine_ls_shell.R_factor_obs                     ? 
_refine_ls_shell.R_factor_R_free                  0.231 
_refine_ls_shell.R_factor_R_free_error            ? 
_refine_ls_shell.R_factor_R_work                  0.155 
_refine_ls_shell.redundancy_reflns_all            ? 
_refine_ls_shell.redundancy_reflns_obs            ? 
_refine_ls_shell.wR_factor_all                    ? 
_refine_ls_shell.wR_factor_obs                    ? 
_refine_ls_shell.wR_factor_R_free                 ? 
_refine_ls_shell.wR_factor_R_work                 ? 
_refine_ls_shell.pdbx_total_number_of_bins_used   20 
_refine_ls_shell.pdbx_phase_error                 ? 
_refine_ls_shell.pdbx_fsc_work                    ? 
_refine_ls_shell.pdbx_fsc_free                    ? 
# 
_struct.entry_id                     5CBV 
_struct.title                        'Human Cyclophilin D Complexed with Inhibitor' 
_struct.pdbx_model_details           ? 
_struct.pdbx_formula_weight          ? 
_struct.pdbx_formula_weight_method   ? 
_struct.pdbx_model_type_details      ? 
_struct.pdbx_CASP_flag               ? 
# 
_struct_keywords.entry_id        5CBV 
_struct_keywords.text            'cyclophilin, isomerase, complex, inhibitor' 
_struct_keywords.pdbx_keywords   ISOMERASE 
# 
loop_
_struct_asym.id 
_struct_asym.pdbx_blank_PDB_chainid_flag 
_struct_asym.pdbx_modified 
_struct_asym.entity_id 
_struct_asym.details 
A N N 1 ? 
B N N 2 ? 
C N N 3 ? 
D N N 4 ? 
E N N 5 ? 
F N N 6 ? 
G N N 7 ? 
# 
_struct_ref.id                         1 
_struct_ref.db_name                    UNP 
_struct_ref.db_code                    PPIF_HUMAN 
_struct_ref.pdbx_db_accession          P30405 
_struct_ref.pdbx_db_isoform            ? 
_struct_ref.entity_id                  1 
_struct_ref.pdbx_seq_one_letter_code   
;GNPLVYLDVDANGKPLGRVVLELKADVVPKTAENFRALCTGEKGFGYKGSTFHRVIPSFMCQAGDFTNHNGTGGKSIYGS
RFPDENFTLKHVGPGVLSMANAGPNTNGSQFFICTIKTDWLDGKHVVFGHVKEGMDVVKKIESFGSKSGRTSKKIVITDC
GQLS
;
_struct_ref.pdbx_align_begin           44 
# 
_struct_ref_seq.align_id                      1 
_struct_ref_seq.ref_id                        1 
_struct_ref_seq.pdbx_PDB_id_code              5CBV 
_struct_ref_seq.pdbx_strand_id                A 
_struct_ref_seq.seq_align_beg                 2 
_struct_ref_seq.pdbx_seq_align_beg_ins_code   ? 
_struct_ref_seq.seq_align_end                 165 
_struct_ref_seq.pdbx_seq_align_end_ins_code   ? 
_struct_ref_seq.pdbx_db_accession             P30405 
_struct_ref_seq.db_align_beg                  44 
_struct_ref_seq.pdbx_db_align_beg_ins_code    ? 
_struct_ref_seq.db_align_end                  207 
_struct_ref_seq.pdbx_db_align_end_ins_code    ? 
_struct_ref_seq.pdbx_auth_seq_align_beg       2 
_struct_ref_seq.pdbx_auth_seq_align_end       165 
# 
loop_
_struct_ref_seq_dif.align_id 
_struct_ref_seq_dif.pdbx_pdb_id_code 
_struct_ref_seq_dif.mon_id 
_struct_ref_seq_dif.pdbx_pdb_strand_id 
_struct_ref_seq_dif.seq_num 
_struct_ref_seq_dif.pdbx_pdb_ins_code 
_struct_ref_seq_dif.pdbx_seq_db_name 
_struct_ref_seq_dif.pdbx_seq_db_accession_code 
_struct_ref_seq_dif.db_mon_id 
_struct_ref_seq_dif.pdbx_seq_db_seq_num 
_struct_ref_seq_dif.details 
_struct_ref_seq_dif.pdbx_auth_seq_num 
_struct_ref_seq_dif.pdbx_ordinal 
1 5CBV MET A 1   ? UNP P30405 ?   ?   'initiating methionine' 1   1 
1 5CBV ILE A 133 ? UNP P30405 LYS 175 'engineered mutation'   133 2 
# 
_pdbx_struct_assembly.id                   1 
_pdbx_struct_assembly.details              software_defined_assembly 
_pdbx_struct_assembly.method_details       PISA 
_pdbx_struct_assembly.oligomeric_details   monomeric 
_pdbx_struct_assembly.oligomeric_count     1 
# 
loop_
_pdbx_struct_assembly_prop.biol_id 
_pdbx_struct_assembly_prop.type 
_pdbx_struct_assembly_prop.value 
_pdbx_struct_assembly_prop.details 
1 'ABSA (A^2)' 1010 ? 
1 MORE         6    ? 
1 'SSA (A^2)'  7120 ? 
# 
_pdbx_struct_assembly_gen.assembly_id       1 
_pdbx_struct_assembly_gen.oper_expression   1 
_pdbx_struct_assembly_gen.asym_id_list      A,B,C,D,E,F,G 
# 
_pdbx_struct_oper_list.id                   1 
_pdbx_struct_oper_list.type                 'identity operation' 
_pdbx_struct_oper_list.name                 1_555 
_pdbx_struct_oper_list.symmetry_operation   x,y,z 
_pdbx_struct_oper_list.matrix[1][1]         1.0000000000 
_pdbx_struct_oper_list.matrix[1][2]         0.0000000000 
_pdbx_struct_oper_list.matrix[1][3]         0.0000000000 
_pdbx_struct_oper_list.vector[1]            0.0000000000 
_pdbx_struct_oper_list.matrix[2][1]         0.0000000000 
_pdbx_struct_oper_list.matrix[2][2]         1.0000000000 
_pdbx_struct_oper_list.matrix[2][3]         0.0000000000 
_pdbx_struct_oper_list.vector[2]            0.0000000000 
_pdbx_struct_oper_list.matrix[3][1]         0.0000000000 
_pdbx_struct_oper_list.matrix[3][2]         0.0000000000 
_pdbx_struct_oper_list.matrix[3][3]         1.0000000000 
_pdbx_struct_oper_list.vector[3]            0.0000000000 
# 
loop_
_struct_conf.conf_type_id 
_struct_conf.id 
_struct_conf.pdbx_PDB_helix_id 
_struct_conf.beg_label_comp_id 
_struct_conf.beg_label_asym_id 
_struct_conf.beg_label_seq_id 
_struct_conf.pdbx_beg_PDB_ins_code 
_struct_conf.end_label_comp_id 
_struct_conf.end_label_asym_id 
_struct_conf.end_label_seq_id 
_struct_conf.pdbx_end_PDB_ins_code 
_struct_conf.beg_auth_comp_id 
_struct_conf.beg_auth_asym_id 
_struct_conf.beg_auth_seq_id 
_struct_conf.end_auth_comp_id 
_struct_conf.end_auth_asym_id 
_struct_conf.end_auth_seq_id 
_struct_conf.pdbx_PDB_helix_class 
_struct_conf.details 
_struct_conf.pdbx_PDB_helix_length 
HELX_P HELX_P1 AA1 VAL A 29  ? GLY A 42  ? VAL A 29  GLY A 42  1 ? 14 
HELX_P HELX_P2 AA2 THR A 119 ? ASP A 123 ? THR A 119 ASP A 123 5 ? 5  
HELX_P HELX_P3 AA3 GLY A 135 ? PHE A 145 ? GLY A 135 PHE A 145 1 ? 11 
# 
_struct_conf_type.id          HELX_P 
_struct_conf_type.criteria    ? 
_struct_conf_type.reference   ? 
# 
loop_
_struct_conn.id 
_struct_conn.conn_type_id 
_struct_conn.pdbx_leaving_atom_flag 
_struct_conn.pdbx_PDB_id 
_struct_conn.ptnr1_label_asym_id 
_struct_conn.ptnr1_label_comp_id 
_struct_conn.ptnr1_label_seq_id 
_struct_conn.ptnr1_label_atom_id 
_struct_conn.pdbx_ptnr1_label_alt_id 
_struct_conn.pdbx_ptnr1_PDB_ins_code 
_struct_conn.pdbx_ptnr1_standard_comp_id 
_struct_conn.ptnr1_symmetry 
_struct_conn.ptnr2_label_asym_id 
_struct_conn.ptnr2_label_comp_id 
_struct_conn.ptnr2_label_seq_id 
_struct_conn.ptnr2_label_atom_id 
_struct_conn.pdbx_ptnr2_label_alt_id 
_struct_conn.pdbx_ptnr2_PDB_ins_code 
_struct_conn.ptnr1_auth_asym_id 
_struct_conn.ptnr1_auth_comp_id 
_struct_conn.ptnr1_auth_seq_id 
_struct_conn.ptnr2_auth_asym_id 
_struct_conn.ptnr2_auth_comp_id 
_struct_conn.ptnr2_auth_seq_id 
_struct_conn.ptnr2_symmetry 
_struct_conn.pdbx_ptnr3_label_atom_id 
_struct_conn.pdbx_ptnr3_label_seq_id 
_struct_conn.pdbx_ptnr3_label_comp_id 
_struct_conn.pdbx_ptnr3_label_asym_id 
_struct_conn.pdbx_ptnr3_label_alt_id 
_struct_conn.pdbx_ptnr3_PDB_ins_code 
_struct_conn.details 
_struct_conn.pdbx_dist_value 
_struct_conn.pdbx_value_order 
_struct_conn.pdbx_role 
metalc1 metalc ? ? B K . K ? ? ? 1_555 E PGE . O4 ? ? A K 201 A PGE 204 1_555 ? ? ? ? ? ? ? 3.156 ? ? 
metalc2 metalc ? ? B K . K ? ? ? 1_555 E PGE . O1 ? ? A K 201 A PGE 204 1_555 ? ? ? ? ? ? ? 3.252 ? ? 
metalc3 metalc ? ? B K . K ? ? ? 1_555 E PGE . O2 ? ? A K 201 A PGE 204 1_555 ? ? ? ? ? ? ? 2.713 ? ? 
metalc4 metalc ? ? B K . K ? ? ? 1_555 E PGE . O3 ? ? A K 201 A PGE 204 1_555 ? ? ? ? ? ? ? 2.818 ? ? 
metalc5 metalc ? ? B K . K ? ? ? 1_555 E PGE . O1 ? ? A K 201 A PGE 204 7_555 ? ? ? ? ? ? ? 3.252 ? ? 
metalc6 metalc ? ? B K . K ? ? ? 1_555 E PGE . O2 ? ? A K 201 A PGE 204 7_555 ? ? ? ? ? ? ? 2.713 ? ? 
metalc7 metalc ? ? B K . K ? ? ? 1_555 E PGE . O3 ? ? A K 201 A PGE 204 7_555 ? ? ? ? ? ? ? 2.818 ? ? 
metalc8 metalc ? ? B K . K ? ? ? 1_555 E PGE . O4 ? ? A K 201 A PGE 204 7_555 ? ? ? ? ? ? ? 3.156 ? ? 
# 
_struct_conn_type.id          metalc 
_struct_conn_type.criteria    ? 
_struct_conn_type.reference   ? 
# 
loop_
_pdbx_struct_conn_angle.id 
_pdbx_struct_conn_angle.ptnr1_label_atom_id 
_pdbx_struct_conn_angle.ptnr1_label_alt_id 
_pdbx_struct_conn_angle.ptnr1_label_asym_id 
_pdbx_struct_conn_angle.ptnr1_label_comp_id 
_pdbx_struct_conn_angle.ptnr1_label_seq_id 
_pdbx_struct_conn_angle.ptnr1_auth_atom_id 
_pdbx_struct_conn_angle.ptnr1_auth_asym_id 
_pdbx_struct_conn_angle.ptnr1_auth_comp_id 
_pdbx_struct_conn_angle.ptnr1_auth_seq_id 
_pdbx_struct_conn_angle.ptnr1_PDB_ins_code 
_pdbx_struct_conn_angle.ptnr1_symmetry 
_pdbx_struct_conn_angle.ptnr2_label_atom_id 
_pdbx_struct_conn_angle.ptnr2_label_alt_id 
_pdbx_struct_conn_angle.ptnr2_label_asym_id 
_pdbx_struct_conn_angle.ptnr2_label_comp_id 
_pdbx_struct_conn_angle.ptnr2_label_seq_id 
_pdbx_struct_conn_angle.ptnr2_auth_atom_id 
_pdbx_struct_conn_angle.ptnr2_auth_asym_id 
_pdbx_struct_conn_angle.ptnr2_auth_comp_id 
_pdbx_struct_conn_angle.ptnr2_auth_seq_id 
_pdbx_struct_conn_angle.ptnr2_PDB_ins_code 
_pdbx_struct_conn_angle.ptnr2_symmetry 
_pdbx_struct_conn_angle.ptnr3_label_atom_id 
_pdbx_struct_conn_angle.ptnr3_label_alt_id 
_pdbx_struct_conn_angle.ptnr3_label_asym_id 
_pdbx_struct_conn_angle.ptnr3_label_comp_id 
_pdbx_struct_conn_angle.ptnr3_label_seq_id 
_pdbx_struct_conn_angle.ptnr3_auth_atom_id 
_pdbx_struct_conn_angle.ptnr3_auth_asym_id 
_pdbx_struct_conn_angle.ptnr3_auth_comp_id 
_pdbx_struct_conn_angle.ptnr3_auth_seq_id 
_pdbx_struct_conn_angle.ptnr3_PDB_ins_code 
_pdbx_struct_conn_angle.ptnr3_symmetry 
_pdbx_struct_conn_angle.value 
_pdbx_struct_conn_angle.value_esd 
1  O4 ? E PGE . ? A PGE 204 ? 1_555 K ? B K . ? A K 201 ? 1_555 O1 ? E PGE . ? A PGE 204 ? 1_555 128.6 ? 
2  O4 ? E PGE . ? A PGE 204 ? 1_555 K ? B K . ? A K 201 ? 1_555 O2 ? E PGE . ? A PGE 204 ? 1_555 117.7 ? 
3  O1 ? E PGE . ? A PGE 204 ? 1_555 K ? B K . ? A K 201 ? 1_555 O2 ? E PGE . ? A PGE 204 ? 1_555 62.4  ? 
4  O4 ? E PGE . ? A PGE 204 ? 1_555 K ? B K . ? A K 201 ? 1_555 O3 ? E PGE . ? A PGE 204 ? 1_555 56.5  ? 
5  O1 ? E PGE . ? A PGE 204 ? 1_555 K ? B K . ? A K 201 ? 1_555 O3 ? E PGE . ? A PGE 204 ? 1_555 98.2  ? 
6  O2 ? E PGE . ? A PGE 204 ? 1_555 K ? B K . ? A K 201 ? 1_555 O3 ? E PGE . ? A PGE 204 ? 1_555 61.3  ? 
7  O4 ? E PGE . ? A PGE 204 ? 1_555 K ? B K . ? A K 201 ? 1_555 O1 ? E PGE . ? A PGE 204 ? 7_555 96.6  ? 
8  O1 ? E PGE . ? A PGE 204 ? 1_555 K ? B K . ? A K 201 ? 1_555 O1 ? E PGE . ? A PGE 204 ? 7_555 38.1  ? 
9  O2 ? E PGE . ? A PGE 204 ? 1_555 K ? B K . ? A K 201 ? 1_555 O1 ? E PGE . ? A PGE 204 ? 7_555 94.3  ? 
10 O3 ? E PGE . ? A PGE 204 ? 1_555 K ? B K . ? A K 201 ? 1_555 O1 ? E PGE . ? A PGE 204 ? 7_555 97.5  ? 
11 O4 ? E PGE . ? A PGE 204 ? 1_555 K ? B K . ? A K 201 ? 1_555 O2 ? E PGE . ? A PGE 204 ? 7_555 72.3  ? 
12 O1 ? E PGE . ? A PGE 204 ? 1_555 K ? B K . ? A K 201 ? 1_555 O2 ? E PGE . ? A PGE 204 ? 7_555 94.3  ? 
13 O2 ? E PGE . ? A PGE 204 ? 1_555 K ? B K . ? A K 201 ? 1_555 O2 ? E PGE . ? A PGE 204 ? 7_555 156.3 ? 
14 O3 ? E PGE . ? A PGE 204 ? 1_555 K ? B K . ? A K 201 ? 1_555 O2 ? E PGE . ? A PGE 204 ? 7_555 122.6 ? 
15 O1 ? E PGE . ? A PGE 204 ? 7_555 K ? B K . ? A K 201 ? 1_555 O2 ? E PGE . ? A PGE 204 ? 7_555 62.4  ? 
16 O4 ? E PGE . ? A PGE 204 ? 1_555 K ? B K . ? A K 201 ? 1_555 O3 ? E PGE . ? A PGE 204 ? 7_555 116.1 ? 
17 O1 ? E PGE . ? A PGE 204 ? 1_555 K ? B K . ? A K 201 ? 1_555 O3 ? E PGE . ? A PGE 204 ? 7_555 97.5  ? 
18 O2 ? E PGE . ? A PGE 204 ? 1_555 K ? B K . ? A K 201 ? 1_555 O3 ? E PGE . ? A PGE 204 ? 7_555 122.6 ? 
19 O3 ? E PGE . ? A PGE 204 ? 1_555 K ? B K . ? A K 201 ? 1_555 O3 ? E PGE . ? A PGE 204 ? 7_555 163.4 ? 
20 O1 ? E PGE . ? A PGE 204 ? 7_555 K ? B K . ? A K 201 ? 1_555 O3 ? E PGE . ? A PGE 204 ? 7_555 98.2  ? 
21 O2 ? E PGE . ? A PGE 204 ? 7_555 K ? B K . ? A K 201 ? 1_555 O3 ? E PGE . ? A PGE 204 ? 7_555 61.3  ? 
22 O4 ? E PGE . ? A PGE 204 ? 1_555 K ? B K . ? A K 201 ? 1_555 O4 ? E PGE . ? A PGE 204 ? 7_555 134.0 ? 
23 O1 ? E PGE . ? A PGE 204 ? 1_555 K ? B K . ? A K 201 ? 1_555 O4 ? E PGE . ? A PGE 204 ? 7_555 96.6  ? 
24 O2 ? E PGE . ? A PGE 204 ? 1_555 K ? B K . ? A K 201 ? 1_555 O4 ? E PGE . ? A PGE 204 ? 7_555 72.3  ? 
25 O3 ? E PGE . ? A PGE 204 ? 1_555 K ? B K . ? A K 201 ? 1_555 O4 ? E PGE . ? A PGE 204 ? 7_555 116.1 ? 
26 O1 ? E PGE . ? A PGE 204 ? 7_555 K ? B K . ? A K 201 ? 1_555 O4 ? E PGE . ? A PGE 204 ? 7_555 128.6 ? 
27 O2 ? E PGE . ? A PGE 204 ? 7_555 K ? B K . ? A K 201 ? 1_555 O4 ? E PGE . ? A PGE 204 ? 7_555 117.7 ? 
28 O3 ? E PGE . ? A PGE 204 ? 7_555 K ? B K . ? A K 201 ? 1_555 O4 ? E PGE . ? A PGE 204 ? 7_555 56.5  ? 
# 
_struct_sheet.id               AA1 
_struct_sheet.type             ? 
_struct_sheet.number_strands   8 
_struct_sheet.details          ? 
# 
loop_
_struct_sheet_order.sheet_id 
_struct_sheet_order.range_id_1 
_struct_sheet_order.range_id_2 
_struct_sheet_order.offset 
_struct_sheet_order.sense 
AA1 1 2 ? anti-parallel 
AA1 2 3 ? anti-parallel 
AA1 3 4 ? anti-parallel 
AA1 4 5 ? anti-parallel 
AA1 5 6 ? anti-parallel 
AA1 6 7 ? anti-parallel 
AA1 7 8 ? anti-parallel 
# 
loop_
_struct_sheet_range.sheet_id 
_struct_sheet_range.id 
_struct_sheet_range.beg_label_comp_id 
_struct_sheet_range.beg_label_asym_id 
_struct_sheet_range.beg_label_seq_id 
_struct_sheet_range.pdbx_beg_PDB_ins_code 
_struct_sheet_range.end_label_comp_id 
_struct_sheet_range.end_label_asym_id 
_struct_sheet_range.end_label_seq_id 
_struct_sheet_range.pdbx_end_PDB_ins_code 
_struct_sheet_range.beg_auth_comp_id 
_struct_sheet_range.beg_auth_asym_id 
_struct_sheet_range.beg_auth_seq_id 
_struct_sheet_range.end_auth_comp_id 
_struct_sheet_range.end_auth_asym_id 
_struct_sheet_range.end_auth_seq_id 
AA1 1 PHE A 53  ? ILE A 57  ? PHE A 53  ILE A 57  
AA1 2 MET A 61  ? ALA A 64  ? MET A 61  ALA A 64  
AA1 3 PHE A 112 ? CYS A 115 ? PHE A 112 CYS A 115 
AA1 4 VAL A 97  ? MET A 100 ? VAL A 97  MET A 100 
AA1 5 VAL A 128 ? GLU A 134 ? VAL A 128 GLU A 134 
AA1 6 LYS A 15  ? LEU A 24  ? LYS A 15  LEU A 24  
AA1 7 LEU A 5   ? ALA A 12  ? LEU A 5   ALA A 12  
AA1 8 ILE A 156 ? GLN A 163 ? ILE A 156 GLN A 163 
# 
loop_
_pdbx_struct_sheet_hbond.sheet_id 
_pdbx_struct_sheet_hbond.range_id_1 
_pdbx_struct_sheet_hbond.range_id_2 
_pdbx_struct_sheet_hbond.range_1_label_atom_id 
_pdbx_struct_sheet_hbond.range_1_label_comp_id 
_pdbx_struct_sheet_hbond.range_1_label_asym_id 
_pdbx_struct_sheet_hbond.range_1_label_seq_id 
_pdbx_struct_sheet_hbond.range_1_PDB_ins_code 
_pdbx_struct_sheet_hbond.range_1_auth_atom_id 
_pdbx_struct_sheet_hbond.range_1_auth_comp_id 
_pdbx_struct_sheet_hbond.range_1_auth_asym_id 
_pdbx_struct_sheet_hbond.range_1_auth_seq_id 
_pdbx_struct_sheet_hbond.range_2_label_atom_id 
_pdbx_struct_sheet_hbond.range_2_label_comp_id 
_pdbx_struct_sheet_hbond.range_2_label_asym_id 
_pdbx_struct_sheet_hbond.range_2_label_seq_id 
_pdbx_struct_sheet_hbond.range_2_PDB_ins_code 
_pdbx_struct_sheet_hbond.range_2_auth_atom_id 
_pdbx_struct_sheet_hbond.range_2_auth_comp_id 
_pdbx_struct_sheet_hbond.range_2_auth_asym_id 
_pdbx_struct_sheet_hbond.range_2_auth_seq_id 
AA1 1 2 N ARG A 55  ? N ARG A 55  O GLN A 63  ? O GLN A 63  
AA1 2 3 N ALA A 64  ? N ALA A 64  O PHE A 112 ? O PHE A 112 
AA1 3 4 O PHE A 113 ? O PHE A 113 N SER A 99  ? N SER A 99  
AA1 4 5 N LEU A 98  ? N LEU A 98  O PHE A 129 ? O PHE A 129 
AA1 5 6 O ILE A 133 ? O ILE A 133 N VAL A 21  ? N VAL A 21  
AA1 6 7 O LEU A 17  ? O LEU A 17  N VAL A 10  ? N VAL A 10  
AA1 7 8 N ASP A 9   ? N ASP A 9   O ASP A 160 ? O ASP A 160 
# 
loop_
_struct_site.id 
_struct_site.pdbx_evidence_code 
_struct_site.pdbx_auth_asym_id 
_struct_site.pdbx_auth_comp_id 
_struct_site.pdbx_auth_seq_id 
_struct_site.pdbx_auth_ins_code 
_struct_site.pdbx_num_residues 
_struct_site.details 
AC1 Software A K   201 ? 2  'binding site for residue K A 201'   
AC2 Software A FMT 202 ? 7  'binding site for residue FMT A 202' 
AC3 Software A PG4 203 ? 4  'binding site for residue PG4 A 203' 
AC4 Software A PGE 204 ? 6  'binding site for residue PGE A 204' 
AC5 Software A 4ZP 205 ? 11 'binding site for residue 4ZP A 205' 
# 
loop_
_struct_site_gen.id 
_struct_site_gen.site_id 
_struct_site_gen.pdbx_num_res 
_struct_site_gen.label_comp_id 
_struct_site_gen.label_asym_id 
_struct_site_gen.label_seq_id 
_struct_site_gen.pdbx_auth_ins_code 
_struct_site_gen.auth_comp_id 
_struct_site_gen.auth_asym_id 
_struct_site_gen.auth_seq_id 
_struct_site_gen.label_atom_id 
_struct_site_gen.label_alt_id 
_struct_site_gen.symmetry 
_struct_site_gen.details 
1  AC1 2  PGE E .   ? PGE A 204 . ? 7_555 ? 
2  AC1 2  PGE E .   ? PGE A 204 . ? 1_555 ? 
3  AC2 7  CYS A 40  ? CYS A 40  . ? 1_555 ? 
4  AC2 7  THR A 41  ? THR A 41  . ? 1_555 ? 
5  AC2 7  LYS A 49  ? LYS A 49  . ? 1_555 ? 
6  AC2 7  CYS A 161 ? CYS A 161 . ? 1_555 ? 
7  AC2 7  HOH G .   ? HOH A 312 . ? 1_555 ? 
8  AC2 7  HOH G .   ? HOH A 323 . ? 1_555 ? 
9  AC2 7  HOH G .   ? HOH A 334 . ? 1_555 ? 
10 AC3 4  VAL A 93  ? VAL A 93  . ? 1_555 ? 
11 AC3 4  PRO A 95  ? PRO A 95  . ? 1_555 ? 
12 AC3 4  HIS A 131 ? HIS A 131 . ? 1_555 ? 
13 AC3 4  HOH G .   ? HOH A 365 . ? 1_555 ? 
14 AC4 6  PRO A 58  ? PRO A 58  . ? 1_555 ? 
15 AC4 6  SER A 59  ? SER A 59  . ? 1_555 ? 
16 AC4 6  TRP A 121 ? TRP A 121 . ? 1_555 ? 
17 AC4 6  LYS A 148 ? LYS A 148 . ? 7_555 ? 
18 AC4 6  K   B .   ? K   A 201 . ? 7_555 ? 
19 AC4 6  K   B .   ? K   A 201 . ? 1_555 ? 
20 AC5 11 ARG A 55  ? ARG A 55  . ? 1_555 ? 
21 AC5 11 GLN A 63  ? GLN A 63  . ? 1_555 ? 
22 AC5 11 GLY A 72  ? GLY A 72  . ? 1_555 ? 
23 AC5 11 THR A 73  ? THR A 73  . ? 1_555 ? 
24 AC5 11 ARG A 82  ? ARG A 82  . ? 1_555 ? 
25 AC5 11 ALA A 101 ? ALA A 101 . ? 1_555 ? 
26 AC5 11 ASN A 102 ? ASN A 102 . ? 1_555 ? 
27 AC5 11 GLN A 111 ? GLN A 111 . ? 1_555 ? 
28 AC5 11 PHE A 113 ? PHE A 113 . ? 1_555 ? 
29 AC5 11 HIS A 126 ? HIS A 126 . ? 1_555 ? 
30 AC5 11 HOH G .   ? HOH A 399 . ? 1_555 ? 
# 
loop_
_pdbx_validate_symm_contact.id 
_pdbx_validate_symm_contact.PDB_model_num 
_pdbx_validate_symm_contact.auth_atom_id_1 
_pdbx_validate_symm_contact.auth_asym_id_1 
_pdbx_validate_symm_contact.auth_comp_id_1 
_pdbx_validate_symm_contact.auth_seq_id_1 
_pdbx_validate_symm_contact.PDB_ins_code_1 
_pdbx_validate_symm_contact.label_alt_id_1 
_pdbx_validate_symm_contact.site_symmetry_1 
_pdbx_validate_symm_contact.auth_atom_id_2 
_pdbx_validate_symm_contact.auth_asym_id_2 
_pdbx_validate_symm_contact.auth_comp_id_2 
_pdbx_validate_symm_contact.auth_seq_id_2 
_pdbx_validate_symm_contact.PDB_ins_code_2 
_pdbx_validate_symm_contact.label_alt_id_2 
_pdbx_validate_symm_contact.site_symmetry_2 
_pdbx_validate_symm_contact.dist 
1 1 O  A HOH 363 ? ? 1_555 O  A HOH 390 ? ? 3_444 1.92 
2 1 O1 A PGE 204 ? ? 1_555 O1 A PGE 204 ? ? 7_555 2.12 
# 
loop_
_pdbx_validate_rmsd_angle.id 
_pdbx_validate_rmsd_angle.PDB_model_num 
_pdbx_validate_rmsd_angle.auth_atom_id_1 
_pdbx_validate_rmsd_angle.auth_asym_id_1 
_pdbx_validate_rmsd_angle.auth_comp_id_1 
_pdbx_validate_rmsd_angle.auth_seq_id_1 
_pdbx_validate_rmsd_angle.PDB_ins_code_1 
_pdbx_validate_rmsd_angle.label_alt_id_1 
_pdbx_validate_rmsd_angle.auth_atom_id_2 
_pdbx_validate_rmsd_angle.auth_asym_id_2 
_pdbx_validate_rmsd_angle.auth_comp_id_2 
_pdbx_validate_rmsd_angle.auth_seq_id_2 
_pdbx_validate_rmsd_angle.PDB_ins_code_2 
_pdbx_validate_rmsd_angle.label_alt_id_2 
_pdbx_validate_rmsd_angle.auth_atom_id_3 
_pdbx_validate_rmsd_angle.auth_asym_id_3 
_pdbx_validate_rmsd_angle.auth_comp_id_3 
_pdbx_validate_rmsd_angle.auth_seq_id_3 
_pdbx_validate_rmsd_angle.PDB_ins_code_3 
_pdbx_validate_rmsd_angle.label_alt_id_3 
_pdbx_validate_rmsd_angle.angle_value 
_pdbx_validate_rmsd_angle.angle_target_value 
_pdbx_validate_rmsd_angle.angle_deviation 
_pdbx_validate_rmsd_angle.angle_standard_deviation 
_pdbx_validate_rmsd_angle.linker_flag 
1 1 NE A ARG 37  ? ? CZ A ARG 37  ? ? NH1 A ARG 37  ? ? 124.91 120.30 4.61  0.50 N 
2 1 NE A ARG 151 ? ? CZ A ARG 151 ? ? NH2 A ARG 151 ? ? 115.89 120.30 -4.41 0.50 N 
# 
loop_
_pdbx_validate_torsion.id 
_pdbx_validate_torsion.PDB_model_num 
_pdbx_validate_torsion.auth_comp_id 
_pdbx_validate_torsion.auth_asym_id 
_pdbx_validate_torsion.auth_seq_id 
_pdbx_validate_torsion.PDB_ins_code 
_pdbx_validate_torsion.label_alt_id 
_pdbx_validate_torsion.phi 
_pdbx_validate_torsion.psi 
1 1 PHE A 60  ? ? -144.32 -75.55 
2 1 ASN A 71  ? ? -154.58 9.36   
3 1 THR A 119 ? ? -117.40 52.64  
4 1 PHE A 129 ? ? -140.37 13.16  
# 
_pdbx_struct_special_symmetry.id              1 
_pdbx_struct_special_symmetry.PDB_model_num   1 
_pdbx_struct_special_symmetry.auth_asym_id    A 
_pdbx_struct_special_symmetry.auth_comp_id    K 
_pdbx_struct_special_symmetry.auth_seq_id     201 
_pdbx_struct_special_symmetry.PDB_ins_code    ? 
_pdbx_struct_special_symmetry.label_asym_id   B 
_pdbx_struct_special_symmetry.label_comp_id   K 
_pdbx_struct_special_symmetry.label_seq_id    . 
# 
_pdbx_unobs_or_zero_occ_residues.id               1 
_pdbx_unobs_or_zero_occ_residues.PDB_model_num    1 
_pdbx_unobs_or_zero_occ_residues.polymer_flag     Y 
_pdbx_unobs_or_zero_occ_residues.occupancy_flag   1 
_pdbx_unobs_or_zero_occ_residues.auth_asym_id     A 
_pdbx_unobs_or_zero_occ_residues.auth_comp_id     MET 
_pdbx_unobs_or_zero_occ_residues.auth_seq_id      1 
_pdbx_unobs_or_zero_occ_residues.PDB_ins_code     ? 
_pdbx_unobs_or_zero_occ_residues.label_asym_id    A 
_pdbx_unobs_or_zero_occ_residues.label_comp_id    MET 
_pdbx_unobs_or_zero_occ_residues.label_seq_id     1 
# 
loop_
_chem_comp_atom.comp_id 
_chem_comp_atom.atom_id 
_chem_comp_atom.type_symbol 
_chem_comp_atom.pdbx_aromatic_flag 
_chem_comp_atom.pdbx_stereo_config 
_chem_comp_atom.pdbx_ordinal 
4ZP C1   C N N 1   
4ZP C2   C Y N 2   
4ZP C3   C Y N 3   
4ZP C4   C Y N 4   
4ZP C5   C Y N 5   
4ZP C6   C Y N 6   
4ZP C7   C Y N 7   
4ZP C8   C Y N 8   
4ZP C9   C Y N 9   
4ZP C11  C Y N 10  
4ZP N10  N Y N 11  
4ZP C12  C Y N 12  
4ZP C13  C Y N 13  
4ZP N14  N N N 14  
4ZP C15  C N N 15  
4ZP N16  N N N 16  
4ZP C17  C N N 17  
4ZP C18  C N N 18  
4ZP O19  O N N 19  
4ZP O20  O N N 20  
4ZP O21  O N N 21  
4ZP C22  C N N 22  
4ZP C23  C N N 23  
4ZP H1   H N N 24  
4ZP H2   H N N 25  
4ZP H3   H N N 26  
4ZP H4   H N N 27  
4ZP H5   H N N 28  
4ZP H6   H N N 29  
4ZP H7   H N N 30  
4ZP H8   H N N 31  
4ZP H9   H N N 32  
4ZP H10  H N N 33  
4ZP H11  H N N 34  
4ZP H12  H N N 35  
4ZP H13  H N N 36  
4ZP H14  H N N 37  
4ZP H15  H N N 38  
4ZP H16  H N N 39  
4ZP H17  H N N 40  
4ZP H18  H N N 41  
4ZP H19  H N N 42  
ALA N    N N N 43  
ALA CA   C N S 44  
ALA C    C N N 45  
ALA O    O N N 46  
ALA CB   C N N 47  
ALA OXT  O N N 48  
ALA H    H N N 49  
ALA H2   H N N 50  
ALA HA   H N N 51  
ALA HB1  H N N 52  
ALA HB2  H N N 53  
ALA HB3  H N N 54  
ALA HXT  H N N 55  
ARG N    N N N 56  
ARG CA   C N S 57  
ARG C    C N N 58  
ARG O    O N N 59  
ARG CB   C N N 60  
ARG CG   C N N 61  
ARG CD   C N N 62  
ARG NE   N N N 63  
ARG CZ   C N N 64  
ARG NH1  N N N 65  
ARG NH2  N N N 66  
ARG OXT  O N N 67  
ARG H    H N N 68  
ARG H2   H N N 69  
ARG HA   H N N 70  
ARG HB2  H N N 71  
ARG HB3  H N N 72  
ARG HG2  H N N 73  
ARG HG3  H N N 74  
ARG HD2  H N N 75  
ARG HD3  H N N 76  
ARG HE   H N N 77  
ARG HH11 H N N 78  
ARG HH12 H N N 79  
ARG HH21 H N N 80  
ARG HH22 H N N 81  
ARG HXT  H N N 82  
ASN N    N N N 83  
ASN CA   C N S 84  
ASN C    C N N 85  
ASN O    O N N 86  
ASN CB   C N N 87  
ASN CG   C N N 88  
ASN OD1  O N N 89  
ASN ND2  N N N 90  
ASN OXT  O N N 91  
ASN H    H N N 92  
ASN H2   H N N 93  
ASN HA   H N N 94  
ASN HB2  H N N 95  
ASN HB3  H N N 96  
ASN HD21 H N N 97  
ASN HD22 H N N 98  
ASN HXT  H N N 99  
ASP N    N N N 100 
ASP CA   C N S 101 
ASP C    C N N 102 
ASP O    O N N 103 
ASP CB   C N N 104 
ASP CG   C N N 105 
ASP OD1  O N N 106 
ASP OD2  O N N 107 
ASP OXT  O N N 108 
ASP H    H N N 109 
ASP H2   H N N 110 
ASP HA   H N N 111 
ASP HB2  H N N 112 
ASP HB3  H N N 113 
ASP HD2  H N N 114 
ASP HXT  H N N 115 
CYS N    N N N 116 
CYS CA   C N R 117 
CYS C    C N N 118 
CYS O    O N N 119 
CYS CB   C N N 120 
CYS SG   S N N 121 
CYS OXT  O N N 122 
CYS H    H N N 123 
CYS H2   H N N 124 
CYS HA   H N N 125 
CYS HB2  H N N 126 
CYS HB3  H N N 127 
CYS HG   H N N 128 
CYS HXT  H N N 129 
FMT C    C N N 130 
FMT O1   O N N 131 
FMT O2   O N N 132 
FMT H    H N N 133 
FMT HO2  H N N 134 
GLN N    N N N 135 
GLN CA   C N S 136 
GLN C    C N N 137 
GLN O    O N N 138 
GLN CB   C N N 139 
GLN CG   C N N 140 
GLN CD   C N N 141 
GLN OE1  O N N 142 
GLN NE2  N N N 143 
GLN OXT  O N N 144 
GLN H    H N N 145 
GLN H2   H N N 146 
GLN HA   H N N 147 
GLN HB2  H N N 148 
GLN HB3  H N N 149 
GLN HG2  H N N 150 
GLN HG3  H N N 151 
GLN HE21 H N N 152 
GLN HE22 H N N 153 
GLN HXT  H N N 154 
GLU N    N N N 155 
GLU CA   C N S 156 
GLU C    C N N 157 
GLU O    O N N 158 
GLU CB   C N N 159 
GLU CG   C N N 160 
GLU CD   C N N 161 
GLU OE1  O N N 162 
GLU OE2  O N N 163 
GLU OXT  O N N 164 
GLU H    H N N 165 
GLU H2   H N N 166 
GLU HA   H N N 167 
GLU HB2  H N N 168 
GLU HB3  H N N 169 
GLU HG2  H N N 170 
GLU HG3  H N N 171 
GLU HE2  H N N 172 
GLU HXT  H N N 173 
GLY N    N N N 174 
GLY CA   C N N 175 
GLY C    C N N 176 
GLY O    O N N 177 
GLY OXT  O N N 178 
GLY H    H N N 179 
GLY H2   H N N 180 
GLY HA2  H N N 181 
GLY HA3  H N N 182 
GLY HXT  H N N 183 
HIS N    N N N 184 
HIS CA   C N S 185 
HIS C    C N N 186 
HIS O    O N N 187 
HIS CB   C N N 188 
HIS CG   C Y N 189 
HIS ND1  N Y N 190 
HIS CD2  C Y N 191 
HIS CE1  C Y N 192 
HIS NE2  N Y N 193 
HIS OXT  O N N 194 
HIS H    H N N 195 
HIS H2   H N N 196 
HIS HA   H N N 197 
HIS HB2  H N N 198 
HIS HB3  H N N 199 
HIS HD1  H N N 200 
HIS HD2  H N N 201 
HIS HE1  H N N 202 
HIS HE2  H N N 203 
HIS HXT  H N N 204 
HOH O    O N N 205 
HOH H1   H N N 206 
HOH H2   H N N 207 
ILE N    N N N 208 
ILE CA   C N S 209 
ILE C    C N N 210 
ILE O    O N N 211 
ILE CB   C N S 212 
ILE CG1  C N N 213 
ILE CG2  C N N 214 
ILE CD1  C N N 215 
ILE OXT  O N N 216 
ILE H    H N N 217 
ILE H2   H N N 218 
ILE HA   H N N 219 
ILE HB   H N N 220 
ILE HG12 H N N 221 
ILE HG13 H N N 222 
ILE HG21 H N N 223 
ILE HG22 H N N 224 
ILE HG23 H N N 225 
ILE HD11 H N N 226 
ILE HD12 H N N 227 
ILE HD13 H N N 228 
ILE HXT  H N N 229 
K   K    K N N 230 
LEU N    N N N 231 
LEU CA   C N S 232 
LEU C    C N N 233 
LEU O    O N N 234 
LEU CB   C N N 235 
LEU CG   C N N 236 
LEU CD1  C N N 237 
LEU CD2  C N N 238 
LEU OXT  O N N 239 
LEU H    H N N 240 
LEU H2   H N N 241 
LEU HA   H N N 242 
LEU HB2  H N N 243 
LEU HB3  H N N 244 
LEU HG   H N N 245 
LEU HD11 H N N 246 
LEU HD12 H N N 247 
LEU HD13 H N N 248 
LEU HD21 H N N 249 
LEU HD22 H N N 250 
LEU HD23 H N N 251 
LEU HXT  H N N 252 
LYS N    N N N 253 
LYS CA   C N S 254 
LYS C    C N N 255 
LYS O    O N N 256 
LYS CB   C N N 257 
LYS CG   C N N 258 
LYS CD   C N N 259 
LYS CE   C N N 260 
LYS NZ   N N N 261 
LYS OXT  O N N 262 
LYS H    H N N 263 
LYS H2   H N N 264 
LYS HA   H N N 265 
LYS HB2  H N N 266 
LYS HB3  H N N 267 
LYS HG2  H N N 268 
LYS HG3  H N N 269 
LYS HD2  H N N 270 
LYS HD3  H N N 271 
LYS HE2  H N N 272 
LYS HE3  H N N 273 
LYS HZ1  H N N 274 
LYS HZ2  H N N 275 
LYS HZ3  H N N 276 
LYS HXT  H N N 277 
MET N    N N N 278 
MET CA   C N S 279 
MET C    C N N 280 
MET O    O N N 281 
MET CB   C N N 282 
MET CG   C N N 283 
MET SD   S N N 284 
MET CE   C N N 285 
MET OXT  O N N 286 
MET H    H N N 287 
MET H2   H N N 288 
MET HA   H N N 289 
MET HB2  H N N 290 
MET HB3  H N N 291 
MET HG2  H N N 292 
MET HG3  H N N 293 
MET HE1  H N N 294 
MET HE2  H N N 295 
MET HE3  H N N 296 
MET HXT  H N N 297 
PG4 O1   O N N 298 
PG4 C1   C N N 299 
PG4 C2   C N N 300 
PG4 O2   O N N 301 
PG4 C3   C N N 302 
PG4 C4   C N N 303 
PG4 O3   O N N 304 
PG4 C5   C N N 305 
PG4 C6   C N N 306 
PG4 O4   O N N 307 
PG4 C7   C N N 308 
PG4 C8   C N N 309 
PG4 O5   O N N 310 
PG4 HO1  H N N 311 
PG4 H11  H N N 312 
PG4 H12  H N N 313 
PG4 H21  H N N 314 
PG4 H22  H N N 315 
PG4 H31  H N N 316 
PG4 H32  H N N 317 
PG4 H41  H N N 318 
PG4 H42  H N N 319 
PG4 H51  H N N 320 
PG4 H52  H N N 321 
PG4 H61  H N N 322 
PG4 H62  H N N 323 
PG4 H71  H N N 324 
PG4 H72  H N N 325 
PG4 H81  H N N 326 
PG4 H82  H N N 327 
PG4 HO5  H N N 328 
PGE C1   C N N 329 
PGE O1   O N N 330 
PGE C2   C N N 331 
PGE O2   O N N 332 
PGE C3   C N N 333 
PGE C4   C N N 334 
PGE O4   O N N 335 
PGE C6   C N N 336 
PGE C5   C N N 337 
PGE O3   O N N 338 
PGE H1   H N N 339 
PGE H12  H N N 340 
PGE HO1  H N N 341 
PGE H2   H N N 342 
PGE H22  H N N 343 
PGE H3   H N N 344 
PGE H32  H N N 345 
PGE H4   H N N 346 
PGE H42  H N N 347 
PGE HO4  H N N 348 
PGE H6   H N N 349 
PGE H62  H N N 350 
PGE H5   H N N 351 
PGE H52  H N N 352 
PHE N    N N N 353 
PHE CA   C N S 354 
PHE C    C N N 355 
PHE O    O N N 356 
PHE CB   C N N 357 
PHE CG   C Y N 358 
PHE CD1  C Y N 359 
PHE CD2  C Y N 360 
PHE CE1  C Y N 361 
PHE CE2  C Y N 362 
PHE CZ   C Y N 363 
PHE OXT  O N N 364 
PHE H    H N N 365 
PHE H2   H N N 366 
PHE HA   H N N 367 
PHE HB2  H N N 368 
PHE HB3  H N N 369 
PHE HD1  H N N 370 
PHE HD2  H N N 371 
PHE HE1  H N N 372 
PHE HE2  H N N 373 
PHE HZ   H N N 374 
PHE HXT  H N N 375 
PRO N    N N N 376 
PRO CA   C N S 377 
PRO C    C N N 378 
PRO O    O N N 379 
PRO CB   C N N 380 
PRO CG   C N N 381 
PRO CD   C N N 382 
PRO OXT  O N N 383 
PRO H    H N N 384 
PRO HA   H N N 385 
PRO HB2  H N N 386 
PRO HB3  H N N 387 
PRO HG2  H N N 388 
PRO HG3  H N N 389 
PRO HD2  H N N 390 
PRO HD3  H N N 391 
PRO HXT  H N N 392 
SER N    N N N 393 
SER CA   C N S 394 
SER C    C N N 395 
SER O    O N N 396 
SER CB   C N N 397 
SER OG   O N N 398 
SER OXT  O N N 399 
SER H    H N N 400 
SER H2   H N N 401 
SER HA   H N N 402 
SER HB2  H N N 403 
SER HB3  H N N 404 
SER HG   H N N 405 
SER HXT  H N N 406 
THR N    N N N 407 
THR CA   C N S 408 
THR C    C N N 409 
THR O    O N N 410 
THR CB   C N R 411 
THR OG1  O N N 412 
THR CG2  C N N 413 
THR OXT  O N N 414 
THR H    H N N 415 
THR H2   H N N 416 
THR HA   H N N 417 
THR HB   H N N 418 
THR HG1  H N N 419 
THR HG21 H N N 420 
THR HG22 H N N 421 
THR HG23 H N N 422 
THR HXT  H N N 423 
TRP N    N N N 424 
TRP CA   C N S 425 
TRP C    C N N 426 
TRP O    O N N 427 
TRP CB   C N N 428 
TRP CG   C Y N 429 
TRP CD1  C Y N 430 
TRP CD2  C Y N 431 
TRP NE1  N Y N 432 
TRP CE2  C Y N 433 
TRP CE3  C Y N 434 
TRP CZ2  C Y N 435 
TRP CZ3  C Y N 436 
TRP CH2  C Y N 437 
TRP OXT  O N N 438 
TRP H    H N N 439 
TRP H2   H N N 440 
TRP HA   H N N 441 
TRP HB2  H N N 442 
TRP HB3  H N N 443 
TRP HD1  H N N 444 
TRP HE1  H N N 445 
TRP HE3  H N N 446 
TRP HZ2  H N N 447 
TRP HZ3  H N N 448 
TRP HH2  H N N 449 
TRP HXT  H N N 450 
TYR N    N N N 451 
TYR CA   C N S 452 
TYR C    C N N 453 
TYR O    O N N 454 
TYR CB   C N N 455 
TYR CG   C Y N 456 
TYR CD1  C Y N 457 
TYR CD2  C Y N 458 
TYR CE1  C Y N 459 
TYR CE2  C Y N 460 
TYR CZ   C Y N 461 
TYR OH   O N N 462 
TYR OXT  O N N 463 
TYR H    H N N 464 
TYR H2   H N N 465 
TYR HA   H N N 466 
TYR HB2  H N N 467 
TYR HB3  H N N 468 
TYR HD1  H N N 469 
TYR HD2  H N N 470 
TYR HE1  H N N 471 
TYR HE2  H N N 472 
TYR HH   H N N 473 
TYR HXT  H N N 474 
VAL N    N N N 475 
VAL CA   C N S 476 
VAL C    C N N 477 
VAL O    O N N 478 
VAL CB   C N N 479 
VAL CG1  C N N 480 
VAL CG2  C N N 481 
VAL OXT  O N N 482 
VAL H    H N N 483 
VAL H2   H N N 484 
VAL HA   H N N 485 
VAL HB   H N N 486 
VAL HG11 H N N 487 
VAL HG12 H N N 488 
VAL HG13 H N N 489 
VAL HG21 H N N 490 
VAL HG22 H N N 491 
VAL HG23 H N N 492 
VAL HXT  H N N 493 
# 
loop_
_chem_comp_bond.comp_id 
_chem_comp_bond.atom_id_1 
_chem_comp_bond.atom_id_2 
_chem_comp_bond.value_order 
_chem_comp_bond.pdbx_aromatic_flag 
_chem_comp_bond.pdbx_stereo_config 
_chem_comp_bond.pdbx_ordinal 
4ZP O19 C15  doub N N 1   
4ZP C1  N14  sing N N 2   
4ZP C1  C7   sing N N 3   
4ZP C15 N14  sing N N 4   
4ZP C15 N16  sing N N 5   
4ZP C7  C6   doub Y N 6   
4ZP C7  C2   sing Y N 7   
4ZP C9  N10  doub Y N 8   
4ZP C9  C8   sing Y N 9   
4ZP C6  C5   sing Y N 10  
4ZP N10 C11  sing Y N 11  
4ZP N16 C17  sing N N 12  
4ZP C17 C18  sing N N 13  
4ZP C2  C3   doub Y N 14  
4ZP O21 C18  sing N N 15  
4ZP O21 C22  sing N N 16  
4ZP C5  C8   sing N N 17  
4ZP C5  C4   doub Y N 18  
4ZP C18 O20  doub N N 19  
4ZP C8  C13  doub Y N 20  
4ZP C23 C22  sing N N 21  
4ZP C11 C12  doub Y N 22  
4ZP C3  C4   sing Y N 23  
4ZP C13 C12  sing Y N 24  
4ZP C1  H1   sing N N 25  
4ZP C1  H2   sing N N 26  
4ZP C2  H3   sing N N 27  
4ZP C3  H4   sing N N 28  
4ZP C4  H5   sing N N 29  
4ZP C6  H6   sing N N 30  
4ZP C9  H7   sing N N 31  
4ZP C11 H8   sing N N 32  
4ZP C12 H9   sing N N 33  
4ZP C13 H10  sing N N 34  
4ZP N14 H11  sing N N 35  
4ZP N16 H12  sing N N 36  
4ZP C17 H13  sing N N 37  
4ZP C17 H14  sing N N 38  
4ZP C22 H15  sing N N 39  
4ZP C22 H16  sing N N 40  
4ZP C23 H17  sing N N 41  
4ZP C23 H18  sing N N 42  
4ZP C23 H19  sing N N 43  
ALA N   CA   sing N N 44  
ALA N   H    sing N N 45  
ALA N   H2   sing N N 46  
ALA CA  C    sing N N 47  
ALA CA  CB   sing N N 48  
ALA CA  HA   sing N N 49  
ALA C   O    doub N N 50  
ALA C   OXT  sing N N 51  
ALA CB  HB1  sing N N 52  
ALA CB  HB2  sing N N 53  
ALA CB  HB3  sing N N 54  
ALA OXT HXT  sing N N 55  
ARG N   CA   sing N N 56  
ARG N   H    sing N N 57  
ARG N   H2   sing N N 58  
ARG CA  C    sing N N 59  
ARG CA  CB   sing N N 60  
ARG CA  HA   sing N N 61  
ARG C   O    doub N N 62  
ARG C   OXT  sing N N 63  
ARG CB  CG   sing N N 64  
ARG CB  HB2  sing N N 65  
ARG CB  HB3  sing N N 66  
ARG CG  CD   sing N N 67  
ARG CG  HG2  sing N N 68  
ARG CG  HG3  sing N N 69  
ARG CD  NE   sing N N 70  
ARG CD  HD2  sing N N 71  
ARG CD  HD3  sing N N 72  
ARG NE  CZ   sing N N 73  
ARG NE  HE   sing N N 74  
ARG CZ  NH1  sing N N 75  
ARG CZ  NH2  doub N N 76  
ARG NH1 HH11 sing N N 77  
ARG NH1 HH12 sing N N 78  
ARG NH2 HH21 sing N N 79  
ARG NH2 HH22 sing N N 80  
ARG OXT HXT  sing N N 81  
ASN N   CA   sing N N 82  
ASN N   H    sing N N 83  
ASN N   H2   sing N N 84  
ASN CA  C    sing N N 85  
ASN CA  CB   sing N N 86  
ASN CA  HA   sing N N 87  
ASN C   O    doub N N 88  
ASN C   OXT  sing N N 89  
ASN CB  CG   sing N N 90  
ASN CB  HB2  sing N N 91  
ASN CB  HB3  sing N N 92  
ASN CG  OD1  doub N N 93  
ASN CG  ND2  sing N N 94  
ASN ND2 HD21 sing N N 95  
ASN ND2 HD22 sing N N 96  
ASN OXT HXT  sing N N 97  
ASP N   CA   sing N N 98  
ASP N   H    sing N N 99  
ASP N   H2   sing N N 100 
ASP CA  C    sing N N 101 
ASP CA  CB   sing N N 102 
ASP CA  HA   sing N N 103 
ASP C   O    doub N N 104 
ASP C   OXT  sing N N 105 
ASP CB  CG   sing N N 106 
ASP CB  HB2  sing N N 107 
ASP CB  HB3  sing N N 108 
ASP CG  OD1  doub N N 109 
ASP CG  OD2  sing N N 110 
ASP OD2 HD2  sing N N 111 
ASP OXT HXT  sing N N 112 
CYS N   CA   sing N N 113 
CYS N   H    sing N N 114 
CYS N   H2   sing N N 115 
CYS CA  C    sing N N 116 
CYS CA  CB   sing N N 117 
CYS CA  HA   sing N N 118 
CYS C   O    doub N N 119 
CYS C   OXT  sing N N 120 
CYS CB  SG   sing N N 121 
CYS CB  HB2  sing N N 122 
CYS CB  HB3  sing N N 123 
CYS SG  HG   sing N N 124 
CYS OXT HXT  sing N N 125 
FMT C   O1   doub N N 126 
FMT C   O2   sing N N 127 
FMT C   H    sing N N 128 
FMT O2  HO2  sing N N 129 
GLN N   CA   sing N N 130 
GLN N   H    sing N N 131 
GLN N   H2   sing N N 132 
GLN CA  C    sing N N 133 
GLN CA  CB   sing N N 134 
GLN CA  HA   sing N N 135 
GLN C   O    doub N N 136 
GLN C   OXT  sing N N 137 
GLN CB  CG   sing N N 138 
GLN CB  HB2  sing N N 139 
GLN CB  HB3  sing N N 140 
GLN CG  CD   sing N N 141 
GLN CG  HG2  sing N N 142 
GLN CG  HG3  sing N N 143 
GLN CD  OE1  doub N N 144 
GLN CD  NE2  sing N N 145 
GLN NE2 HE21 sing N N 146 
GLN NE2 HE22 sing N N 147 
GLN OXT HXT  sing N N 148 
GLU N   CA   sing N N 149 
GLU N   H    sing N N 150 
GLU N   H2   sing N N 151 
GLU CA  C    sing N N 152 
GLU CA  CB   sing N N 153 
GLU CA  HA   sing N N 154 
GLU C   O    doub N N 155 
GLU C   OXT  sing N N 156 
GLU CB  CG   sing N N 157 
GLU CB  HB2  sing N N 158 
GLU CB  HB3  sing N N 159 
GLU CG  CD   sing N N 160 
GLU CG  HG2  sing N N 161 
GLU CG  HG3  sing N N 162 
GLU CD  OE1  doub N N 163 
GLU CD  OE2  sing N N 164 
GLU OE2 HE2  sing N N 165 
GLU OXT HXT  sing N N 166 
GLY N   CA   sing N N 167 
GLY N   H    sing N N 168 
GLY N   H2   sing N N 169 
GLY CA  C    sing N N 170 
GLY CA  HA2  sing N N 171 
GLY CA  HA3  sing N N 172 
GLY C   O    doub N N 173 
GLY C   OXT  sing N N 174 
GLY OXT HXT  sing N N 175 
HIS N   CA   sing N N 176 
HIS N   H    sing N N 177 
HIS N   H2   sing N N 178 
HIS CA  C    sing N N 179 
HIS CA  CB   sing N N 180 
HIS CA  HA   sing N N 181 
HIS C   O    doub N N 182 
HIS C   OXT  sing N N 183 
HIS CB  CG   sing N N 184 
HIS CB  HB2  sing N N 185 
HIS CB  HB3  sing N N 186 
HIS CG  ND1  sing Y N 187 
HIS CG  CD2  doub Y N 188 
HIS ND1 CE1  doub Y N 189 
HIS ND1 HD1  sing N N 190 
HIS CD2 NE2  sing Y N 191 
HIS CD2 HD2  sing N N 192 
HIS CE1 NE2  sing Y N 193 
HIS CE1 HE1  sing N N 194 
HIS NE2 HE2  sing N N 195 
HIS OXT HXT  sing N N 196 
HOH O   H1   sing N N 197 
HOH O   H2   sing N N 198 
ILE N   CA   sing N N 199 
ILE N   H    sing N N 200 
ILE N   H2   sing N N 201 
ILE CA  C    sing N N 202 
ILE CA  CB   sing N N 203 
ILE CA  HA   sing N N 204 
ILE C   O    doub N N 205 
ILE C   OXT  sing N N 206 
ILE CB  CG1  sing N N 207 
ILE CB  CG2  sing N N 208 
ILE CB  HB   sing N N 209 
ILE CG1 CD1  sing N N 210 
ILE CG1 HG12 sing N N 211 
ILE CG1 HG13 sing N N 212 
ILE CG2 HG21 sing N N 213 
ILE CG2 HG22 sing N N 214 
ILE CG2 HG23 sing N N 215 
ILE CD1 HD11 sing N N 216 
ILE CD1 HD12 sing N N 217 
ILE CD1 HD13 sing N N 218 
ILE OXT HXT  sing N N 219 
LEU N   CA   sing N N 220 
LEU N   H    sing N N 221 
LEU N   H2   sing N N 222 
LEU CA  C    sing N N 223 
LEU CA  CB   sing N N 224 
LEU CA  HA   sing N N 225 
LEU C   O    doub N N 226 
LEU C   OXT  sing N N 227 
LEU CB  CG   sing N N 228 
LEU CB  HB2  sing N N 229 
LEU CB  HB3  sing N N 230 
LEU CG  CD1  sing N N 231 
LEU CG  CD2  sing N N 232 
LEU CG  HG   sing N N 233 
LEU CD1 HD11 sing N N 234 
LEU CD1 HD12 sing N N 235 
LEU CD1 HD13 sing N N 236 
LEU CD2 HD21 sing N N 237 
LEU CD2 HD22 sing N N 238 
LEU CD2 HD23 sing N N 239 
LEU OXT HXT  sing N N 240 
LYS N   CA   sing N N 241 
LYS N   H    sing N N 242 
LYS N   H2   sing N N 243 
LYS CA  C    sing N N 244 
LYS CA  CB   sing N N 245 
LYS CA  HA   sing N N 246 
LYS C   O    doub N N 247 
LYS C   OXT  sing N N 248 
LYS CB  CG   sing N N 249 
LYS CB  HB2  sing N N 250 
LYS CB  HB3  sing N N 251 
LYS CG  CD   sing N N 252 
LYS CG  HG2  sing N N 253 
LYS CG  HG3  sing N N 254 
LYS CD  CE   sing N N 255 
LYS CD  HD2  sing N N 256 
LYS CD  HD3  sing N N 257 
LYS CE  NZ   sing N N 258 
LYS CE  HE2  sing N N 259 
LYS CE  HE3  sing N N 260 
LYS NZ  HZ1  sing N N 261 
LYS NZ  HZ2  sing N N 262 
LYS NZ  HZ3  sing N N 263 
LYS OXT HXT  sing N N 264 
MET N   CA   sing N N 265 
MET N   H    sing N N 266 
MET N   H2   sing N N 267 
MET CA  C    sing N N 268 
MET CA  CB   sing N N 269 
MET CA  HA   sing N N 270 
MET C   O    doub N N 271 
MET C   OXT  sing N N 272 
MET CB  CG   sing N N 273 
MET CB  HB2  sing N N 274 
MET CB  HB3  sing N N 275 
MET CG  SD   sing N N 276 
MET CG  HG2  sing N N 277 
MET CG  HG3  sing N N 278 
MET SD  CE   sing N N 279 
MET CE  HE1  sing N N 280 
MET CE  HE2  sing N N 281 
MET CE  HE3  sing N N 282 
MET OXT HXT  sing N N 283 
PG4 O1  C1   sing N N 284 
PG4 O1  HO1  sing N N 285 
PG4 C1  C2   sing N N 286 
PG4 C1  H11  sing N N 287 
PG4 C1  H12  sing N N 288 
PG4 C2  O2   sing N N 289 
PG4 C2  H21  sing N N 290 
PG4 C2  H22  sing N N 291 
PG4 O2  C3   sing N N 292 
PG4 C3  C4   sing N N 293 
PG4 C3  H31  sing N N 294 
PG4 C3  H32  sing N N 295 
PG4 C4  O3   sing N N 296 
PG4 C4  H41  sing N N 297 
PG4 C4  H42  sing N N 298 
PG4 O3  C5   sing N N 299 
PG4 C5  C6   sing N N 300 
PG4 C5  H51  sing N N 301 
PG4 C5  H52  sing N N 302 
PG4 C6  O4   sing N N 303 
PG4 C6  H61  sing N N 304 
PG4 C6  H62  sing N N 305 
PG4 O4  C7   sing N N 306 
PG4 C7  C8   sing N N 307 
PG4 C7  H71  sing N N 308 
PG4 C7  H72  sing N N 309 
PG4 C8  O5   sing N N 310 
PG4 C8  H81  sing N N 311 
PG4 C8  H82  sing N N 312 
PG4 O5  HO5  sing N N 313 
PGE C1  O1   sing N N 314 
PGE C1  C2   sing N N 315 
PGE C1  H1   sing N N 316 
PGE C1  H12  sing N N 317 
PGE O1  HO1  sing N N 318 
PGE C2  O2   sing N N 319 
PGE C2  H2   sing N N 320 
PGE C2  H22  sing N N 321 
PGE O2  C3   sing N N 322 
PGE C3  C4   sing N N 323 
PGE C3  H3   sing N N 324 
PGE C3  H32  sing N N 325 
PGE C4  O3   sing N N 326 
PGE C4  H4   sing N N 327 
PGE C4  H42  sing N N 328 
PGE O4  C6   sing N N 329 
PGE O4  HO4  sing N N 330 
PGE C6  C5   sing N N 331 
PGE C6  H6   sing N N 332 
PGE C6  H62  sing N N 333 
PGE C5  O3   sing N N 334 
PGE C5  H5   sing N N 335 
PGE C5  H52  sing N N 336 
PHE N   CA   sing N N 337 
PHE N   H    sing N N 338 
PHE N   H2   sing N N 339 
PHE CA  C    sing N N 340 
PHE CA  CB   sing N N 341 
PHE CA  HA   sing N N 342 
PHE C   O    doub N N 343 
PHE C   OXT  sing N N 344 
PHE CB  CG   sing N N 345 
PHE CB  HB2  sing N N 346 
PHE CB  HB3  sing N N 347 
PHE CG  CD1  doub Y N 348 
PHE CG  CD2  sing Y N 349 
PHE CD1 CE1  sing Y N 350 
PHE CD1 HD1  sing N N 351 
PHE CD2 CE2  doub Y N 352 
PHE CD2 HD2  sing N N 353 
PHE CE1 CZ   doub Y N 354 
PHE CE1 HE1  sing N N 355 
PHE CE2 CZ   sing Y N 356 
PHE CE2 HE2  sing N N 357 
PHE CZ  HZ   sing N N 358 
PHE OXT HXT  sing N N 359 
PRO N   CA   sing N N 360 
PRO N   CD   sing N N 361 
PRO N   H    sing N N 362 
PRO CA  C    sing N N 363 
PRO CA  CB   sing N N 364 
PRO CA  HA   sing N N 365 
PRO C   O    doub N N 366 
PRO C   OXT  sing N N 367 
PRO CB  CG   sing N N 368 
PRO CB  HB2  sing N N 369 
PRO CB  HB3  sing N N 370 
PRO CG  CD   sing N N 371 
PRO CG  HG2  sing N N 372 
PRO CG  HG3  sing N N 373 
PRO CD  HD2  sing N N 374 
PRO CD  HD3  sing N N 375 
PRO OXT HXT  sing N N 376 
SER N   CA   sing N N 377 
SER N   H    sing N N 378 
SER N   H2   sing N N 379 
SER CA  C    sing N N 380 
SER CA  CB   sing N N 381 
SER CA  HA   sing N N 382 
SER C   O    doub N N 383 
SER C   OXT  sing N N 384 
SER CB  OG   sing N N 385 
SER CB  HB2  sing N N 386 
SER CB  HB3  sing N N 387 
SER OG  HG   sing N N 388 
SER OXT HXT  sing N N 389 
THR N   CA   sing N N 390 
THR N   H    sing N N 391 
THR N   H2   sing N N 392 
THR CA  C    sing N N 393 
THR CA  CB   sing N N 394 
THR CA  HA   sing N N 395 
THR C   O    doub N N 396 
THR C   OXT  sing N N 397 
THR CB  OG1  sing N N 398 
THR CB  CG2  sing N N 399 
THR CB  HB   sing N N 400 
THR OG1 HG1  sing N N 401 
THR CG2 HG21 sing N N 402 
THR CG2 HG22 sing N N 403 
THR CG2 HG23 sing N N 404 
THR OXT HXT  sing N N 405 
TRP N   CA   sing N N 406 
TRP N   H    sing N N 407 
TRP N   H2   sing N N 408 
TRP CA  C    sing N N 409 
TRP CA  CB   sing N N 410 
TRP CA  HA   sing N N 411 
TRP C   O    doub N N 412 
TRP C   OXT  sing N N 413 
TRP CB  CG   sing N N 414 
TRP CB  HB2  sing N N 415 
TRP CB  HB3  sing N N 416 
TRP CG  CD1  doub Y N 417 
TRP CG  CD2  sing Y N 418 
TRP CD1 NE1  sing Y N 419 
TRP CD1 HD1  sing N N 420 
TRP CD2 CE2  doub Y N 421 
TRP CD2 CE3  sing Y N 422 
TRP NE1 CE2  sing Y N 423 
TRP NE1 HE1  sing N N 424 
TRP CE2 CZ2  sing Y N 425 
TRP CE3 CZ3  doub Y N 426 
TRP CE3 HE3  sing N N 427 
TRP CZ2 CH2  doub Y N 428 
TRP CZ2 HZ2  sing N N 429 
TRP CZ3 CH2  sing Y N 430 
TRP CZ3 HZ3  sing N N 431 
TRP CH2 HH2  sing N N 432 
TRP OXT HXT  sing N N 433 
TYR N   CA   sing N N 434 
TYR N   H    sing N N 435 
TYR N   H2   sing N N 436 
TYR CA  C    sing N N 437 
TYR CA  CB   sing N N 438 
TYR CA  HA   sing N N 439 
TYR C   O    doub N N 440 
TYR C   OXT  sing N N 441 
TYR CB  CG   sing N N 442 
TYR CB  HB2  sing N N 443 
TYR CB  HB3  sing N N 444 
TYR CG  CD1  doub Y N 445 
TYR CG  CD2  sing Y N 446 
TYR CD1 CE1  sing Y N 447 
TYR CD1 HD1  sing N N 448 
TYR CD2 CE2  doub Y N 449 
TYR CD2 HD2  sing N N 450 
TYR CE1 CZ   doub Y N 451 
TYR CE1 HE1  sing N N 452 
TYR CE2 CZ   sing Y N 453 
TYR CE2 HE2  sing N N 454 
TYR CZ  OH   sing N N 455 
TYR OH  HH   sing N N 456 
TYR OXT HXT  sing N N 457 
VAL N   CA   sing N N 458 
VAL N   H    sing N N 459 
VAL N   H2   sing N N 460 
VAL CA  C    sing N N 461 
VAL CA  CB   sing N N 462 
VAL CA  HA   sing N N 463 
VAL C   O    doub N N 464 
VAL C   OXT  sing N N 465 
VAL CB  CG1  sing N N 466 
VAL CB  CG2  sing N N 467 
VAL CB  HB   sing N N 468 
VAL CG1 HG11 sing N N 469 
VAL CG1 HG12 sing N N 470 
VAL CG1 HG13 sing N N 471 
VAL CG2 HG21 sing N N 472 
VAL CG2 HG22 sing N N 473 
VAL CG2 HG23 sing N N 474 
VAL OXT HXT  sing N N 475 
# 
_pdbx_initial_refinement_model.id               1 
_pdbx_initial_refinement_model.entity_id_list   ? 
_pdbx_initial_refinement_model.type             'experimental model' 
_pdbx_initial_refinement_model.source_name      PDB 
_pdbx_initial_refinement_model.accession_code   2BIT 
_pdbx_initial_refinement_model.details          ? 
# 
_atom_sites.entry_id                    5CBV 
_atom_sites.fract_transf_matrix[1][1]   -0.01606393 
_atom_sites.fract_transf_matrix[1][2]   0.00652964 
_atom_sites.fract_transf_matrix[1][3]   -0.00158946 
_atom_sites.fract_transf_matrix[2][1]   0.00428310 
_atom_sites.fract_transf_matrix[2][2]   0.01312127 
_atom_sites.fract_transf_matrix[2][3]   0.01061602 
_atom_sites.fract_transf_matrix[3][1]   0.00263078 
_atom_sites.fract_transf_matrix[3][2]   0.00477662 
_atom_sites.fract_transf_matrix[3][3]   -0.00696525 
_atom_sites.fract_transf_vector[1]      0.151624 
_atom_sites.fract_transf_vector[2]      -0.183724 
_atom_sites.fract_transf_vector[3]      0.050342 
# 
loop_
_atom_type.symbol 
C 
K 
N 
O 
S 
# 
loop_
_atom_site.group_PDB 
_atom_site.id 
_atom_site.type_symbol 
_atom_site.label_atom_id 
_atom_site.label_alt_id 
_atom_site.label_comp_id 
_atom_site.label_asym_id 
_atom_site.label_entity_id 
_atom_site.label_seq_id 
_atom_site.pdbx_PDB_ins_code 
_atom_site.Cartn_x 
_atom_site.Cartn_y 
_atom_site.Cartn_z 
_atom_site.occupancy 
_atom_site.B_iso_or_equiv 
_atom_site.pdbx_formal_charge 
_atom_site.auth_seq_id 
_atom_site.auth_comp_id 
_atom_site.auth_asym_id 
_atom_site.auth_atom_id 
_atom_site.pdbx_PDB_model_num 
ATOM   1    N N   . GLY A 1 2   ? -4.285  4.153   -20.163 1.00 32.45 ? 2   GLY A N   1 
ATOM   2    C CA  . GLY A 1 2   ? -4.559  5.025   -18.978 1.00 25.29 ? 2   GLY A CA  1 
ATOM   3    C C   . GLY A 1 2   ? -3.884  4.412   -17.766 1.00 21.02 ? 2   GLY A C   1 
ATOM   4    O O   . GLY A 1 2   ? -3.421  3.244   -17.772 1.00 20.01 ? 2   GLY A O   1 
ATOM   5    N N   . ASN A 1 3   ? -3.871  5.184   -16.697 1.00 15.02 ? 3   ASN A N   1 
ATOM   6    C CA  . ASN A 1 3   ? -3.377  4.698   -15.419 1.00 13.22 ? 3   ASN A CA  1 
ATOM   7    C C   . ASN A 1 3   ? -4.137  3.506   -14.936 1.00 12.74 ? 3   ASN A C   1 
ATOM   8    O O   . ASN A 1 3   ? -5.354  3.472   -14.984 1.00 12.51 ? 3   ASN A O   1 
ATOM   9    C CB  . ASN A 1 3   ? -3.474  5.833   -14.391 1.00 10.33 ? 3   ASN A CB  1 
ATOM   10   C CG  . ASN A 1 3   ? -2.363  6.834   -14.576 1.00 10.04 ? 3   ASN A CG  1 
ATOM   11   O OD1 . ASN A 1 3   ? -1.356  6.546   -15.230 1.00 10.51 ? 3   ASN A OD1 1 
ATOM   12   N ND2 . ASN A 1 3   ? -2.538  8.001   -14.045 1.00 10.34 ? 3   ASN A ND2 1 
ATOM   13   N N   . PRO A 1 4   ? -3.436  2.499   -14.382 1.00 10.69 ? 4   PRO A N   1 
ATOM   14   C CA  . PRO A 1 4   ? -4.193  1.379   -13.798 1.00 10.38 ? 4   PRO A CA  1 
ATOM   15   C C   . PRO A 1 4   ? -5.126  1.765   -12.653 1.00 10.16 ? 4   PRO A C   1 
ATOM   16   O O   . PRO A 1 4   ? -4.763  2.664   -11.852 1.00 9.79  ? 4   PRO A O   1 
ATOM   17   C CB  . PRO A 1 4   ? -3.074  0.458   -13.216 1.00 10.44 ? 4   PRO A CB  1 
ATOM   18   C CG  . PRO A 1 4   ? -1.880  0.835   -14.048 1.00 11.02 ? 4   PRO A CG  1 
ATOM   19   C CD  . PRO A 1 4   ? -1.976  2.252   -14.426 1.00 11.32 ? 4   PRO A CD  1 
ATOM   20   N N   . LEU A 1 5   ? -6.269  1.107   -12.596 1.00 11.42 ? 5   LEU A N   1 
ATOM   21   C CA  . LEU A 1 5   ? -7.167  1.116   -11.441 1.00 11.61 ? 5   LEU A CA  1 
ATOM   22   C C   . LEU A 1 5   ? -7.120  -0.291  -10.887 1.00 10.94 ? 5   LEU A C   1 
ATOM   23   O O   . LEU A 1 5   ? -7.418  -1.264  -11.605 1.00 10.97 ? 5   LEU A O   1 
ATOM   24   C CB  . LEU A 1 5   ? -8.676  1.276   -11.814 1.00 14.73 ? 5   LEU A CB  1 
ATOM   25   C CG  . LEU A 1 5   ? -9.381  2.546   -11.763 1.00 17.00 ? 5   LEU A CG  1 
ATOM   26   C CD1 . LEU A 1 5   ? -10.897 2.362   -12.032 1.00 15.03 ? 5   LEU A CD1 1 
ATOM   27   C CD2 . LEU A 1 5   ? -9.020  3.411   -10.583 1.00 16.34 ? 5   LEU A CD2 1 
ATOM   28   N N   . VAL A 1 6   ? -6.770  -0.397  -9.608  1.00 10.24 ? 6   VAL A N   1 
ATOM   29   C CA  . VAL A 1 6   ? -6.624  -1.656  -8.925  1.00 9.35  ? 6   VAL A CA  1 
ATOM   30   C C   . VAL A 1 6   ? -7.482  -1.651  -7.671  1.00 9.69  ? 6   VAL A C   1 
ATOM   31   O O   . VAL A 1 6   ? -7.940  -0.601  -7.226  1.00 7.72  ? 6   VAL A O   1 
ATOM   32   C CB  . VAL A 1 6   ? -5.150  -2.031  -8.608  1.00 10.06 ? 6   VAL A CB  1 
ATOM   33   C CG1 . VAL A 1 6   ? -4.353  -2.089  -9.906  1.00 10.18 ? 6   VAL A CG1 1 
ATOM   34   C CG2 . VAL A 1 6   ? -4.459  -1.055  -7.708  1.00 10.12 ? 6   VAL A CG2 1 
ATOM   35   N N   . TYR A 1 7   ? -7.645  -2.822  -7.100  1.00 9.86  ? 7   TYR A N   1 
ATOM   36   C CA  . TYR A 1 7   ? -8.469  -2.977  -5.897  1.00 10.53 ? 7   TYR A CA  1 
ATOM   37   C C   . TYR A 1 7   ? -7.869  -3.947  -4.893  1.00 10.48 ? 7   TYR A C   1 
ATOM   38   O O   . TYR A 1 7   ? -7.105  -4.847  -5.282  1.00 9.50  ? 7   TYR A O   1 
ATOM   39   C CB  . TYR A 1 7   ? -9.865  -3.489  -6.271  1.00 10.99 ? 7   TYR A CB  1 
ATOM   40   C CG  . TYR A 1 7   ? -9.946  -4.911  -6.724  1.00 10.97 ? 7   TYR A CG  1 
ATOM   41   C CD1 . TYR A 1 7   ? -9.799  -5.223  -8.077  1.00 11.65 ? 7   TYR A CD1 1 
ATOM   42   C CD2 . TYR A 1 7   ? -10.225 -5.974  -5.832  1.00 12.07 ? 7   TYR A CD2 1 
ATOM   43   C CE1 . TYR A 1 7   ? -9.917  -6.531  -8.491  1.00 11.66 ? 7   TYR A CE1 1 
ATOM   44   C CE2 . TYR A 1 7   ? -10.268 -7.292  -6.262  1.00 11.65 ? 7   TYR A CE2 1 
ATOM   45   C CZ  . TYR A 1 7   ? -10.129 -7.538  -7.602  1.00 12.63 ? 7   TYR A CZ  1 
ATOM   46   O OH  . TYR A 1 7   ? -10.197 -8.793  -8.054  1.00 17.28 ? 7   TYR A OH  1 
ATOM   47   N N   . LEU A 1 8   ? -8.180  -3.651  -3.626  1.00 11.04 ? 8   LEU A N   1 
ATOM   48   C CA  . LEU A 1 8   ? -7.871  -4.479  -2.472  1.00 10.70 ? 8   LEU A CA  1 
ATOM   49   C C   . LEU A 1 8   ? -9.216  -4.699  -1.733  1.00 11.05 ? 8   LEU A C   1 
ATOM   50   O O   . LEU A 1 8   ? -9.883  -3.715  -1.380  1.00 10.56 ? 8   LEU A O   1 
ATOM   51   C CB  . LEU A 1 8   ? -6.941  -3.709  -1.493  1.00 10.10 ? 8   LEU A CB  1 
ATOM   52   C CG  . LEU A 1 8   ? -5.630  -3.148  -2.055  1.00 10.81 ? 8   LEU A CG  1 
ATOM   53   C CD1 . LEU A 1 8   ? -4.821  -2.374  -0.986  1.00 12.05 ? 8   LEU A CD1 1 
ATOM   54   C CD2 . LEU A 1 8   ? -4.759  -4.235  -2.733  1.00 10.48 ? 8   LEU A CD2 1 
ATOM   55   N N   . ASP A 1 9   ? -9.603  -5.958  -1.580  1.00 11.52 ? 9   ASP A N   1 
ATOM   56   C CA  . ASP A 1 9   ? -10.742 -6.362  -0.758  1.00 12.08 ? 9   ASP A CA  1 
ATOM   57   C C   . ASP A 1 9   ? -10.142 -6.780  0.598   1.00 12.02 ? 9   ASP A C   1 
ATOM   58   O O   . ASP A 1 9   ? -9.250  -7.614  0.683   1.00 12.64 ? 9   ASP A O   1 
ATOM   59   C CB  . ASP A 1 9   ? -11.527 -7.508  -1.392  1.00 13.09 ? 9   ASP A CB  1 
ATOM   60   C CG  . ASP A 1 9   ? -12.319 -7.084  -2.635  1.00 13.77 ? 9   ASP A CG  1 
ATOM   61   O OD1 . ASP A 1 9   ? -12.792 -5.924  -2.702  1.00 14.85 ? 9   ASP A OD1 1 
ATOM   62   O OD2 . ASP A 1 9   ? -12.361 -7.905  -3.577  1.00 16.01 ? 9   ASP A OD2 1 
ATOM   63   N N   . VAL A 1 10  ? -10.582 -6.111  1.648   1.00 13.20 ? 10  VAL A N   1 
ATOM   64   C CA  . VAL A 1 10  ? -9.952  -6.236  2.982   1.00 13.64 ? 10  VAL A CA  1 
ATOM   65   C C   . VAL A 1 10  ? -10.958 -6.750  4.007   1.00 13.97 ? 10  VAL A C   1 
ATOM   66   O O   . VAL A 1 10  ? -12.095 -6.257  4.045   1.00 13.77 ? 10  VAL A O   1 
ATOM   67   C CB  . VAL A 1 10  ? -9.377  -4.903  3.457   1.00 14.98 ? 10  VAL A CB  1 
ATOM   68   C CG1 . VAL A 1 10  ? -8.596  -5.076  4.764   1.00 16.49 ? 10  VAL A CG1 1 
ATOM   69   C CG2 . VAL A 1 10  ? -8.439  -4.293  2.404   1.00 15.30 ? 10  VAL A CG2 1 
ATOM   70   N N   . ASP A 1 11  ? -10.510 -7.721  4.797   1.00 15.84 ? 11  ASP A N   1 
ATOM   71   C CA  . ASP A 1 11  ? -11.273 -8.200  5.944   1.00 19.56 ? 11  ASP A CA  1 
ATOM   72   C C   . ASP A 1 11  ? -10.574 -7.963  7.288   1.00 18.13 ? 11  ASP A C   1 
ATOM   73   O O   . ASP A 1 11  ? -9.337  -7.776  7.340   1.00 17.19 ? 11  ASP A O   1 
ATOM   74   C CB  . ASP A 1 11  ? -11.634 -9.673  5.727   1.00 24.07 ? 11  ASP A CB  1 
ATOM   75   C CG  . ASP A 1 11  ? -10.569 -10.575 6.053   1.00 30.07 ? 11  ASP A CG  1 
ATOM   76   O OD1 . ASP A 1 11  ? -10.341 -10.832 7.241   1.00 43.02 ? 11  ASP A OD1 1 
ATOM   77   O OD2 . ASP A 1 11  ? -9.928  -11.104 5.116   1.00 38.17 ? 11  ASP A OD2 1 
ATOM   78   N N   . ALA A 1 12  ? -11.358 -8.037  8.380   1.00 17.52 ? 12  ALA A N   1 
ATOM   79   C CA  . ALA A 1 12  ? -10.803 -7.953  9.774   1.00 17.57 ? 12  ALA A CA  1 
ATOM   80   C C   . ALA A 1 12  ? -11.289 -9.206  10.474  1.00 17.80 ? 12  ALA A C   1 
ATOM   81   O O   . ALA A 1 12  ? -12.527 -9.417  10.551  1.00 18.19 ? 12  ALA A O   1 
ATOM   82   C CB  . ALA A 1 12  ? -11.305 -6.753  10.511  1.00 19.06 ? 12  ALA A CB  1 
ATOM   83   N N   . ASN A 1 13  ? -10.339 -10.024 10.885  1.00 18.71 ? 13  ASN A N   1 
ATOM   84   C CA  . ASN A 1 13  ? -10.611 -11.381 11.447  1.00 25.69 ? 13  ASN A CA  1 
ATOM   85   C C   . ASN A 1 13  ? -11.681 -12.126 10.672  1.00 26.61 ? 13  ASN A C   1 
ATOM   86   O O   . ASN A 1 13  ? -12.719 -12.563 11.249  1.00 26.14 ? 13  ASN A O   1 
ATOM   87   C CB  . ASN A 1 13  ? -11.091 -11.224 12.880  1.00 29.01 ? 13  ASN A CB  1 
ATOM   88   C CG  . ASN A 1 13  ? -9.986  -10.902 13.847  1.00 29.86 ? 13  ASN A CG  1 
ATOM   89   O OD1 . ASN A 1 13  ? -8.820  -11.094 13.585  1.00 27.50 ? 13  ASN A OD1 1 
ATOM   90   N ND2 . ASN A 1 13  ? -10.379 -10.456 15.007  1.00 32.55 ? 13  ASN A ND2 1 
ATOM   91   N N   . GLY A 1 14  ? -11.508 -12.167 9.357   1.00 27.21 ? 14  GLY A N   1 
ATOM   92   C CA  . GLY A 1 14  ? -12.383 -12.906 8.467   1.00 24.77 ? 14  GLY A CA  1 
ATOM   93   C C   . GLY A 1 14  ? -13.690 -12.244 8.138   1.00 24.03 ? 14  GLY A C   1 
ATOM   94   O O   . GLY A 1 14  ? -14.462 -12.793 7.361   1.00 24.27 ? 14  GLY A O   1 
ATOM   95   N N   . LYS A 1 15  ? -13.924 -11.038 8.632   1.00 21.99 ? 15  LYS A N   1 
ATOM   96   C CA  . LYS A 1 15  ? -15.111 -10.313 8.272   1.00 21.26 ? 15  LYS A CA  1 
ATOM   97   C C   . LYS A 1 15  ? -14.849 -9.178  7.248   1.00 21.49 ? 15  LYS A C   1 
ATOM   98   O O   . LYS A 1 15  ? -14.026 -8.336  7.511   1.00 18.46 ? 15  LYS A O   1 
ATOM   99   C CB  . LYS A 1 15  ? -15.754 -9.725  9.498   1.00 27.29 ? 15  LYS A CB  1 
ATOM   100  C CG  . LYS A 1 15  ? -17.289 -9.687  9.295   1.00 36.11 ? 15  LYS A CG  1 
ATOM   101  C CD  . LYS A 1 15  ? -17.882 -8.380  8.758   1.00 37.47 ? 15  LYS A CD  1 
ATOM   102  C CE  . LYS A 1 15  ? -18.704 -7.703  9.857   1.00 37.82 ? 15  LYS A CE  1 
ATOM   103  N NZ  . LYS A 1 15  ? -17.828 -6.896  10.760  1.00 41.87 ? 15  LYS A NZ  1 
ATOM   104  N N   . PRO A 1 16  ? -15.569 -9.153  6.104   1.00 20.65 ? 16  PRO A N   1 
ATOM   105  C CA  . PRO A 1 16  ? -15.258 -8.146  5.052   1.00 19.57 ? 16  PRO A CA  1 
ATOM   106  C C   . PRO A 1 16  ? -15.485 -6.765  5.468   1.00 18.06 ? 16  PRO A C   1 
ATOM   107  O O   . PRO A 1 16  ? -16.498 -6.459  6.129   1.00 19.10 ? 16  PRO A O   1 
ATOM   108  C CB  . PRO A 1 16  ? -16.220 -8.485  3.898   1.00 21.08 ? 16  PRO A CB  1 
ATOM   109  C CG  . PRO A 1 16  ? -16.758 -9.827  4.214   1.00 23.39 ? 16  PRO A CG  1 
ATOM   110  C CD  . PRO A 1 16  ? -16.536 -10.182 5.640   1.00 22.83 ? 16  PRO A CD  1 
ATOM   111  N N   . LEU A 1 17  ? -14.527 -5.882  5.181   1.00 15.65 ? 17  LEU A N   1 
ATOM   112  C CA  . LEU A 1 17  ? -14.678 -4.475  5.426   1.00 13.16 ? 17  LEU A CA  1 
ATOM   113  C C   . LEU A 1 17  ? -15.095 -3.684  4.207   1.00 13.13 ? 17  LEU A C   1 
ATOM   114  O O   . LEU A 1 17  ? -15.520 -2.573  4.336   1.00 13.58 ? 17  LEU A O   1 
ATOM   115  C CB  . LEU A 1 17  ? -13.362 -3.856  5.938   1.00 12.97 ? 17  LEU A CB  1 
ATOM   116  C CG  . LEU A 1 17  ? -12.710 -4.476  7.166   1.00 14.35 ? 17  LEU A CG  1 
ATOM   117  C CD1 . LEU A 1 17  ? -11.401 -3.790  7.592   1.00 13.74 ? 17  LEU A CD1 1 
ATOM   118  C CD2 . LEU A 1 17  ? -13.748 -4.325  8.303   1.00 16.13 ? 17  LEU A CD2 1 
ATOM   119  N N   . GLY A 1 18  ? -14.854 -4.243  3.031   1.00 15.16 ? 18  GLY A N   1 
ATOM   120  C CA  . GLY A 1 18  ? -15.099 -3.590  1.796   1.00 13.53 ? 18  GLY A CA  1 
ATOM   121  C C   . GLY A 1 18  ? -13.873 -3.556  0.888   1.00 13.38 ? 18  GLY A C   1 
ATOM   122  O O   . GLY A 1 18  ? -12.895 -4.290  1.099   1.00 12.44 ? 18  GLY A O   1 
ATOM   123  N N   . ARG A 1 19  ? -14.022 -2.694  -0.109  1.00 12.64 ? 19  ARG A N   1 
ATOM   124  C CA  . ARG A 1 19  ? -13.047 -2.568  -1.223  1.00 12.82 ? 19  ARG A CA  1 
ATOM   125  C C   . ARG A 1 19  ? -12.405 -1.223  -1.228  1.00 11.37 ? 19  ARG A C   1 
ATOM   126  O O   . ARG A 1 19  ? -13.068 -0.150  -1.261  1.00 11.94 ? 19  ARG A O   1 
ATOM   127  C CB  . ARG A 1 19  ? -13.742 -2.814  -2.607  1.00 13.42 ? 19  ARG A CB  1 
ATOM   128  C CG  . ARG A 1 19  ? -12.732 -2.725  -3.778  1.00 11.93 ? 19  ARG A CG  1 
ATOM   129  C CD  . ARG A 1 19  ? -13.394 -3.252  -5.087  1.00 12.34 ? 19  ARG A CD  1 
ATOM   130  N NE  . ARG A 1 19  ? -13.360 -4.702  -5.092  1.00 11.51 ? 19  ARG A NE  1 
ATOM   131  C CZ  . ARG A 1 19  ? -13.684 -5.467  -6.112  1.00 13.39 ? 19  ARG A CZ  1 
ATOM   132  N NH1 . ARG A 1 19  ? -14.005 -4.923  -7.280  1.00 13.80 ? 19  ARG A NH1 1 
ATOM   133  N NH2 . ARG A 1 19  ? -13.636 -6.771  -5.966  1.00 14.04 ? 19  ARG A NH2 1 
ATOM   134  N N   . VAL A 1 20  ? -11.065 -1.215  -1.325  1.00 10.18 ? 20  VAL A N   1 
ATOM   135  C CA  . VAL A 1 20  ? -10.339 -0.006  -1.615  1.00 9.86  ? 20  VAL A CA  1 
ATOM   136  C C   . VAL A 1 20  ? -9.902  -0.002  -3.080  1.00 9.21  ? 20  VAL A C   1 
ATOM   137  O O   . VAL A 1 20  ? -9.280  -0.960  -3.551  1.00 9.68  ? 20  VAL A O   1 
ATOM   138  C CB  . VAL A 1 20  ? -9.068  0.135   -0.750  1.00 10.47 ? 20  VAL A CB  1 
ATOM   139  C CG1 . VAL A 1 20  ? -8.353  1.476   -0.966  1.00 9.79  ? 20  VAL A CG1 1 
ATOM   140  C CG2 . VAL A 1 20  ? -9.417  -0.023  0.728   1.00 10.36 ? 20  VAL A CG2 1 
ATOM   141  N N   . VAL A 1 21  ? -10.264 1.049   -3.776  1.00 8.84  ? 21  VAL A N   1 
ATOM   142  C CA  . VAL A 1 21  ? -9.866  1.200   -5.207  1.00 9.30  ? 21  VAL A CA  1 
ATOM   143  C C   . VAL A 1 21  ? -8.818  2.283   -5.276  1.00 8.52  ? 21  VAL A C   1 
ATOM   144  O O   . VAL A 1 21  ? -8.973  3.433   -4.802  1.00 9.38  ? 21  VAL A O   1 
ATOM   145  C CB  . VAL A 1 21  ? -11.081 1.497   -6.141  1.00 9.53  ? 21  VAL A CB  1 
ATOM   146  C CG1 . VAL A 1 21  ? -10.627 1.629   -7.568  1.00 9.70  ? 21  VAL A CG1 1 
ATOM   147  C CG2 . VAL A 1 21  ? -12.155 0.402   -5.996  1.00 10.02 ? 21  VAL A CG2 1 
ATOM   148  N N   . LEU A 1 22  ? -7.734  1.966   -5.967  1.00 8.80  ? 22  LEU A N   1 
ATOM   149  C CA  . LEU A 1 22  ? -6.608  2.817   -6.107  1.00 8.46  ? 22  LEU A CA  1 
ATOM   150  C C   . LEU A 1 22  ? -6.226  3.101   -7.582  1.00 7.90  ? 22  LEU A C   1 
ATOM   151  O O   . LEU A 1 22  ? -6.257  2.186   -8.379  1.00 8.31  ? 22  LEU A O   1 
ATOM   152  C CB  . LEU A 1 22  ? -5.431  2.046   -5.452  1.00 8.38  ? 22  LEU A CB  1 
ATOM   153  C CG  . LEU A 1 22  ? -5.584  1.683   -3.973  1.00 8.47  ? 22  LEU A CG  1 
ATOM   154  C CD1 . LEU A 1 22  ? -4.637  0.537   -3.586  1.00 9.36  ? 22  LEU A CD1 1 
ATOM   155  C CD2 . LEU A 1 22  ? -5.347  2.982   -3.212  1.00 9.54  ? 22  LEU A CD2 1 
ATOM   156  N N   . GLU A 1 23  ? -5.950  4.363   -7.900  1.00 7.70  ? 23  GLU A N   1 
ATOM   157  C CA  . GLU A 1 23  ? -5.329  4.756   -9.133  1.00 7.81  ? 23  GLU A CA  1 
ATOM   158  C C   . GLU A 1 23  ? -3.811  4.696   -8.968  1.00 8.48  ? 23  GLU A C   1 
ATOM   159  O O   . GLU A 1 23  ? -3.250  5.280   -8.017  1.00 8.24  ? 23  GLU A O   1 
ATOM   160  C CB  . GLU A 1 23  ? -5.688  6.196   -9.495  1.00 8.95  ? 23  GLU A CB  1 
ATOM   161  C CG  . GLU A 1 23  ? -5.088  6.631   -10.826 1.00 9.37  ? 23  GLU A CG  1 
ATOM   162  C CD  . GLU A 1 23  ? -5.557  7.974   -11.375 1.00 10.71 ? 23  GLU A CD  1 
ATOM   163  O OE1 . GLU A 1 23  ? -6.575  8.551   -10.911 1.00 9.63  ? 23  GLU A OE1 1 
ATOM   164  O OE2 . GLU A 1 23  ? -4.864  8.449   -12.317 1.00 9.86  ? 23  GLU A OE2 1 
ATOM   165  N N   . LEU A 1 24  ? -3.148  4.099   -9.951  1.00 7.87  ? 24  LEU A N   1 
ATOM   166  C CA  . LEU A 1 24  ? -1.675  4.031   -9.945  1.00 7.82  ? 24  LEU A CA  1 
ATOM   167  C C   . LEU A 1 24  ? -1.150  4.996   -11.001 1.00 8.35  ? 24  LEU A C   1 
ATOM   168  O O   . LEU A 1 24  ? -1.549  4.879   -12.162 1.00 8.91  ? 24  LEU A O   1 
ATOM   169  C CB  . LEU A 1 24  ? -1.169  2.633   -10.188 1.00 7.70  ? 24  LEU A CB  1 
ATOM   170  C CG  . LEU A 1 24  ? -1.799  1.533   -9.362  1.00 7.62  ? 24  LEU A CG  1 
ATOM   171  C CD1 . LEU A 1 24  ? -1.261  0.186   -9.679  1.00 9.05  ? 24  LEU A CD1 1 
ATOM   172  C CD2 . LEU A 1 24  ? -1.725  1.723   -7.816  1.00 7.77  ? 24  LEU A CD2 1 
ATOM   173  N N   . LYS A 1 25  ? -0.306  5.928   -10.581 1.00 8.53  ? 25  LYS A N   1 
ATOM   174  C CA  . LYS A 1 25  ? 0.197   7.010   -11.431 1.00 9.50  ? 25  LYS A CA  1 
ATOM   175  C C   . LYS A 1 25  ? 1.358   6.580   -12.346 1.00 8.89  ? 25  LYS A C   1 
ATOM   176  O O   . LYS A 1 25  ? 2.478   7.086   -12.226 1.00 9.77  ? 25  LYS A O   1 
ATOM   177  C CB  . LYS A 1 25  ? 0.531   8.205   -10.587 1.00 12.15 ? 25  LYS A CB  1 
ATOM   178  C CG  . LYS A 1 25  ? -0.725  8.791   -9.883  1.00 12.56 ? 25  LYS A CG  1 
ATOM   179  C CD  . LYS A 1 25  ? -1.527  9.653   -10.791 1.00 15.82 ? 25  LYS A CD  1 
ATOM   180  C CE  . LYS A 1 25  ? -0.771  10.950  -11.024 1.00 21.15 ? 25  LYS A CE  1 
ATOM   181  N NZ  . LYS A 1 25  ? -1.401  11.760  -12.116 1.00 25.55 ? 25  LYS A NZ  1 
ATOM   182  N N   . ALA A 1 26  ? 1.021   5.696   -13.268 1.00 9.40  ? 26  ALA A N   1 
ATOM   183  C CA  . ALA A 1 26  ? 1.969   5.082   -14.253 1.00 9.75  ? 26  ALA A CA  1 
ATOM   184  C C   . ALA A 1 26  ? 2.489   6.230   -15.162 1.00 11.62 ? 26  ALA A C   1 
ATOM   185  O O   . ALA A 1 26  ? 3.603   6.147   -15.694 1.00 11.14 ? 26  ALA A O   1 
ATOM   186  C CB  . ALA A 1 26  ? 1.350   3.965   -15.035 1.00 9.72  ? 26  ALA A CB  1 
ATOM   187  N N   . ASP A 1 27  ? 1.659   7.274   -15.353 1.00 11.76 ? 27  ASP A N   1 
ATOM   188  C CA  . ASP A 1 27  ? 2.080   8.469   -16.055 1.00 13.26 ? 27  ASP A CA  1 
ATOM   189  C C   . ASP A 1 27  ? 3.240   9.276   -15.434 1.00 14.93 ? 27  ASP A C   1 
ATOM   190  O O   . ASP A 1 27  ? 3.957   10.015  -16.175 1.00 15.69 ? 27  ASP A O   1 
ATOM   191  C CB  . ASP A 1 27  ? 0.893   9.341   -16.388 1.00 15.42 ? 27  ASP A CB  1 
ATOM   192  C CG  . ASP A 1 27  ? 0.155   9.820   -15.162 1.00 18.12 ? 27  ASP A CG  1 
ATOM   193  O OD1 . ASP A 1 27  ? 0.321   9.285   -14.072 1.00 15.54 ? 27  ASP A OD1 1 
ATOM   194  O OD2 . ASP A 1 27  ? -0.558  10.830  -15.299 1.00 24.64 ? 27  ASP A OD2 1 
ATOM   195  N N   . VAL A 1 28  ? 3.489   9.143   -14.126 1.00 11.85 ? 28  VAL A N   1 
ATOM   196  C CA  . VAL A 1 28  ? 4.550   9.839   -13.434 1.00 11.36 ? 28  VAL A CA  1 
ATOM   197  C C   . VAL A 1 28  ? 5.635   8.880   -12.897 1.00 10.46 ? 28  VAL A C   1 
ATOM   198  O O   . VAL A 1 28  ? 6.802   9.186   -13.017 1.00 9.66  ? 28  VAL A O   1 
ATOM   199  C CB  . VAL A 1 28  ? 3.929   10.618  -12.222 1.00 10.66 ? 28  VAL A CB  1 
ATOM   200  C CG1 . VAL A 1 28  ? 5.003   11.358  -11.422 1.00 10.30 ? 28  VAL A CG1 1 
ATOM   201  C CG2 . VAL A 1 28  ? 2.859   11.607  -12.645 1.00 12.18 ? 28  VAL A CG2 1 
ATOM   202  N N   . VAL A 1 29  ? 5.223   7.716   -12.427 1.00 9.72  ? 29  VAL A N   1 
ATOM   203  C CA  . VAL A 1 29  ? 6.117   6.692   -11.838 1.00 9.76  ? 29  VAL A CA  1 
ATOM   204  C C   . VAL A 1 29  ? 5.817   5.322   -12.430 1.00 9.22  ? 29  VAL A C   1 
ATOM   205  O O   . VAL A 1 29  ? 5.273   4.466   -11.769 1.00 9.30  ? 29  VAL A O   1 
ATOM   206  C CB  . VAL A 1 29  ? 6.021   6.680   -10.300 1.00 9.95  ? 29  VAL A CB  1 
ATOM   207  C CG1 . VAL A 1 29  ? 6.886   7.763   -9.766  1.00 10.18 ? 29  VAL A CG1 1 
ATOM   208  C CG2 . VAL A 1 29  ? 4.599   6.821   -9.766  1.00 10.09 ? 29  VAL A CG2 1 
ATOM   209  N N   . PRO A 1 30  ? 6.147   5.136   -13.706 1.00 8.79  ? 30  PRO A N   1 
ATOM   210  C CA  . PRO A 1 30  ? 5.753   3.896   -14.349 1.00 9.06  ? 30  PRO A CA  1 
ATOM   211  C C   . PRO A 1 30  ? 6.277   2.621   -13.757 1.00 8.78  ? 30  PRO A C   1 
ATOM   212  O O   . PRO A 1 30  ? 5.580   1.629   -13.649 1.00 9.68  ? 30  PRO A O   1 
ATOM   213  C CB  . PRO A 1 30  ? 6.233   4.094   -15.805 1.00 9.05  ? 30  PRO A CB  1 
ATOM   214  C CG  . PRO A 1 30  ? 7.294   5.175   -15.745 1.00 9.75  ? 30  PRO A CG  1 
ATOM   215  C CD  . PRO A 1 30  ? 6.816   6.071   -14.642 1.00 9.47  ? 30  PRO A CD  1 
ATOM   216  N N   . LYS A 1 31  ? 7.510   2.639   -13.301 1.00 9.47  ? 31  LYS A N   1 
ATOM   217  C CA  . LYS A 1 31  ? 8.094   1.422   -12.726 1.00 9.48  ? 31  LYS A CA  1 
ATOM   218  C C   . LYS A 1 31  ? 7.518   1.046   -11.350 1.00 8.73  ? 31  LYS A C   1 
ATOM   219  O O   . LYS A 1 31  ? 7.263   -0.107  -11.114 1.00 8.34  ? 31  LYS A O   1 
ATOM   220  C CB  . LYS A 1 31  ? 9.610   1.555   -12.594 1.00 11.75 ? 31  LYS A CB  1 
ATOM   221  C CG  . LYS A 1 31  ? 10.396  1.892   -13.901 1.00 12.64 ? 31  LYS A CG  1 
ATOM   222  C CD  . LYS A 1 31  ? 11.833  2.376   -13.688 1.00 15.43 ? 31  LYS A CD  1 
ATOM   223  C CE  . LYS A 1 31  ? 12.524  2.406   -15.041 1.00 19.00 ? 31  LYS A CE  1 
ATOM   224  N NZ  . LYS A 1 31  ? 12.150  3.631   -15.760 1.00 23.05 ? 31  LYS A NZ  1 
ATOM   225  N N   . THR A 1 32  ? 7.242   2.053   -10.547 1.00 8.29  ? 32  THR A N   1 
ATOM   226  C CA  . THR A 1 32  ? 6.649   1.854   -9.174  1.00 8.40  ? 32  THR A CA  1 
ATOM   227  C C   . THR A 1 32  ? 5.173   1.426   -9.342  1.00 7.93  ? 32  THR A C   1 
ATOM   228  O O   . THR A 1 32  ? 4.682   0.515   -8.728  1.00 8.02  ? 32  THR A O   1 
ATOM   229  C CB  . THR A 1 32  ? 6.775   3.165   -8.389  1.00 8.64  ? 32  THR A CB  1 
ATOM   230  O OG1 . THR A 1 32  ? 8.147   3.590   -8.379  1.00 8.95  ? 32  THR A OG1 1 
ATOM   231  C CG2 . THR A 1 32  ? 6.344   2.974   -7.005  1.00 9.07  ? 32  THR A CG2 1 
ATOM   232  N N   . ALA A 1 33  ? 4.455   2.105   -10.211 1.00 8.33  ? 33  ALA A N   1 
ATOM   233  C CA  . ALA A 1 33  ? 3.097   1.722   -10.521 1.00 8.11  ? 33  ALA A CA  1 
ATOM   234  C C   . ALA A 1 33  ? 2.989   0.298   -11.025 1.00 8.73  ? 33  ALA A C   1 
ATOM   235  O O   . ALA A 1 33  ? 2.132   -0.449  -10.611 1.00 7.61  ? 33  ALA A O   1 
ATOM   236  C CB  . ALA A 1 33  ? 2.515   2.626   -11.580 1.00 8.90  ? 33  ALA A CB  1 
ATOM   237  N N   . GLU A 1 34  ? 3.830   -0.079  -11.998 1.00 8.59  ? 34  GLU A N   1 
ATOM   238  C CA  . GLU A 1 34  ? 3.806   -1.446  -12.576 1.00 8.81  ? 34  GLU A CA  1 
ATOM   239  C C   . GLU A 1 34  ? 4.089   -2.523  -11.516 1.00 8.30  ? 34  GLU A C   1 
ATOM   240  O O   . GLU A 1 34  ? 3.419   -3.578  -11.484 1.00 9.37  ? 34  GLU A O   1 
ATOM   241  C CB  . GLU A 1 34  ? 4.808   -1.568  -13.702 1.00 9.62  ? 34  GLU A CB  1 
ATOM   242  C CG  . GLU A 1 34  ? 4.940   -3.008  -14.282 1.00 10.85 ? 34  GLU A CG  1 
ATOM   243  C CD  . GLU A 1 34  ? 3.659   -3.558  -14.876 1.00 12.19 ? 34  GLU A CD  1 
ATOM   244  O OE1 . GLU A 1 34  ? 2.676   -2.743  -15.170 1.00 12.11 ? 34  GLU A OE1 1 
ATOM   245  O OE2 . GLU A 1 34  ? 3.615   -4.791  -15.121 1.00 12.60 ? 34  GLU A OE2 1 
ATOM   246  N N   . ASN A 1 35  ? 5.046   -2.262  -10.608 1.00 7.49  ? 35  ASN A N   1 
ATOM   247  C CA  . ASN A 1 35  ? 5.296   -3.153  -9.500  1.00 7.62  ? 35  ASN A CA  1 
ATOM   248  C C   . ASN A 1 35  ? 4.020   -3.439  -8.665  1.00 7.96  ? 35  ASN A C   1 
ATOM   249  O O   . ASN A 1 35  ? 3.604   -4.572  -8.437  1.00 8.07  ? 35  ASN A O   1 
ATOM   250  C CB  . ASN A 1 35  ? 6.376   -2.573  -8.617  1.00 8.07  ? 35  ASN A CB  1 
ATOM   251  C CG  . ASN A 1 35  ? 6.683   -3.473  -7.425  1.00 8.48  ? 35  ASN A CG  1 
ATOM   252  O OD1 . ASN A 1 35  ? 7.081   -4.626  -7.590  1.00 9.17  ? 35  ASN A OD1 1 
ATOM   253  N ND2 . ASN A 1 35  ? 6.550   -2.932  -6.238  1.00 8.04  ? 35  ASN A ND2 1 
ATOM   254  N N   . PHE A 1 36  ? 3.363   -2.365  -8.241  1.00 7.23  ? 36  PHE A N   1 
ATOM   255  C CA  . PHE A 1 36  ? 2.189   -2.540  -7.414  1.00 7.83  ? 36  PHE A CA  1 
ATOM   256  C C   . PHE A 1 36  ? 1.053   -3.241  -8.188  1.00 7.35  ? 36  PHE A C   1 
ATOM   257  O O   . PHE A 1 36  ? 0.396   -4.132  -7.664  1.00 7.26  ? 36  PHE A O   1 
ATOM   258  C CB  . PHE A 1 36  ? 1.752   -1.169  -6.906  1.00 7.88  ? 36  PHE A CB  1 
ATOM   259  C CG  . PHE A 1 36  ? 0.683   -1.230  -5.841  1.00 8.07  ? 36  PHE A CG  1 
ATOM   260  C CD1 . PHE A 1 36  ? -0.684  -1.230  -6.187  1.00 8.57  ? 36  PHE A CD1 1 
ATOM   261  C CD2 . PHE A 1 36  ? 1.034   -1.273  -4.510  1.00 8.68  ? 36  PHE A CD2 1 
ATOM   262  C CE1 . PHE A 1 36  ? -1.646  -1.246  -5.186  1.00 8.75  ? 36  PHE A CE1 1 
ATOM   263  C CE2 . PHE A 1 36  ? 0.084   -1.292  -3.510  1.00 8.70  ? 36  PHE A CE2 1 
ATOM   264  C CZ  . PHE A 1 36  ? -1.250  -1.306  -3.844  1.00 8.74  ? 36  PHE A CZ  1 
ATOM   265  N N   . ARG A 1 37  ? 0.831   -2.834  -9.452  1.00 7.25  ? 37  ARG A N   1 
ATOM   266  C CA  . ARG A 1 37  ? -0.190  -3.435  -10.322 1.00 7.44  ? 37  ARG A CA  1 
ATOM   267  C C   . ARG A 1 37  ? -0.060  -4.945  -10.457 1.00 7.81  ? 37  ARG A C   1 
ATOM   268  O O   . ARG A 1 37  ? -1.016  -5.735  -10.175 1.00 7.85  ? 37  ARG A O   1 
ATOM   269  C CB  . ARG A 1 37  ? -0.067  -2.825  -11.731 1.00 7.63  ? 37  ARG A CB  1 
ATOM   270  C CG  . ARG A 1 37  ? -1.216  -3.242  -12.648 1.00 8.35  ? 37  ARG A CG  1 
ATOM   271  C CD  . ARG A 1 37  ? -0.955  -2.994  -14.145 1.00 9.06  ? 37  ARG A CD  1 
ATOM   272  N NE  . ARG A 1 37  ? 0.115   -3.893  -14.558 1.00 9.79  ? 37  ARG A NE  1 
ATOM   273  C CZ  . ARG A 1 37  ? -0.007  -5.212  -14.688 1.00 11.77 ? 37  ARG A CZ  1 
ATOM   274  N NH1 . ARG A 1 37  ? -1.138  -5.879  -14.580 1.00 11.97 ? 37  ARG A NH1 1 
ATOM   275  N NH2 . ARG A 1 37  ? 1.107   -5.924  -14.924 1.00 12.90 ? 37  ARG A NH2 1 
ATOM   276  N N   . ALA A 1 38  ? 1.212   -5.360  -10.724 1.00 7.87  ? 38  ALA A N   1 
ATOM   277  C CA  . ALA A 1 38  ? 1.527   -6.762  -10.860 1.00 8.26  ? 38  ALA A CA  1 
ATOM   278  C C   . ALA A 1 38  ? 1.383   -7.526  -9.556  1.00 8.81  ? 38  ALA A C   1 
ATOM   279  O O   . ALA A 1 38  ? 0.924   -8.699  -9.571  1.00 10.10 ? 38  ALA A O   1 
ATOM   280  C CB  . ALA A 1 38  ? 2.918   -6.922  -11.465 1.00 8.98  ? 38  ALA A CB  1 
ATOM   281  N N   . LEU A 1 39  ? 1.717   -6.904  -8.427  1.00 8.18  ? 39  LEU A N   1 
ATOM   282  C CA  . LEU A 1 39  ? 1.519   -7.553  -7.118  1.00 8.68  ? 39  LEU A CA  1 
ATOM   283  C C   . LEU A 1 39  ? 0.070   -7.703  -6.718  1.00 8.53  ? 39  LEU A C   1 
ATOM   284  O O   . LEU A 1 39  ? -0.279  -8.618  -6.016  1.00 9.55  ? 39  LEU A O   1 
ATOM   285  C CB  . LEU A 1 39  ? 2.318   -6.825  -6.039  1.00 8.89  ? 39  LEU A CB  1 
ATOM   286  C CG  . LEU A 1 39  ? 3.850   -6.851  -6.221  1.00 10.01 ? 39  LEU A CG  1 
ATOM   287  C CD1 . LEU A 1 39  ? 4.562   -5.876  -5.259  1.00 9.80  ? 39  LEU A CD1 1 
ATOM   288  C CD2 . LEU A 1 39  ? 4.371   -8.239  -5.980  1.00 10.66 ? 39  LEU A CD2 1 
ATOM   289  N N   . CYS A 1 40  ? -0.798  -6.810  -7.230  1.00 9.19  ? 40  CYS A N   1 
ATOM   290  C CA  . CYS A 1 40  ? -2.253  -6.961  -7.051  1.00 10.31 ? 40  CYS A CA  1 
ATOM   291  C C   . CYS A 1 40  ? -2.821  -8.083  -7.910  1.00 9.93  ? 40  CYS A C   1 
ATOM   292  O O   . CYS A 1 40  ? -3.659  -8.821  -7.458  1.00 10.26 ? 40  CYS A O   1 
ATOM   293  C CB  . CYS A 1 40  ? -2.964  -5.639  -7.416  1.00 9.95  ? 40  CYS A CB  1 
ATOM   294  S SG  . CYS A 1 40  ? -2.745  -4.310  -6.219  1.00 10.66 ? 40  CYS A SG  1 
ATOM   295  N N   . THR A 1 41  ? -2.375  -8.204  -9.132  1.00 10.81 ? 41  THR A N   1 
ATOM   296  C CA  . THR A 1 41  ? -2.933  -9.281  -9.970  1.00 11.78 ? 41  THR A CA  1 
ATOM   297  C C   . THR A 1 41  ? -2.316  -10.628 -9.633  1.00 12.80 ? 41  THR A C   1 
ATOM   298  O O   . THR A 1 41  ? -2.954  -11.621 -9.900  1.00 13.22 ? 41  THR A O   1 
ATOM   299  C CB  . THR A 1 41  ? -2.696  -9.048  -11.469 1.00 11.44 ? 41  THR A CB  1 
ATOM   300  O OG1 . THR A 1 41  ? -1.262  -9.118  -11.721 1.00 10.84 ? 41  THR A OG1 1 
ATOM   301  C CG2 . THR A 1 41  ? -3.293  -7.705  -11.928 1.00 11.65 ? 41  THR A CG2 1 
ATOM   302  N N   . GLY A 1 42  ? -1.123  -10.689 -9.013  1.00 11.90 ? 42  GLY A N   1 
ATOM   303  C CA  . GLY A 1 42  ? -0.477  -11.948 -8.732  1.00 13.47 ? 42  GLY A CA  1 
ATOM   304  C C   . GLY A 1 42  ? 0.158   -12.569 -9.974  1.00 14.98 ? 42  GLY A C   1 
ATOM   305  O O   . GLY A 1 42  ? 0.577   -13.718 -9.921  1.00 15.86 ? 42  GLY A O   1 
ATOM   306  N N   . GLU A 1 43  ? 0.245   -11.825 -11.079 1.00 15.57 ? 43  GLU A N   1 
ATOM   307  C CA  . GLU A 1 43  ? 0.639   -12.410 -12.400 1.00 16.48 ? 43  GLU A CA  1 
ATOM   308  C C   . GLU A 1 43  ? 2.051   -12.913 -12.432 1.00 17.71 ? 43  GLU A C   1 
ATOM   309  O O   . GLU A 1 43  ? 2.338   -13.747 -13.261 1.00 17.88 ? 43  GLU A O   1 
ATOM   310  C CB  . GLU A 1 43  ? 0.459   -11.449 -13.530 1.00 16.58 ? 43  GLU A CB  1 
ATOM   311  C CG  . GLU A 1 43  ? 1.243   -10.165 -13.516 1.00 14.75 ? 43  GLU A CG  1 
ATOM   312  C CD  . GLU A 1 43  ? 0.607   -9.207  -14.476 1.00 17.38 ? 43  GLU A CD  1 
ATOM   313  O OE1 . GLU A 1 43  ? -0.595  -8.754  -14.247 1.00 15.74 ? 43  GLU A OE1 1 
ATOM   314  O OE2 . GLU A 1 43  ? 1.293   -8.892  -15.452 1.00 17.44 ? 43  GLU A OE2 1 
ATOM   315  N N   . LYS A 1 44  ? 2.925   -12.413 -11.553 1.00 16.42 ? 44  LYS A N   1 
ATOM   316  C CA  . LYS A 1 44  ? 4.285   -12.943 -11.463 1.00 17.51 ? 44  LYS A CA  1 
ATOM   317  C C   . LYS A 1 44  ? 4.441   -14.227 -10.608 1.00 18.69 ? 44  LYS A C   1 
ATOM   318  O O   . LYS A 1 44  ? 5.615   -14.751 -10.519 1.00 18.64 ? 44  LYS A O   1 
ATOM   319  C CB  . LYS A 1 44  ? 5.270   -11.875 -10.993 1.00 18.11 ? 44  LYS A CB  1 
ATOM   320  C CG  . LYS A 1 44  ? 5.234   -10.584 -11.738 1.00 18.75 ? 44  LYS A CG  1 
ATOM   321  C CD  . LYS A 1 44  ? 5.462   -10.711 -13.193 1.00 20.14 ? 44  LYS A CD  1 
ATOM   322  C CE  . LYS A 1 44  ? 5.756   -9.319  -13.695 1.00 21.48 ? 44  LYS A CE  1 
ATOM   323  N NZ  . LYS A 1 44  ? 5.767   -9.342  -15.146 1.00 22.36 ? 44  LYS A NZ  1 
ATOM   324  N N   . GLY A 1 45  ? 3.367   -14.715 -9.968  1.00 16.26 ? 45  GLY A N   1 
ATOM   325  C CA  . GLY A 1 45  ? 3.397   -15.887 -9.112  1.00 18.97 ? 45  GLY A CA  1 
ATOM   326  C C   . GLY A 1 45  ? 3.555   -15.580 -7.641  1.00 18.03 ? 45  GLY A C   1 
ATOM   327  O O   . GLY A 1 45  ? 3.625   -16.471 -6.811  1.00 20.40 ? 45  GLY A O   1 
ATOM   328  N N   . PHE A 1 46  ? 3.579   -14.289 -7.320  1.00 16.43 ? 46  PHE A N   1 
ATOM   329  C CA  . PHE A 1 46  ? 3.520   -13.821 -5.938  1.00 13.81 ? 46  PHE A CA  1 
ATOM   330  C C   . PHE A 1 46  ? 2.820   -12.456 -5.872  1.00 13.85 ? 46  PHE A C   1 
ATOM   331  O O   . PHE A 1 46  ? 2.667   -11.770 -6.897  1.00 11.54 ? 46  PHE A O   1 
ATOM   332  C CB  . PHE A 1 46  ? 4.908   -13.758 -5.339  1.00 14.38 ? 46  PHE A CB  1 
ATOM   333  C CG  . PHE A 1 46  ? 5.890   -12.980 -6.121  1.00 15.73 ? 46  PHE A CG  1 
ATOM   334  C CD1 . PHE A 1 46  ? 6.027   -11.609 -5.969  1.00 15.66 ? 46  PHE A CD1 1 
ATOM   335  C CD2 . PHE A 1 46  ? 6.729   -13.631 -7.012  1.00 17.51 ? 46  PHE A CD2 1 
ATOM   336  C CE1 . PHE A 1 46  ? 6.975   -10.892 -6.668  1.00 17.09 ? 46  PHE A CE1 1 
ATOM   337  C CE2 . PHE A 1 46  ? 7.650   -12.934 -7.765  1.00 18.80 ? 46  PHE A CE2 1 
ATOM   338  C CZ  . PHE A 1 46  ? 7.814   -11.578 -7.578  1.00 21.63 ? 46  PHE A CZ  1 
ATOM   339  N N   . GLY A 1 47  ? 2.401   -12.084 -4.657  1.00 13.64 ? 47  GLY A N   1 
ATOM   340  C CA  . GLY A 1 47  ? 1.763   -10.805 -4.491  1.00 11.89 ? 47  GLY A CA  1 
ATOM   341  C C   . GLY A 1 47  ? 1.022   -10.620 -3.231  1.00 11.30 ? 47  GLY A C   1 
ATOM   342  O O   . GLY A 1 47  ? 1.182   -11.372 -2.261  1.00 11.63 ? 47  GLY A O   1 
ATOM   343  N N   . TYR A 1 48  ? 0.131   -9.650  -3.245  1.00 9.99  ? 48  TYR A N   1 
ATOM   344  C CA  . TYR A 1 48  ? -0.542  -9.226  -2.015  1.00 9.04  ? 48  TYR A CA  1 
ATOM   345  C C   . TYR A 1 48  ? -1.666  -10.087 -1.533  1.00 10.28 ? 48  TYR A C   1 
ATOM   346  O O   . TYR A 1 48  ? -2.013  -10.041 -0.341  1.00 10.86 ? 48  TYR A O   1 
ATOM   347  C CB  . TYR A 1 48  ? -1.101  -7.826  -2.256  1.00 8.88  ? 48  TYR A CB  1 
ATOM   348  C CG  . TYR A 1 48  ? -0.056  -6.769  -2.493  1.00 7.86  ? 48  TYR A CG  1 
ATOM   349  C CD1 . TYR A 1 48  ? 1.132   -6.721  -1.758  1.00 7.66  ? 48  TYR A CD1 1 
ATOM   350  C CD2 . TYR A 1 48  ? -0.224  -5.784  -3.458  1.00 8.05  ? 48  TYR A CD2 1 
ATOM   351  C CE1 . TYR A 1 48  ? 2.052   -5.682  -1.938  1.00 7.70  ? 48  TYR A CE1 1 
ATOM   352  C CE2 . TYR A 1 48  ? 0.704   -4.731  -3.645  1.00 7.64  ? 48  TYR A CE2 1 
ATOM   353  C CZ  . TYR A 1 48  ? 1.876   -4.720  -2.914  1.00 7.19  ? 48  TYR A CZ  1 
ATOM   354  O OH  . TYR A 1 48  ? 2.772   -3.696  -3.077  1.00 7.95  ? 48  TYR A OH  1 
ATOM   355  N N   . LYS A 1 49  ? -2.266  -10.912 -2.392  1.00 10.69 ? 49  LYS A N   1 
ATOM   356  C CA  . LYS A 1 49  ? -3.474  -11.669 -1.955  1.00 12.06 ? 49  LYS A CA  1 
ATOM   357  C C   . LYS A 1 49  ? -3.112  -12.573 -0.741  1.00 11.81 ? 49  LYS A C   1 
ATOM   358  O O   . LYS A 1 49  ? -2.124  -13.284 -0.809  1.00 11.62 ? 49  LYS A O   1 
ATOM   359  C CB  . LYS A 1 49  ? -4.019  -12.520 -3.121  1.00 13.56 ? 49  LYS A CB  1 
ATOM   360  C CG  . LYS A 1 49  ? -5.341  -13.193 -2.786  1.00 16.17 ? 49  LYS A CG  1 
ATOM   361  C CD  . LYS A 1 49  ? -5.922  -13.887 -4.029  1.00 18.93 ? 49  LYS A CD  1 
ATOM   362  C CE  . LYS A 1 49  ? -7.222  -14.516 -3.638  1.00 23.83 ? 49  LYS A CE  1 
ATOM   363  N NZ  . LYS A 1 49  ? -8.181  -14.563 -4.755  1.00 28.26 ? 49  LYS A NZ  1 
ATOM   364  N N   . GLY A 1 50  ? -3.882  -12.527 0.332   1.00 12.03 ? 50  GLY A N   1 
ATOM   365  C CA  . GLY A 1 50  ? -3.651  -13.316 1.494   1.00 14.80 ? 50  GLY A CA  1 
ATOM   366  C C   . GLY A 1 50  ? -2.692  -12.684 2.508   1.00 17.03 ? 50  GLY A C   1 
ATOM   367  O O   . GLY A 1 50  ? -2.538  -13.220 3.600   1.00 19.04 ? 50  GLY A O   1 
ATOM   368  N N   . SER A 1 51  ? -2.131  -11.505 2.205   1.00 14.59 ? 51  SER A N   1 
ATOM   369  C CA  . SER A 1 51  ? -1.237  -10.822 3.155   1.00 13.69 ? 51  SER A CA  1 
ATOM   370  C C   . SER A 1 51  ? -2.003  -9.789  3.986   1.00 11.96 ? 51  SER A C   1 
ATOM   371  O O   . SER A 1 51  ? -3.211  -9.708  3.904   1.00 11.84 ? 51  SER A O   1 
ATOM   372  C CB  . SER A 1 51  ? -0.024  -10.282 2.394   1.00 12.87 ? 51  SER A CB  1 
ATOM   373  O OG  . SER A 1 51  ? -0.357  -9.262  1.493   1.00 12.41 ? 51  SER A OG  1 
ATOM   374  N N   . THR A 1 52  ? -1.300  -9.041  4.849   1.00 11.17 ? 52  THR A N   1 
ATOM   375  C CA  . THR A 1 52  ? -1.940  -8.285  5.929   1.00 11.21 ? 52  THR A CA  1 
ATOM   376  C C   . THR A 1 52  ? -1.526  -6.791  5.898   1.00 9.70  ? 52  THR A C   1 
ATOM   377  O O   . THR A 1 52  ? -0.505  -6.411  5.274   1.00 11.29 ? 52  THR A O   1 
ATOM   378  C CB  . THR A 1 52  ? -1.564  -8.840  7.332   1.00 10.97 ? 52  THR A CB  1 
ATOM   379  O OG1 . THR A 1 52  ? -0.192  -8.470  7.592   1.00 11.47 ? 52  THR A OG1 1 
ATOM   380  C CG2 . THR A 1 52  ? -1.791  -10.332 7.399   1.00 11.60 ? 52  THR A CG2 1 
ATOM   381  N N   . PHE A 1 53  ? -2.345  -5.968  6.580   1.00 10.42 ? 53  PHE A N   1 
ATOM   382  C CA  . PHE A 1 53  ? -1.926  -4.632  7.048   1.00 10.01 ? 53  PHE A CA  1 
ATOM   383  C C   . PHE A 1 53  ? -1.269  -4.946  8.393   1.00 11.01 ? 53  PHE A C   1 
ATOM   384  O O   . PHE A 1 53  ? -1.956  -5.233  9.344   1.00 11.65 ? 53  PHE A O   1 
ATOM   385  C CB  . PHE A 1 53  ? -3.072  -3.617  7.165   1.00 10.05 ? 53  PHE A CB  1 
ATOM   386  C CG  . PHE A 1 53  ? -3.509  -3.049  5.851   1.00 9.89  ? 53  PHE A CG  1 
ATOM   387  C CD1 . PHE A 1 53  ? -4.264  -3.797  4.976   1.00 10.54 ? 53  PHE A CD1 1 
ATOM   388  C CD2 . PHE A 1 53  ? -3.087  -1.765  5.440   1.00 9.18  ? 53  PHE A CD2 1 
ATOM   389  C CE1 . PHE A 1 53  ? -4.622  -3.298  3.690   1.00 9.16  ? 53  PHE A CE1 1 
ATOM   390  C CE2 . PHE A 1 53  ? -3.493  -1.254  4.228   1.00 9.71  ? 53  PHE A CE2 1 
ATOM   391  C CZ  . PHE A 1 53  ? -4.188  -2.032  3.325   1.00 9.64  ? 53  PHE A CZ  1 
ATOM   392  N N   . HIS A 1 54  ? 0.034   -4.826  8.453   1.00 11.73 ? 54  HIS A N   1 
ATOM   393  C CA  . HIS A 1 54  ? 0.794   -5.214  9.652   1.00 11.86 ? 54  HIS A CA  1 
ATOM   394  C C   . HIS A 1 54  ? 1.052   -4.026  10.564  1.00 13.78 ? 54  HIS A C   1 
ATOM   395  O O   . HIS A 1 54  ? 1.485   -4.265  11.695  1.00 13.15 ? 54  HIS A O   1 
ATOM   396  C CB  . HIS A 1 54  ? 2.145   -5.883  9.307   1.00 11.47 ? 54  HIS A CB  1 
ATOM   397  C CG  . HIS A 1 54  ? 3.150   -4.961  8.661   1.00 11.93 ? 54  HIS A CG  1 
ATOM   398  N ND1 . HIS A 1 54  ? 3.168   -4.724  7.300   1.00 12.49 ? 54  HIS A ND1 1 
ATOM   399  C CD2 . HIS A 1 54  ? 4.133   -4.194  9.175   1.00 11.22 ? 54  HIS A CD2 1 
ATOM   400  C CE1 . HIS A 1 54  ? 4.130   -3.880  7.002   1.00 12.45 ? 54  HIS A CE1 1 
ATOM   401  N NE2 . HIS A 1 54  ? 4.681   -3.481  8.134   1.00 11.78 ? 54  HIS A NE2 1 
ATOM   402  N N   . ARG A 1 55  ? 0.949   -2.773  10.060  1.00 11.96 ? 55  ARG A N   1 
ATOM   403  C CA  . ARG A 1 55  ? 1.248   -1.620  10.855  1.00 12.90 ? 55  ARG A CA  1 
ATOM   404  C C   . ARG A 1 55  ? 0.258   -0.526  10.560  1.00 12.36 ? 55  ARG A C   1 
ATOM   405  O O   . ARG A 1 55  ? 0.260   0.016   9.465   1.00 12.02 ? 55  ARG A O   1 
ATOM   406  C CB  . ARG A 1 55  ? 2.640   -1.118  10.614  1.00 13.65 ? 55  ARG A CB  1 
ATOM   407  C CG  . ARG A 1 55  ? 3.060   0.000   11.515  1.00 15.82 ? 55  ARG A CG  1 
ATOM   408  C CD  . ARG A 1 55  ? 4.572   0.073   11.622  1.00 21.03 ? 55  ARG A CD  1 
ATOM   409  N NE  . ARG A 1 55  ? 4.962   1.007   10.661  1.00 21.01 ? 55  ARG A NE  1 
ATOM   410  C CZ  . ARG A 1 55  ? 5.287   2.289   10.764  1.00 19.20 ? 55  ARG A CZ  1 
ATOM   411  N NH1 . ARG A 1 55  ? 5.581   2.996   9.622   1.00 15.67 ? 55  ARG A NH1 1 
ATOM   412  N NH2 . ARG A 1 55  ? 5.402   2.867   11.878  1.00 24.77 ? 55  ARG A NH2 1 
ATOM   413  N N   . VAL A 1 56  ? -0.601  -0.234  11.529  1.00 10.09 ? 56  VAL A N   1 
ATOM   414  C CA  . VAL A 1 56  ? -1.667  0.702   11.302  1.00 10.61 ? 56  VAL A CA  1 
ATOM   415  C C   . VAL A 1 56  ? -1.662  1.698   12.485  1.00 10.48 ? 56  VAL A C   1 
ATOM   416  O O   . VAL A 1 56  ? -1.796  1.271   13.640  1.00 11.51 ? 56  VAL A O   1 
ATOM   417  C CB  . VAL A 1 56  ? -2.999  -0.041  11.194  1.00 10.31 ? 56  VAL A CB  1 
ATOM   418  C CG1 . VAL A 1 56  ? -4.176  0.931   11.039  1.00 11.00 ? 56  VAL A CG1 1 
ATOM   419  C CG2 . VAL A 1 56  ? -2.995  -1.017  9.995   1.00 10.90 ? 56  VAL A CG2 1 
ATOM   420  N N   . ILE A 1 57  ? -1.398  2.978   12.204  1.00 9.12  ? 57  ILE A N   1 
ATOM   421  C CA  . ILE A 1 57  ? -1.287  3.998   13.227  1.00 9.72  ? 57  ILE A CA  1 
ATOM   422  C C   . ILE A 1 57  ? -2.380  4.991   13.009  1.00 10.95 ? 57  ILE A C   1 
ATOM   423  O O   . ILE A 1 57  ? -2.335  5.760   11.961  1.00 10.40 ? 57  ILE A O   1 
ATOM   424  C CB  . ILE A 1 57  ? 0.089   4.654   13.266  1.00 10.58 ? 57  ILE A CB  1 
ATOM   425  C CG1 . ILE A 1 57  ? 1.194   3.606   13.587  1.00 10.40 ? 57  ILE A CG1 1 
ATOM   426  C CG2 . ILE A 1 57  ? 0.093   5.841   14.219  1.00 10.87 ? 57  ILE A CG2 1 
ATOM   427  C CD1 . ILE A 1 57  ? 2.563   4.142   13.390  1.00 10.03 ? 57  ILE A CD1 1 
ATOM   428  N N   . PRO A 1 58  ? -3.357  5.061   13.963  1.00 11.02 ? 58  PRO A N   1 
ATOM   429  C CA  . PRO A 1 58  ? -4.439  6.066   13.734  1.00 11.01 ? 58  PRO A CA  1 
ATOM   430  C C   . PRO A 1 58  ? -3.921  7.459   13.635  1.00 11.57 ? 58  PRO A C   1 
ATOM   431  O O   . PRO A 1 58  ? -2.890  7.844   14.229  1.00 11.02 ? 58  PRO A O   1 
ATOM   432  C CB  . PRO A 1 58  ? -5.428  5.817   14.931  1.00 12.55 ? 58  PRO A CB  1 
ATOM   433  C CG  . PRO A 1 58  ? -5.125  4.373   15.413  1.00 11.80 ? 58  PRO A CG  1 
ATOM   434  C CD  . PRO A 1 58  ? -3.692  4.111   15.070  1.00 11.65 ? 58  PRO A CD  1 
ATOM   435  N N   . SER A 1 59  ? -4.589  8.275   12.801  1.00 11.92 ? 59  SER A N   1 
ATOM   436  C CA  . SER A 1 59  ? -4.132  9.636   12.527  1.00 12.21 ? 59  SER A CA  1 
ATOM   437  C C   . SER A 1 59  ? -2.814  9.703   11.823  1.00 11.20 ? 59  SER A C   1 
ATOM   438  O O   . SER A 1 59  ? -2.096  10.654  11.950  1.00 11.55 ? 59  SER A O   1 
ATOM   439  C CB  . SER A 1 59  ? -4.161  10.529  13.777  1.00 15.22 ? 59  SER A CB  1 
ATOM   440  O OG  . SER A 1 59  ? -5.492  10.523  14.290  1.00 17.29 ? 59  SER A OG  1 
ATOM   441  N N   . PHE A 1 60  ? -2.449  8.635   11.102  1.00 11.27 ? 60  PHE A N   1 
ATOM   442  C CA  . PHE A 1 60  ? -1.219  8.665   10.355  1.00 10.68 ? 60  PHE A CA  1 
ATOM   443  C C   . PHE A 1 60  ? -1.335  7.901   9.015   1.00 9.88  ? 60  PHE A C   1 
ATOM   444  O O   . PHE A 1 60  ? -1.520  8.529   7.954   1.00 9.02  ? 60  PHE A O   1 
ATOM   445  C CB  . PHE A 1 60  ? -0.050  8.126   11.251  1.00 9.83  ? 60  PHE A CB  1 
ATOM   446  C CG  . PHE A 1 60  ? 1.314   8.056   10.574  1.00 9.99  ? 60  PHE A CG  1 
ATOM   447  C CD1 . PHE A 1 60  ? 1.636   8.822   9.421   1.00 9.77  ? 60  PHE A CD1 1 
ATOM   448  C CD2 . PHE A 1 60  ? 2.326   7.285   11.127  1.00 9.94  ? 60  PHE A CD2 1 
ATOM   449  C CE1 . PHE A 1 60  ? 2.876   8.734   8.825   1.00 10.30 ? 60  PHE A CE1 1 
ATOM   450  C CE2 . PHE A 1 60  ? 3.587   7.229   10.533  1.00 9.71  ? 60  PHE A CE2 1 
ATOM   451  C CZ  . PHE A 1 60  ? 3.894   7.988   9.418   1.00 9.54  ? 60  PHE A CZ  1 
ATOM   452  N N   . MET A 1 61  ? -1.318  6.560   9.124   1.00 9.37  ? 61  MET A N   1 
ATOM   453  C CA  . MET A 1 61  ? -1.322  5.678   7.927   1.00 9.49  ? 61  MET A CA  1 
ATOM   454  C C   . MET A 1 61  ? -1.575  4.217   8.214   1.00 10.22 ? 61  MET A C   1 
ATOM   455  O O   . MET A 1 61  ? -1.518  3.798   9.375   1.00 10.46 ? 61  MET A O   1 
ATOM   456  C CB  . MET A 1 61  ? -0.063  5.864   7.058   1.00 9.22  ? 61  MET A CB  1 
ATOM   457  C CG  . MET A 1 61  ? 1.200   5.521   7.827   1.00 9.67  ? 61  MET A CG  1 
ATOM   458  S SD  . MET A 1 61  ? 1.554   3.754   7.760   1.00 9.61  ? 61  MET A SD  1 
ATOM   459  C CE  . MET A 1 61  ? 1.897   3.324   9.505   1.00 9.80  ? 61  MET A CE  1 
ATOM   460  N N   . CYS A 1 62  ? -1.963  3.475   7.161   1.00 8.49  ? 62  CYS A N   1 
ATOM   461  C CA  . CYS A 1 62  ? -2.156  2.079   7.222   1.00 9.02  ? 62  CYS A CA  1 
ATOM   462  C C   . CYS A 1 62  ? -1.127  1.459   6.321   1.00 8.89  ? 62  CYS A C   1 
ATOM   463  O O   . CYS A 1 62  ? -1.157  1.782   5.120   1.00 8.12  ? 62  CYS A O   1 
ATOM   464  C CB  . CYS A 1 62  ? -3.534  1.726   6.642   1.00 9.58  ? 62  CYS A CB  1 
ATOM   465  S SG  . CYS A 1 62  ? -4.923  2.551   7.532   1.00 10.17 ? 62  CYS A SG  1 
ATOM   466  N N   . GLN A 1 63  ? -0.298  0.528   6.841   1.00 9.10  ? 63  GLN A N   1 
ATOM   467  C CA  . GLN A 1 63  ? 0.843   -0.002  6.098   1.00 8.99  ? 63  GLN A CA  1 
ATOM   468  C C   . GLN A 1 63  ? 0.665   -1.511  5.847   1.00 8.80  ? 63  GLN A C   1 
ATOM   469  O O   . GLN A 1 63  ? 0.243   -2.253  6.738   1.00 8.84  ? 63  GLN A O   1 
ATOM   470  C CB  . GLN A 1 63  ? 2.146   0.246   6.847   1.00 9.44  ? 63  GLN A CB  1 
ATOM   471  C CG  . GLN A 1 63  ? 3.414   -0.159  6.079   1.00 10.75 ? 63  GLN A CG  1 
ATOM   472  C CD  . GLN A 1 63  ? 4.674   0.277   6.764   1.00 12.04 ? 63  GLN A CD  1 
ATOM   473  O OE1 . GLN A 1 63  ? 4.658   1.271   7.484   1.00 13.90 ? 63  GLN A OE1 1 
ATOM   474  N NE2 . GLN A 1 63  ? 5.786   -0.427  6.506   1.00 12.35 ? 63  GLN A NE2 1 
ATOM   475  N N   . ALA A 1 64  ? 1.019   -1.938  4.659   1.00 8.15  ? 64  ALA A N   1 
ATOM   476  C CA  . ALA A 1 64  ? 0.842   -3.315  4.225   1.00 7.61  ? 64  ALA A CA  1 
ATOM   477  C C   . ALA A 1 64  ? 1.968   -3.696  3.289   1.00 8.07  ? 64  ALA A C   1 
ATOM   478  O O   . ALA A 1 64  ? 2.946   -2.940  3.084   1.00 7.73  ? 64  ALA A O   1 
ATOM   479  C CB  . ALA A 1 64  ? -0.527  -3.478  3.583   1.00 7.69  ? 64  ALA A CB  1 
ATOM   480  N N   . GLY A 1 65  ? 1.819   -4.869  2.711   1.00 8.16  ? 65  GLY A N   1 
ATOM   481  C CA  . GLY A 1 65  ? 2.648   -5.319  1.553   1.00 8.47  ? 65  GLY A CA  1 
ATOM   482  C C   . GLY A 1 65  ? 3.788   -6.230  1.926   1.00 8.71  ? 65  GLY A C   1 
ATOM   483  O O   . GLY A 1 65  ? 4.566   -6.598  1.066   1.00 9.11  ? 65  GLY A O   1 
ATOM   484  N N   . ASP A 1 66  ? 3.954   -6.513  3.217   1.00 9.72  ? 66  ASP A N   1 
ATOM   485  C CA  . ASP A 1 66  ? 5.002   -7.492  3.613   1.00 10.89 ? 66  ASP A CA  1 
ATOM   486  C C   . ASP A 1 66  ? 4.420   -8.899  3.512   1.00 11.71 ? 66  ASP A C   1 
ATOM   487  O O   . ASP A 1 66  ? 3.975   -9.510  4.488   1.00 10.51 ? 66  ASP A O   1 
ATOM   488  C CB  . ASP A 1 66  ? 5.583   -7.257  4.984   1.00 11.11 ? 66  ASP A CB  1 
ATOM   489  C CG  . ASP A 1 66  ? 6.637   -8.283  5.321   1.00 11.96 ? 66  ASP A CG  1 
ATOM   490  O OD1 . ASP A 1 66  ? 6.877   -9.208  4.512   1.00 11.81 ? 66  ASP A OD1 1 
ATOM   491  O OD2 . ASP A 1 66  ? 7.224   -8.186  6.419   1.00 12.97 ? 66  ASP A OD2 1 
ATOM   492  N N   . PHE A 1 67  ? 4.418   -9.407  2.285   1.00 12.28 ? 67  PHE A N   1 
ATOM   493  C CA  . PHE A 1 67  ? 3.744   -10.660 2.012   1.00 12.61 ? 67  PHE A CA  1 
ATOM   494  C C   . PHE A 1 67  ? 4.654   -11.891 2.285   1.00 14.52 ? 67  PHE A C   1 
ATOM   495  O O   . PHE A 1 67  ? 4.188   -13.061 2.032   1.00 14.80 ? 67  PHE A O   1 
ATOM   496  C CB  . PHE A 1 67  ? 3.088   -10.738 0.592   1.00 11.97 ? 67  PHE A CB  1 
ATOM   497  C CG  . PHE A 1 67  ? 4.042   -10.536 -0.525  1.00 11.93 ? 67  PHE A CG  1 
ATOM   498  C CD1 . PHE A 1 67  ? 4.831   -11.582 -0.977  1.00 12.82 ? 67  PHE A CD1 1 
ATOM   499  C CD2 . PHE A 1 67  ? 4.146   -9.327  -1.140  1.00 11.05 ? 67  PHE A CD2 1 
ATOM   500  C CE1 . PHE A 1 67  ? 5.756   -11.346 -2.033  1.00 12.13 ? 67  PHE A CE1 1 
ATOM   501  C CE2 . PHE A 1 67  ? 5.058   -9.111  -2.196  1.00 11.94 ? 67  PHE A CE2 1 
ATOM   502  C CZ  . PHE A 1 67  ? 5.859   -10.108 -2.615  1.00 10.60 ? 67  PHE A CZ  1 
ATOM   503  N N   . THR A 1 68  ? 5.904   -11.665 2.678   1.00 16.21 ? 68  THR A N   1 
ATOM   504  C CA  . THR A 1 68  ? 6.801   -12.802 3.039   1.00 17.46 ? 68  THR A CA  1 
ATOM   505  C C   . THR A 1 68  ? 6.849   -13.072 4.551   1.00 20.91 ? 68  THR A C   1 
ATOM   506  O O   . THR A 1 68  ? 6.769   -14.253 5.021   1.00 19.33 ? 68  THR A O   1 
ATOM   507  C CB  . THR A 1 68  ? 8.194   -12.625 2.443   1.00 16.60 ? 68  THR A CB  1 
ATOM   508  O OG1 . THR A 1 68  ? 8.820   -11.421 2.852   1.00 18.43 ? 68  THR A OG1 1 
ATOM   509  C CG2 . THR A 1 68  ? 8.110   -12.458 0.904   1.00 17.97 ? 68  THR A CG2 1 
ATOM   510  N N   . ASN A 1 69  ? 6.965   -11.992 5.328   1.00 15.85 ? 69  ASN A N   1 
ATOM   511  C CA  . ASN A 1 69  ? 7.190   -12.101 6.769   1.00 17.42 ? 69  ASN A CA  1 
ATOM   512  C C   . ASN A 1 69  ? 6.081   -11.503 7.572   1.00 17.58 ? 69  ASN A C   1 
ATOM   513  O O   . ASN A 1 69  ? 6.025   -11.695 8.786   1.00 17.14 ? 69  ASN A O   1 
ATOM   514  C CB  . ASN A 1 69  ? 8.515   -11.441 7.114   1.00 17.28 ? 69  ASN A CB  1 
ATOM   515  C CG  . ASN A 1 69  ? 9.737   -12.211 6.631   1.00 20.66 ? 69  ASN A CG  1 
ATOM   516  O OD1 . ASN A 1 69  ? 9.639   -13.368 6.255   1.00 26.59 ? 69  ASN A OD1 1 
ATOM   517  N ND2 . ASN A 1 69  ? 10.866  -11.550 6.586   1.00 21.26 ? 69  ASN A ND2 1 
ATOM   518  N N   . HIS A 1 70  ? 5.166   -10.752 6.949   1.00 14.08 ? 70  HIS A N   1 
ATOM   519  C CA  . HIS A 1 70  ? 3.965   -10.324 7.628   1.00 15.10 ? 70  HIS A CA  1 
ATOM   520  C C   . HIS A 1 70  ? 4.216   -9.436  8.863   1.00 13.38 ? 70  HIS A C   1 
ATOM   521  O O   . HIS A 1 70  ? 3.327   -9.330  9.723   1.00 12.76 ? 70  HIS A O   1 
ATOM   522  C CB  . HIS A 1 70  ? 3.112   -11.509 8.000   1.00 17.31 ? 70  HIS A CB  1 
ATOM   523  C CG  . HIS A 1 70  ? 2.902   -12.418 6.845   1.00 18.31 ? 70  HIS A CG  1 
ATOM   524  N ND1 . HIS A 1 70  ? 2.065   -12.057 5.806   1.00 17.39 ? 70  HIS A ND1 1 
ATOM   525  C CD2 . HIS A 1 70  ? 3.462   -13.609 6.499   1.00 19.78 ? 70  HIS A CD2 1 
ATOM   526  C CE1 . HIS A 1 70  ? 2.055   -13.028 4.907   1.00 18.97 ? 70  HIS A CE1 1 
ATOM   527  N NE2 . HIS A 1 70  ? 2.886   -13.978 5.296   1.00 18.60 ? 70  HIS A NE2 1 
ATOM   528  N N   . ASN A 1 71  ? 5.315   -8.703  8.840   1.00 13.13 ? 71  ASN A N   1 
ATOM   529  C CA  . ASN A 1 71  ? 5.667   -7.860  9.989   1.00 12.89 ? 71  ASN A CA  1 
ATOM   530  C C   . ASN A 1 71  ? 6.537   -6.652  9.714   1.00 13.30 ? 71  ASN A C   1 
ATOM   531  O O   . ASN A 1 71  ? 7.031   -6.042  10.698  1.00 13.41 ? 71  ASN A O   1 
ATOM   532  C CB  . ASN A 1 71  ? 6.320   -8.762  11.048  1.00 14.48 ? 71  ASN A CB  1 
ATOM   533  C CG  . ASN A 1 71  ? 7.637   -9.333  10.603  1.00 15.00 ? 71  ASN A CG  1 
ATOM   534  O OD1 . ASN A 1 71  ? 8.217   -8.971  9.570   1.00 15.28 ? 71  ASN A OD1 1 
ATOM   535  N ND2 . ASN A 1 71  ? 8.160   -10.247 11.419  1.00 18.48 ? 71  ASN A ND2 1 
ATOM   536  N N   . GLY A 1 72  ? 6.799   -6.278  8.439   1.00 11.20 ? 72  GLY A N   1 
ATOM   537  C CA  . GLY A 1 72  ? 7.637   -5.118  8.165   1.00 11.24 ? 72  GLY A CA  1 
ATOM   538  C C   . GLY A 1 72  ? 9.082   -5.403  7.831   1.00 12.11 ? 72  GLY A C   1 
ATOM   539  O O   . GLY A 1 72  ? 9.836   -4.485  7.395   1.00 14.04 ? 72  GLY A O   1 
ATOM   540  N N   . THR A 1 73  ? 9.505   -6.676  8.034   1.00 12.92 ? 73  THR A N   1 
ATOM   541  C CA  . THR A 1 73  ? 10.887  -7.028  7.721   1.00 13.16 ? 73  THR A CA  1 
ATOM   542  C C   . THR A 1 73  ? 11.092  -7.589  6.319   1.00 16.03 ? 73  THR A C   1 
ATOM   543  O O   . THR A 1 73  ? 12.251  -7.808  5.912   1.00 15.45 ? 73  THR A O   1 
ATOM   544  C CB  . THR A 1 73  ? 11.427  -8.090  8.726   1.00 15.42 ? 73  THR A CB  1 
ATOM   545  O OG1 . THR A 1 73  ? 10.686  -9.300  8.614   1.00 12.71 ? 73  THR A OG1 1 
ATOM   546  C CG2 . THR A 1 73  ? 11.248  -7.608  10.150  1.00 16.51 ? 73  THR A CG2 1 
ATOM   547  N N   . GLY A 1 74  ? 10.002  -7.927  5.601   1.00 14.91 ? 74  GLY A N   1 
ATOM   548  C CA  . GLY A 1 74  ? 10.151  -8.564  4.273   1.00 15.46 ? 74  GLY A CA  1 
ATOM   549  C C   . GLY A 1 74  ? 9.462   -7.836  3.127   1.00 15.74 ? 74  GLY A C   1 
ATOM   550  O O   . GLY A 1 74  ? 9.389   -6.633  3.126   1.00 16.50 ? 74  GLY A O   1 
ATOM   551  N N   . GLY A 1 75  ? 8.911   -8.632  2.207   1.00 16.93 ? 75  GLY A N   1 
ATOM   552  C CA  . GLY A 1 75  ? 8.449   -8.143  0.900   1.00 15.60 ? 75  GLY A CA  1 
ATOM   553  C C   . GLY A 1 75  ? 9.519   -8.182  -0.146  1.00 15.51 ? 75  GLY A C   1 
ATOM   554  O O   . GLY A 1 75  ? 10.743  -8.311  0.158   1.00 14.11 ? 75  GLY A O   1 
ATOM   555  N N   . LYS A 1 76  ? 9.097   -8.059  -1.394  1.00 13.46 ? 76  LYS A N   1 
ATOM   556  C CA  . LYS A 1 76  ? 10.049  -7.995  -2.538  1.00 12.97 ? 76  LYS A CA  1 
ATOM   557  C C   . LYS A 1 76  ? 9.279   -7.458  -3.698  1.00 11.79 ? 76  LYS A C   1 
ATOM   558  O O   . LYS A 1 76  ? 8.025   -7.581  -3.743  1.00 9.39  ? 76  LYS A O   1 
ATOM   559  C CB  . LYS A 1 76  ? 10.610  -9.353  -2.879  1.00 13.74 ? 76  LYS A CB  1 
ATOM   560  C CG  . LYS A 1 76  ? 9.581   -10.386 -3.278  1.00 16.47 ? 76  LYS A CG  1 
ATOM   561  C CD  . LYS A 1 76  ? 10.124  -11.788 -3.495  1.00 19.55 ? 76  LYS A CD  1 
ATOM   562  C CE  . LYS A 1 76  ? 9.037   -12.760 -3.805  1.00 20.59 ? 76  LYS A CE  1 
ATOM   563  N NZ  . LYS A 1 76  ? 9.712   -13.998 -4.337  1.00 23.93 ? 76  LYS A NZ  1 
ATOM   564  N N   . SER A 1 77  ? 10.001  -6.911  -4.655  1.00 9.88  ? 77  SER A N   1 
ATOM   565  C CA  . SER A 1 77  ? 9.356   -6.403  -5.857  1.00 10.32 ? 77  SER A CA  1 
ATOM   566  C C   . SER A 1 77  ? 9.307   -7.412  -6.996  1.00 9.86  ? 77  SER A C   1 
ATOM   567  O O   . SER A 1 77  ? 9.937   -8.519  -6.989  1.00 9.03  ? 77  SER A O   1 
ATOM   568  C CB  . SER A 1 77  ? 10.050  -5.147  -6.308  1.00 10.64 ? 77  SER A CB  1 
ATOM   569  O OG  . SER A 1 77  ? 11.244  -5.381  -7.040  1.00 11.89 ? 77  SER A OG  1 
ATOM   570  N N   . ILE A 1 78  ? 8.625   -7.021  -8.061  1.00 9.08  ? 78  ILE A N   1 
ATOM   571  C CA  . ILE A 1 78  ? 8.589   -7.886  -9.253  1.00 9.11  ? 78  ILE A CA  1 
ATOM   572  C C   . ILE A 1 78  ? 9.946   -7.858  -9.980  1.00 10.82 ? 78  ILE A C   1 
ATOM   573  O O   . ILE A 1 78  ? 10.166  -8.721  -10.879 1.00 10.42 ? 78  ILE A O   1 
ATOM   574  C CB  . ILE A 1 78  ? 7.484   -7.386  -10.244 1.00 9.77  ? 78  ILE A CB  1 
ATOM   575  C CG1 . ILE A 1 78  ? 7.773   -6.002  -10.849 1.00 9.80  ? 78  ILE A CG1 1 
ATOM   576  C CG2 . ILE A 1 78  ? 6.163   -7.439  -9.545  1.00 9.59  ? 78  ILE A CG2 1 
ATOM   577  C CD1 . ILE A 1 78  ? 6.802   -5.672  -12.038 1.00 10.36 ? 78  ILE A CD1 1 
ATOM   578  N N   . TYR A 1 79  ? 10.815  -6.929  -9.599  1.00 9.52  ? 79  TYR A N   1 
ATOM   579  C CA  . TYR A 1 79  ? 12.115  -6.717  -10.230 1.00 10.11 ? 79  TYR A CA  1 
ATOM   580  C C   . TYR A 1 79  ? 13.250  -7.514  -9.552  1.00 11.11 ? 79  TYR A C   1 
ATOM   581  O O   . TYR A 1 79  ? 14.256  -7.816  -10.217 1.00 12.18 ? 79  TYR A O   1 
ATOM   582  C CB  . TYR A 1 79  ? 12.548  -5.265  -10.328 1.00 9.34  ? 79  TYR A CB  1 
ATOM   583  C CG  . TYR A 1 79  ? 11.453  -4.375  -10.909 1.00 9.08  ? 79  TYR A CG  1 
ATOM   584  C CD1 . TYR A 1 79  ? 11.021  -4.554  -12.214 1.00 9.21  ? 79  TYR A CD1 1 
ATOM   585  C CD2 . TYR A 1 79  ? 10.838  -3.404  -10.138 1.00 9.07  ? 79  TYR A CD2 1 
ATOM   586  C CE1 . TYR A 1 79  ? 10.018  -3.786  -12.744 1.00 9.18  ? 79  TYR A CE1 1 
ATOM   587  C CE2 . TYR A 1 79  ? 9.804   -2.561  -10.673 1.00 9.25  ? 79  TYR A CE2 1 
ATOM   588  C CZ  . TYR A 1 79  ? 9.386   -2.760  -11.952 1.00 9.49  ? 79  TYR A CZ  1 
ATOM   589  O OH  . TYR A 1 79  ? 8.407   -2.007  -12.592 1.00 9.57  ? 79  TYR A OH  1 
ATOM   590  N N   . GLY A 1 80  ? 13.050  -7.879  -8.299  1.00 9.88  ? 80  GLY A N   1 
ATOM   591  C CA  . GLY A 1 80  ? 14.128  -8.297  -7.408  1.00 10.49 ? 80  GLY A CA  1 
ATOM   592  C C   . GLY A 1 80  ? 13.776  -7.855  -6.009  1.00 11.36 ? 80  GLY A C   1 
ATOM   593  O O   . GLY A 1 80  ? 12.626  -7.396  -5.723  1.00 11.20 ? 80  GLY A O   1 
ATOM   594  N N   . SER A 1 81  ? 14.730  -7.973  -5.105  1.00 11.60 ? 81  SER A N   1 
ATOM   595  C CA  . SER A 1 81  ? 14.400  -7.737  -3.717  1.00 11.60 ? 81  SER A CA  1 
ATOM   596  C C   . SER A 1 81  ? 14.100  -6.284  -3.415  1.00 13.68 ? 81  SER A C   1 
ATOM   597  O O   . SER A 1 81  ? 13.261  -6.026  -2.587  1.00 13.84 ? 81  SER A O   1 
ATOM   598  C CB  . SER A 1 81  ? 15.541  -8.295  -2.774  1.00 14.85 ? 81  SER A CB  1 
ATOM   599  O OG  . SER A 1 81  ? 16.699  -7.583  -2.878  1.00 17.85 ? 81  SER A OG  1 
ATOM   600  N N   . ARG A 1 82  ? 14.795  -5.342  -4.065  1.00 11.94 ? 82  ARG A N   1 
ATOM   601  C CA  . ARG A 1 82  ? 14.504  -3.934  -3.925  1.00 13.02 ? 82  ARG A CA  1 
ATOM   602  C C   . ARG A 1 82  ? 14.805  -3.209  -5.229  1.00 12.29 ? 82  ARG A C   1 
ATOM   603  O O   . ARG A 1 82  ? 15.525  -3.737  -6.106  1.00 10.52 ? 82  ARG A O   1 
ATOM   604  C CB  . ARG A 1 82  ? 15.386  -3.374  -2.756  1.00 18.63 ? 82  ARG A CB  1 
ATOM   605  C CG  . ARG A 1 82  ? 16.819  -3.467  -3.114  1.00 22.41 ? 82  ARG A CG  1 
ATOM   606  C CD  . ARG A 1 82  ? 17.821  -3.866  -2.024  1.00 29.76 ? 82  ARG A CD  1 
ATOM   607  N NE  . ARG A 1 82  ? 17.437  -3.867  -0.607  1.00 23.33 ? 82  ARG A NE  1 
ATOM   608  C CZ  . ARG A 1 82  ? 18.230  -3.375  0.348   1.00 24.43 ? 82  ARG A CZ  1 
ATOM   609  N NH1 . ARG A 1 82  ? 17.851  -3.408  1.601   1.00 25.98 ? 82  ARG A NH1 1 
ATOM   610  N NH2 . ARG A 1 82  ? 19.407  -2.837  0.048   1.00 24.82 ? 82  ARG A NH2 1 
ATOM   611  N N   . PHE A 1 83  ? 14.232  -2.009  -5.389  1.00 9.60  ? 83  PHE A N   1 
ATOM   612  C CA  . PHE A 1 83  ? 14.467  -1.207  -6.548  1.00 9.83  ? 83  PHE A CA  1 
ATOM   613  C C   . PHE A 1 83  ? 14.575  0.262   -6.214  1.00 9.28  ? 83  PHE A C   1 
ATOM   614  O O   . PHE A 1 83  ? 14.096  0.699   -5.161  1.00 9.14  ? 83  PHE A O   1 
ATOM   615  C CB  . PHE A 1 83  ? 13.439  -1.532  -7.631  1.00 9.95  ? 83  PHE A CB  1 
ATOM   616  C CG  . PHE A 1 83  ? 12.024  -1.084  -7.326  1.00 9.01  ? 83  PHE A CG  1 
ATOM   617  C CD1 . PHE A 1 83  ? 11.172  -1.829  -6.469  1.00 8.19  ? 83  PHE A CD1 1 
ATOM   618  C CD2 . PHE A 1 83  ? 11.506  0.035   -7.944  1.00 8.87  ? 83  PHE A CD2 1 
ATOM   619  C CE1 . PHE A 1 83  ? 9.844   -1.453  -6.229  1.00 7.99  ? 83  PHE A CE1 1 
ATOM   620  C CE2 . PHE A 1 83  ? 10.200  0.450   -7.674  1.00 8.55  ? 83  PHE A CE2 1 
ATOM   621  C CZ  . PHE A 1 83  ? 9.356   -0.296  -6.842  1.00 8.01  ? 83  PHE A CZ  1 
ATOM   622  N N   . PRO A 1 84  ? 15.172  1.043   -7.107  1.00 9.70  ? 84  PRO A N   1 
ATOM   623  C CA  . PRO A 1 84  ? 15.455  2.418   -6.783  1.00 10.14 ? 84  PRO A CA  1 
ATOM   624  C C   . PRO A 1 84  ? 14.227  3.292   -6.561  1.00 10.23 ? 84  PRO A C   1 
ATOM   625  O O   . PRO A 1 84  ? 13.139  2.961   -7.049  1.00 10.63 ? 84  PRO A O   1 
ATOM   626  C CB  . PRO A 1 84  ? 16.207  2.951   -8.011  1.00 10.71 ? 84  PRO A CB  1 
ATOM   627  C CG  . PRO A 1 84  ? 16.807  1.684   -8.610  1.00 10.73 ? 84  PRO A CG  1 
ATOM   628  C CD  . PRO A 1 84  ? 15.770  0.673   -8.423  1.00 10.56 ? 84  PRO A CD  1 
ATOM   629  N N   . ASP A 1 85  ? 14.467  4.376   -5.864  1.00 9.98  ? 85  ASP A N   1 
ATOM   630  C CA  . ASP A 1 85  ? 13.467  5.482   -5.778  1.00 10.31 ? 85  ASP A CA  1 
ATOM   631  C C   . ASP A 1 85  ? 13.325  6.103   -7.167  1.00 10.74 ? 85  ASP A C   1 
ATOM   632  O O   . ASP A 1 85  ? 14.293  6.615   -7.721  1.00 8.80  ? 85  ASP A O   1 
ATOM   633  C CB  . ASP A 1 85  ? 13.876  6.563   -4.782  1.00 9.80  ? 85  ASP A CB  1 
ATOM   634  C CG  . ASP A 1 85  ? 13.946  6.045   -3.351  1.00 10.39 ? 85  ASP A CG  1 
ATOM   635  O OD1 . ASP A 1 85  ? 13.008  5.287   -2.993  1.00 10.66 ? 85  ASP A OD1 1 
ATOM   636  O OD2 . ASP A 1 85  ? 14.902  6.488   -2.616  1.00 10.39 ? 85  ASP A OD2 1 
ATOM   637  N N   . GLU A 1 86  ? 12.142  6.004   -7.747  1.00 9.45  ? 86  GLU A N   1 
ATOM   638  C CA  . GLU A 1 86  ? 11.929  6.410   -9.118  1.00 9.52  ? 86  GLU A CA  1 
ATOM   639  C C   . GLU A 1 86  ? 11.990  7.928   -9.324  1.00 10.66 ? 86  GLU A C   1 
ATOM   640  O O   . GLU A 1 86  ? 12.776  8.428   -10.208 1.00 11.40 ? 86  GLU A O   1 
ATOM   641  C CB  . GLU A 1 86  ? 10.658  5.774   -9.663  1.00 9.98  ? 86  GLU A CB  1 
ATOM   642  C CG  . GLU A 1 86  ? 10.428  6.016   -11.149 1.00 9.61  ? 86  GLU A CG  1 
ATOM   643  C CD  . GLU A 1 86  ? 9.290   5.156   -11.671 1.00 9.94  ? 86  GLU A CD  1 
ATOM   644  O OE1 . GLU A 1 86  ? 8.476   4.615   -10.846 1.00 8.51  ? 86  GLU A OE1 1 
ATOM   645  O OE2 . GLU A 1 86  ? 9.204   4.997   -12.934 1.00 9.82  ? 86  GLU A OE2 1 
ATOM   646  N N   . ASN A 1 87  ? 11.256  8.675   -8.508  1.00 9.93  ? 87  ASN A N   1 
ATOM   647  C CA  . ASN A 1 87  ? 11.273  10.114  -8.439  1.00 10.51 ? 87  ASN A CA  1 
ATOM   648  C C   . ASN A 1 87  ? 10.459  10.497  -7.283  1.00 11.13 ? 87  ASN A C   1 
ATOM   649  O O   . ASN A 1 87  ? 9.799   9.644   -6.715  1.00 10.38 ? 87  ASN A O   1 
ATOM   650  C CB  . ASN A 1 87  ? 10.817  10.828  -9.750  1.00 10.06 ? 87  ASN A CB  1 
ATOM   651  C CG  . ASN A 1 87  ? 9.396   10.528  -10.117 1.00 10.29 ? 87  ASN A CG  1 
ATOM   652  O OD1 . ASN A 1 87  ? 8.459   10.699  -9.300  1.00 9.80  ? 87  ASN A OD1 1 
ATOM   653  N ND2 . ASN A 1 87  ? 9.221   10.020  -11.291 1.00 9.35  ? 87  ASN A ND2 1 
ATOM   654  N N   . PHE A 1 88  ? 10.544  11.740  -6.885  1.00 10.41 ? 88  PHE A N   1 
ATOM   655  C CA  . PHE A 1 88  ? 9.686   12.230  -5.768  1.00 10.68 ? 88  PHE A CA  1 
ATOM   656  C C   . PHE A 1 88  ? 8.731   13.339  -6.241  1.00 10.69 ? 88  PHE A C   1 
ATOM   657  O O   . PHE A 1 88  ? 8.488   14.349  -5.555  1.00 11.85 ? 88  PHE A O   1 
ATOM   658  C CB  . PHE A 1 88  ? 10.542  12.762  -4.647  1.00 10.76 ? 88  PHE A CB  1 
ATOM   659  C CG  . PHE A 1 88  ? 11.429  11.704  -4.042  1.00 9.99  ? 88  PHE A CG  1 
ATOM   660  C CD1 . PHE A 1 88  ? 10.855  10.692  -3.248  1.00 10.47 ? 88  PHE A CD1 1 
ATOM   661  C CD2 . PHE A 1 88  ? 12.822  11.654  -4.277  1.00 10.95 ? 88  PHE A CD2 1 
ATOM   662  C CE1 . PHE A 1 88  ? 11.663  9.638   -2.730  1.00 10.34 ? 88  PHE A CE1 1 
ATOM   663  C CE2 . PHE A 1 88  ? 13.603  10.602  -3.774  1.00 9.93  ? 88  PHE A CE2 1 
ATOM   664  C CZ  . PHE A 1 88  ? 13.036  9.592   -2.964  1.00 10.27 ? 88  PHE A CZ  1 
ATOM   665  N N   . THR A 1 89  ? 8.284   13.189  -7.469  1.00 10.75 ? 89  THR A N   1 
ATOM   666  C CA  . THR A 1 89  ? 7.473   14.232  -8.113  1.00 11.37 ? 89  THR A CA  1 
ATOM   667  C C   . THR A 1 89  ? 6.135   14.434  -7.393  1.00 11.24 ? 89  THR A C   1 
ATOM   668  O O   . THR A 1 89  ? 5.715   15.559  -7.163  1.00 11.31 ? 89  THR A O   1 
ATOM   669  C CB  . THR A 1 89  ? 7.265   13.848  -9.591  1.00 12.59 ? 89  THR A CB  1 
ATOM   670  O OG1 . THR A 1 89  ? 8.562   13.815  -10.252 1.00 10.73 ? 89  THR A OG1 1 
ATOM   671  C CG2 . THR A 1 89  ? 6.334   14.887  -10.296 1.00 13.61 ? 89  THR A CG2 1 
ATOM   672  N N   . LEU A 1 90  ? 5.488   13.341  -7.053  1.00 10.34 ? 90  LEU A N   1 
ATOM   673  C CA  . LEU A 1 90  ? 4.171   13.376  -6.353  1.00 9.57  ? 90  LEU A CA  1 
ATOM   674  C C   . LEU A 1 90  ? 4.427   13.496  -4.849  1.00 11.38 ? 90  LEU A C   1 
ATOM   675  O O   . LEU A 1 90  ? 5.409   12.937  -4.325  1.00 12.15 ? 90  LEU A O   1 
ATOM   676  C CB  . LEU A 1 90  ? 3.384   12.159  -6.692  1.00 10.83 ? 90  LEU A CB  1 
ATOM   677  C CG  . LEU A 1 90  ? 2.938   12.007  -8.152  1.00 11.94 ? 90  LEU A CG  1 
ATOM   678  C CD1 . LEU A 1 90  ? 2.430   10.621  -8.428  1.00 12.39 ? 90  LEU A CD1 1 
ATOM   679  C CD2 . LEU A 1 90  ? 1.911   13.039  -8.509  1.00 14.46 ? 90  LEU A CD2 1 
ATOM   680  N N   . LYS A 1 91  ? 3.589   14.287  -4.168  1.00 11.93 ? 91  LYS A N   1 
ATOM   681  C CA  . LYS A 1 91  ? 3.774   14.649  -2.777  1.00 11.06 ? 91  LYS A CA  1 
ATOM   682  C C   . LYS A 1 91  ? 2.677   14.053  -1.920  1.00 9.97  ? 91  LYS A C   1 
ATOM   683  O O   . LYS A 1 91  ? 1.619   13.685  -2.394  1.00 9.35  ? 91  LYS A O   1 
ATOM   684  C CB  . LYS A 1 91  ? 3.849   16.197  -2.628  1.00 12.18 ? 91  LYS A CB  1 
ATOM   685  C CG  . LYS A 1 91  ? 4.867   16.881  -3.563  1.00 14.33 ? 91  LYS A CG  1 
ATOM   686  C CD  . LYS A 1 91  ? 6.298   16.410  -3.447  1.00 16.09 ? 91  LYS A CD  1 
ATOM   687  C CE  . LYS A 1 91  ? 7.187   17.245  -4.362  1.00 18.25 ? 91  LYS A CE  1 
ATOM   688  N NZ  . LYS A 1 91  ? 8.557   16.702  -4.466  1.00 23.33 ? 91  LYS A NZ  1 
ATOM   689  N N   . HIS A 1 92  ? 2.946   14.019  -0.622  1.00 9.52  ? 92  HIS A N   1 
ATOM   690  C CA  . HIS A 1 92  ? 2.033   13.468  0.380   1.00 8.75  ? 92  HIS A CA  1 
ATOM   691  C C   . HIS A 1 92  ? 1.051   14.606  0.796   1.00 10.77 ? 92  HIS A C   1 
ATOM   692  O O   . HIS A 1 92  ? 1.245   15.304  1.760   1.00 11.19 ? 92  HIS A O   1 
ATOM   693  C CB  . HIS A 1 92  ? 2.825   12.995  1.562   1.00 8.82  ? 92  HIS A CB  1 
ATOM   694  C CG  . HIS A 1 92  ? 3.743   11.857  1.284   1.00 8.31  ? 92  HIS A CG  1 
ATOM   695  N ND1 . HIS A 1 92  ? 5.000   12.043  0.762   1.00 8.12  ? 92  HIS A ND1 1 
ATOM   696  C CD2 . HIS A 1 92  ? 3.593   10.519  1.463   1.00 8.78  ? 92  HIS A CD2 1 
ATOM   697  C CE1 . HIS A 1 92  ? 5.586   10.866  0.647   1.00 8.60  ? 92  HIS A CE1 1 
ATOM   698  N NE2 . HIS A 1 92  ? 4.746   9.931   1.044   1.00 9.10  ? 92  HIS A NE2 1 
ATOM   699  N N   . VAL A 1 93  ? 0.046   14.806  -0.061  1.00 10.92 ? 93  VAL A N   1 
ATOM   700  C CA  . VAL A 1 93  ? -0.766  16.002  0.032   1.00 12.45 ? 93  VAL A CA  1 
ATOM   701  C C   . VAL A 1 93  ? -1.957  15.871  0.971   1.00 12.08 ? 93  VAL A C   1 
ATOM   702  O O   . VAL A 1 93  ? -2.614  16.878  1.263   1.00 12.83 ? 93  VAL A O   1 
ATOM   703  C CB  . VAL A 1 93  ? -1.262  16.396  -1.372  1.00 12.60 ? 93  VAL A CB  1 
ATOM   704  C CG1 . VAL A 1 93  ? -0.101  16.791  -2.296  1.00 14.30 ? 93  VAL A CG1 1 
ATOM   705  C CG2 . VAL A 1 93  ? -2.126  15.283  -1.961  1.00 14.02 ? 93  VAL A CG2 1 
ATOM   706  N N   . GLY A 1 94  ? -2.305  14.677  1.389   1.00 11.49 ? 94  GLY A N   1 
ATOM   707  C CA  . GLY A 1 94  ? -3.475  14.489  2.212   1.00 11.69 ? 94  GLY A CA  1 
ATOM   708  C C   . GLY A 1 94  ? -3.799  13.062  2.485   1.00 10.89 ? 94  GLY A C   1 
ATOM   709  O O   . GLY A 1 94  ? -3.071  12.130  2.012   1.00 9.91  ? 94  GLY A O   1 
ATOM   710  N N   . PRO A 1 95  ? -4.947  12.821  3.138   1.00 10.58 ? 95  PRO A N   1 
ATOM   711  C CA  . PRO A 1 95  ? -5.447  11.493  3.276   1.00 10.19 ? 95  PRO A CA  1 
ATOM   712  C C   . PRO A 1 95  ? -5.721  10.854  1.925   1.00 10.70 ? 95  PRO A C   1 
ATOM   713  O O   . PRO A 1 95  ? -6.142  11.568  0.979   1.00 10.38 ? 95  PRO A O   1 
ATOM   714  C CB  . PRO A 1 95  ? -6.780  11.646  4.031   1.00 11.86 ? 95  PRO A CB  1 
ATOM   715  C CG  . PRO A 1 95  ? -6.847  13.032  4.413   1.00 12.93 ? 95  PRO A CG  1 
ATOM   716  C CD  . PRO A 1 95  ? -5.897  13.861  3.685   1.00 12.28 ? 95  PRO A CD  1 
ATOM   717  N N   . GLY A 1 96  ? -5.497  9.540   1.856   1.00 8.12  ? 96  GLY A N   1 
ATOM   718  C CA  . GLY A 1 96  ? -5.721  8.740   0.631   1.00 9.33  ? 96  GLY A CA  1 
ATOM   719  C C   . GLY A 1 96  ? -4.554  8.563   -0.298  1.00 8.82  ? 96  GLY A C   1 
ATOM   720  O O   . GLY A 1 96  ? -4.667  7.910   -1.329  1.00 8.42  ? 96  GLY A O   1 
ATOM   721  N N   . VAL A 1 97  ? -3.487  9.299   -0.043  1.00 8.14  ? 97  VAL A N   1 
ATOM   722  C CA  . VAL A 1 97  ? -2.188  9.105   -0.802  1.00 8.74  ? 97  VAL A CA  1 
ATOM   723  C C   . VAL A 1 97  ? -1.655  7.691   -0.559  1.00 8.65  ? 97  VAL A C   1 
ATOM   724  O O   . VAL A 1 97  ? -1.694  7.163   0.540   1.00 7.86  ? 97  VAL A O   1 
ATOM   725  C CB  . VAL A 1 97  ? -1.157  10.148  -0.335  1.00 9.36  ? 97  VAL A CB  1 
ATOM   726  C CG1 . VAL A 1 97  ? 0.286   9.818   -0.800  1.00 9.74  ? 97  VAL A CG1 1 
ATOM   727  C CG2 . VAL A 1 97  ? -1.523  11.564  -0.815  1.00 10.13 ? 97  VAL A CG2 1 
ATOM   728  N N   . LEU A 1 98  ? -1.253  7.080   -1.650  1.00 8.24  ? 98  LEU A N   1 
ATOM   729  C CA  . LEU A 1 98  ? -0.605  5.755   -1.706  1.00 7.81  ? 98  LEU A CA  1 
ATOM   730  C C   . LEU A 1 98  ? 0.906   5.946   -2.017  1.00 7.26  ? 98  LEU A C   1 
ATOM   731  O O   . LEU A 1 98  ? 1.289   6.591   -2.998  1.00 8.24  ? 98  LEU A O   1 
ATOM   732  C CB  . LEU A 1 98  ? -1.231  4.964   -2.808  1.00 7.51  ? 98  LEU A CB  1 
ATOM   733  C CG  . LEU A 1 98  ? -0.659  3.562   -3.104  1.00 7.82  ? 98  LEU A CG  1 
ATOM   734  C CD1 . LEU A 1 98  ? -0.958  2.566   -1.967  1.00 8.98  ? 98  LEU A CD1 1 
ATOM   735  C CD2 . LEU A 1 98  ? -1.279  3.048   -4.406  1.00 8.06  ? 98  LEU A CD2 1 
ATOM   736  N N   . SER A 1 99  ? 1.734   5.448   -1.130  1.00 6.89  ? 99  SER A N   1 
ATOM   737  C CA  . SER A 1 99  ? 3.168   5.729   -1.124  1.00 6.70  ? 99  SER A CA  1 
ATOM   738  C C   . SER A 1 99  ? 3.953   4.466   -0.703  1.00 7.66  ? 99  SER A C   1 
ATOM   739  O O   . SER A 1 99  ? 3.410   3.530   -0.044  1.00 6.31  ? 99  SER A O   1 
ATOM   740  C CB  . SER A 1 99  ? 3.464   6.930   -0.220  1.00 7.42  ? 99  SER A CB  1 
ATOM   741  O OG  . SER A 1 99  ? 4.816   7.308   -0.221  1.00 7.64  ? 99  SER A OG  1 
ATOM   742  N N   . MET A 1 100 ? 5.216   4.426   -1.163  1.00 7.32  ? 100 MET A N   1 
ATOM   743  C CA  . MET A 1 100 ? 6.065   3.249   -0.870  1.00 7.74  ? 100 MET A CA  1 
ATOM   744  C C   . MET A 1 100 ? 6.680   3.389   0.511   1.00 7.49  ? 100 MET A C   1 
ATOM   745  O O   . MET A 1 100 ? 7.350   4.417   0.814   1.00 7.99  ? 100 MET A O   1 
ATOM   746  C CB  . MET A 1 100 ? 7.175   3.156   -1.864  1.00 7.70  ? 100 MET A CB  1 
ATOM   747  C CG  . MET A 1 100 ? 6.666   2.598   -3.200  1.00 7.66  ? 100 MET A CG  1 
ATOM   748  S SD  . MET A 1 100 ? 5.776   1.059   -3.254  1.00 8.30  ? 100 MET A SD  1 
ATOM   749  C CE  . MET A 1 100 ? 7.092   -0.143  -3.070  1.00 9.01  ? 100 MET A CE  1 
ATOM   750  N N   . ALA A 1 101 ? 6.573   2.322   1.279   1.00 7.59  ? 101 ALA A N   1 
ATOM   751  C CA  . ALA A 1 101 ? 7.357   2.239   2.549   1.00 7.62  ? 101 ALA A CA  1 
ATOM   752  C C   . ALA A 1 101 ? 8.804   1.915   2.185   1.00 8.72  ? 101 ALA A C   1 
ATOM   753  O O   . ALA A 1 101 ? 9.051   1.375   1.108   1.00 9.47  ? 101 ALA A O   1 
ATOM   754  C CB  . ALA A 1 101 ? 6.776   1.098   3.386   1.00 8.33  ? 101 ALA A CB  1 
ATOM   755  N N   . ASN A 1 102 ? 9.773   2.205   3.058   1.00 7.83  ? 102 ASN A N   1 
ATOM   756  C CA  . ASN A 1 102 ? 11.162  1.905   2.738   1.00 8.97  ? 102 ASN A CA  1 
ATOM   757  C C   . ASN A 1 102 ? 11.985  1.853   4.045   1.00 9.21  ? 102 ASN A C   1 
ATOM   758  O O   . ASN A 1 102 ? 11.473  2.115   5.131   1.00 8.69  ? 102 ASN A O   1 
ATOM   759  C CB  . ASN A 1 102 ? 11.747  2.808   1.699   1.00 8.33  ? 102 ASN A CB  1 
ATOM   760  C CG  . ASN A 1 102 ? 11.905  4.242   2.162   1.00 9.34  ? 102 ASN A CG  1 
ATOM   761  O OD1 . ASN A 1 102 ? 12.359  4.477   3.285   1.00 9.07  ? 102 ASN A OD1 1 
ATOM   762  N ND2 . ASN A 1 102 ? 11.453  5.200   1.341   1.00 9.13  ? 102 ASN A ND2 1 
ATOM   763  N N   . ALA A 1 103 ? 13.227  1.385   3.858   1.00 9.04  ? 103 ALA A N   1 
ATOM   764  C CA  . ALA A 1 103 ? 14.205  1.289   4.935   1.00 9.52  ? 103 ALA A CA  1 
ATOM   765  C C   . ALA A 1 103 ? 15.371  2.206   4.546   1.00 10.81 ? 103 ALA A C   1 
ATOM   766  O O   . ALA A 1 103 ? 16.546  1.881   4.762   1.00 12.18 ? 103 ALA A O   1 
ATOM   767  C CB  . ALA A 1 103 ? 14.640  -0.152  5.102   1.00 9.75  ? 103 ALA A CB  1 
ATOM   768  N N   . GLY A 1 104 ? 15.051  3.352   3.965   1.00 9.56  ? 104 GLY A N   1 
ATOM   769  C CA  . GLY A 1 104 ? 16.045  4.267   3.496   1.00 10.10 ? 104 GLY A CA  1 
ATOM   770  C C   . GLY A 1 104 ? 16.035  4.417   1.973   1.00 9.63  ? 104 GLY A C   1 
ATOM   771  O O   . GLY A 1 104 ? 15.261  3.748   1.256   1.00 9.67  ? 104 GLY A O   1 
ATOM   772  N N   . PRO A 1 105 ? 16.986  5.200   1.442   1.00 11.33 ? 105 PRO A N   1 
ATOM   773  C CA  . PRO A 1 105 ? 17.072  5.402   -0.051  1.00 11.45 ? 105 PRO A CA  1 
ATOM   774  C C   . PRO A 1 105 ? 17.263  4.110   -0.839  1.00 11.41 ? 105 PRO A C   1 
ATOM   775  O O   . PRO A 1 105 ? 18.011  3.216   -0.459  1.00 10.15 ? 105 PRO A O   1 
ATOM   776  C CB  . PRO A 1 105 ? 18.267  6.352   -0.226  1.00 12.77 ? 105 PRO A CB  1 
ATOM   777  C CG  . PRO A 1 105 ? 18.369  7.076   1.046   1.00 12.38 ? 105 PRO A CG  1 
ATOM   778  C CD  . PRO A 1 105 ? 17.983  6.045   2.149   1.00 13.14 ? 105 PRO A CD  1 
ATOM   779  N N   . ASN A 1 106 ? 16.524  4.015   -1.914  1.00 11.03 ? 106 ASN A N   1 
ATOM   780  C CA  . ASN A 1 106 ? 16.610  2.911   -2.844  1.00 10.80 ? 106 ASN A CA  1 
ATOM   781  C C   . ASN A 1 106 ? 16.419  1.537   -2.200  1.00 10.00 ? 106 ASN A C   1 
ATOM   782  O O   . ASN A 1 106 ? 17.147  0.539   -2.490  1.00 10.96 ? 106 ASN A O   1 
ATOM   783  C CB  . ASN A 1 106 ? 17.915  3.062   -3.632  1.00 10.77 ? 106 ASN A CB  1 
ATOM   784  C CG  . ASN A 1 106 ? 18.043  4.392   -4.223  1.00 11.30 ? 106 ASN A CG  1 
ATOM   785  O OD1 . ASN A 1 106 ? 17.246  4.792   -5.086  1.00 9.50  ? 106 ASN A OD1 1 
ATOM   786  N ND2 . ASN A 1 106 ? 19.053  5.086   -3.843  1.00 10.73 ? 106 ASN A ND2 1 
ATOM   787  N N   . THR A 1 107 ? 15.368  1.423   -1.377  1.00 9.07  ? 107 THR A N   1 
ATOM   788  C CA  . THR A 1 107 ? 14.999  0.147   -0.735  1.00 9.75  ? 107 THR A CA  1 
ATOM   789  C C   . THR A 1 107 ? 13.572  -0.267  -0.942  1.00 9.25  ? 107 THR A C   1 
ATOM   790  O O   . THR A 1 107 ? 13.049  -1.131  -0.227  1.00 11.21 ? 107 THR A O   1 
ATOM   791  C CB  . THR A 1 107 ? 15.336  0.141   0.761   1.00 11.22 ? 107 THR A CB  1 
ATOM   792  O OG1 . THR A 1 107 ? 14.649  1.181   1.417   1.00 9.47  ? 107 THR A OG1 1 
ATOM   793  C CG2 . THR A 1 107 ? 16.812  0.355   0.981   1.00 11.37 ? 107 THR A CG2 1 
ATOM   794  N N   . ASN A 1 108 ? 12.940  0.276   -1.965  1.00 9.00  ? 108 ASN A N   1 
ATOM   795  C CA  . ASN A 1 108 ? 11.539  -0.091  -2.251  1.00 9.61  ? 108 ASN A CA  1 
ATOM   796  C C   . ASN A 1 108 ? 11.454  -1.567  -2.580  1.00 9.68  ? 108 ASN A C   1 
ATOM   797  O O   . ASN A 1 108 ? 12.271  -2.109  -3.365  1.00 8.76  ? 108 ASN A O   1 
ATOM   798  C CB  . ASN A 1 108 ? 11.020  0.661   -3.471  1.00 9.98  ? 108 ASN A CB  1 
ATOM   799  C CG  . ASN A 1 108 ? 11.126  2.129   -3.274  1.00 9.39  ? 108 ASN A CG  1 
ATOM   800  O OD1 . ASN A 1 108 ? 10.333  2.713   -2.550  1.00 9.21  ? 108 ASN A OD1 1 
ATOM   801  N ND2 . ASN A 1 108 ? 12.123  2.761   -3.911  1.00 10.64 ? 108 ASN A ND2 1 
ATOM   802  N N   . GLY A 1 109 ? 10.434  -2.223  -2.021  1.00 9.56  ? 109 GLY A N   1 
ATOM   803  C CA  . GLY A 1 109 ? 10.133  -3.604  -2.348  1.00 8.92  ? 109 GLY A CA  1 
ATOM   804  C C   . GLY A 1 109 ? 8.667   -3.775  -2.794  1.00 8.77  ? 109 GLY A C   1 
ATOM   805  O O   . GLY A 1 109 ? 8.292   -3.487  -3.959  1.00 9.58  ? 109 GLY A O   1 
ATOM   806  N N   . SER A 1 110 ? 7.883   -4.227  -1.832  1.00 8.49  ? 110 SER A N   1 
ATOM   807  C CA  . SER A 1 110 ? 6.453   -4.371  -1.930  1.00 7.75  ? 110 SER A CA  1 
ATOM   808  C C   . SER A 1 110 ? 5.677   -3.633  -0.841  1.00 7.82  ? 110 SER A C   1 
ATOM   809  O O   . SER A 1 110 ? 4.445   -3.463  -0.992  1.00 7.24  ? 110 SER A O   1 
ATOM   810  C CB  . SER A 1 110 ? 6.072   -5.832  -1.903  1.00 7.81  ? 110 SER A CB  1 
ATOM   811  O OG  . SER A 1 110 ? 6.560   -6.524  -0.738  1.00 8.42  ? 110 SER A OG  1 
ATOM   812  N N   . GLN A 1 111 ? 6.332   -3.221  0.263   1.00 7.79  ? 111 GLN A N   1 
ATOM   813  C CA  . GLN A 1 111 ? 5.590   -2.548  1.324   1.00 7.44  ? 111 GLN A CA  1 
ATOM   814  C C   . GLN A 1 111 ? 5.134   -1.161  0.880   1.00 7.20  ? 111 GLN A C   1 
ATOM   815  O O   . GLN A 1 111 ? 5.865   -0.420  0.234   1.00 7.76  ? 111 GLN A O   1 
ATOM   816  C CB  . GLN A 1 111 ? 6.378   -2.494  2.617   1.00 8.25  ? 111 GLN A CB  1 
ATOM   817  C CG  . GLN A 1 111 ? 6.554   -3.880  3.235   1.00 8.90  ? 111 GLN A CG  1 
ATOM   818  C CD  . GLN A 1 111 ? 7.241   -3.747  4.558   1.00 9.48  ? 111 GLN A CD  1 
ATOM   819  O OE1 . GLN A 1 111 ? 6.900   -2.916  5.361   1.00 9.20  ? 111 GLN A OE1 1 
ATOM   820  N NE2 . GLN A 1 111 ? 8.346   -4.460  4.691   1.00 10.25 ? 111 GLN A NE2 1 
ATOM   821  N N   . PHE A 1 112 ? 3.940   -0.844  1.280   1.00 6.62  ? 112 PHE A N   1 
ATOM   822  C CA  . PHE A 1 112 ? 3.311   0.387   0.938   1.00 6.52  ? 112 PHE A CA  1 
ATOM   823  C C   . PHE A 1 112 ? 2.445   0.935   2.045   1.00 6.31  ? 112 PHE A C   1 
ATOM   824  O O   . PHE A 1 112 ? 2.088   0.223   3.001   1.00 6.80  ? 112 PHE A O   1 
ATOM   825  C CB  . PHE A 1 112 ? 2.452   0.201   -0.329  1.00 6.26  ? 112 PHE A CB  1 
ATOM   826  C CG  . PHE A 1 112 ? 1.253   -0.673  -0.148  1.00 6.41  ? 112 PHE A CG  1 
ATOM   827  C CD1 . PHE A 1 112 ? 1.334   -2.029  -0.256  1.00 6.51  ? 112 PHE A CD1 1 
ATOM   828  C CD2 . PHE A 1 112 ? -0.017  -0.115  0.170   1.00 6.92  ? 112 PHE A CD2 1 
ATOM   829  C CE1 . PHE A 1 112 ? 0.211   -2.858  -0.111  1.00 7.02  ? 112 PHE A CE1 1 
ATOM   830  C CE2 . PHE A 1 112 ? -1.134  -0.946  0.335   1.00 6.47  ? 112 PHE A CE2 1 
ATOM   831  C CZ  . PHE A 1 112 ? -1.042  -2.290  0.186   1.00 6.62  ? 112 PHE A CZ  1 
ATOM   832  N N   . PHE A 1 113 ? 2.019   2.182   1.905   1.00 5.80  ? 113 PHE A N   1 
ATOM   833  C CA  . PHE A 1 113 ? 1.077   2.744   2.903   1.00 6.64  ? 113 PHE A CA  1 
ATOM   834  C C   . PHE A 1 113 ? 0.029   3.608   2.252   1.00 6.73  ? 113 PHE A C   1 
ATOM   835  O O   . PHE A 1 113 ? 0.308   4.215   1.186   1.00 7.73  ? 113 PHE A O   1 
ATOM   836  C CB  . PHE A 1 113 ? 1.788   3.407   4.080   1.00 6.40  ? 113 PHE A CB  1 
ATOM   837  C CG  . PHE A 1 113 ? 2.645   4.584   3.684   1.00 6.72  ? 113 PHE A CG  1 
ATOM   838  C CD1 . PHE A 1 113 ? 3.919   4.418   3.200   1.00 7.16  ? 113 PHE A CD1 1 
ATOM   839  C CD2 . PHE A 1 113 ? 2.197   5.856   3.842   1.00 7.18  ? 113 PHE A CD2 1 
ATOM   840  C CE1 . PHE A 1 113 ? 4.691   5.490   2.894   1.00 8.16  ? 113 PHE A CE1 1 
ATOM   841  C CE2 . PHE A 1 113 ? 2.981   6.926   3.570   1.00 7.41  ? 113 PHE A CE2 1 
ATOM   842  C CZ  . PHE A 1 113 ? 4.233   6.749   3.023   1.00 7.90  ? 113 PHE A CZ  1 
ATOM   843  N N   . ILE A 1 114 ? -1.141  3.634   2.901   1.00 6.90  ? 114 ILE A N   1 
ATOM   844  C CA  . ILE A 1 114 ? -2.217  4.547   2.559   1.00 7.80  ? 114 ILE A CA  1 
ATOM   845  C C   . ILE A 1 114 ? -2.366  5.540   3.700   1.00 7.87  ? 114 ILE A C   1 
ATOM   846  O O   . ILE A 1 114 ? -2.606  5.162   4.895   1.00 7.41  ? 114 ILE A O   1 
ATOM   847  C CB  . ILE A 1 114 ? -3.561  3.864   2.271   1.00 8.22  ? 114 ILE A CB  1 
ATOM   848  C CG1 . ILE A 1 114 ? -3.412  2.764   1.226   1.00 8.42  ? 114 ILE A CG1 1 
ATOM   849  C CG2 . ILE A 1 114 ? -4.597  4.897   1.883   1.00 8.77  ? 114 ILE A CG2 1 
ATOM   850  C CD1 . ILE A 1 114 ? -4.577  1.827   1.077   1.00 9.27  ? 114 ILE A CD1 1 
ATOM   851  N N   . CYS A 1 115 ? -2.216  6.800   3.363   1.00 8.15  ? 115 CYS A N   1 
ATOM   852  C CA  . CYS A 1 115 ? -2.195  7.885   4.351   1.00 8.73  ? 115 CYS A CA  1 
ATOM   853  C C   . CYS A 1 115 ? -3.615  8.169   4.838   1.00 9.31  ? 115 CYS A C   1 
ATOM   854  O O   . CYS A 1 115 ? -4.563  8.119   4.069   1.00 10.46 ? 115 CYS A O   1 
ATOM   855  C CB  . CYS A 1 115 ? -1.646  9.161   3.766   1.00 8.63  ? 115 CYS A CB  1 
ATOM   856  S SG  . CYS A 1 115 ? 0.081   9.013   3.261   1.00 9.75  ? 115 CYS A SG  1 
ATOM   857  N N   . THR A 1 116 ? -3.755  8.479   6.111   1.00 8.33  ? 116 THR A N   1 
ATOM   858  C CA  . THR A 1 116 ? -5.073  8.889   6.695   1.00 9.88  ? 116 THR A CA  1 
ATOM   859  C C   . THR A 1 116 ? -5.004  10.327  7.182   1.00 10.29 ? 116 THR A C   1 
ATOM   860  O O   . THR A 1 116 ? -6.000  10.892  7.704   1.00 10.11 ? 116 THR A O   1 
ATOM   861  C CB  . THR A 1 116 ? -5.541  7.951   7.832   1.00 9.77  ? 116 THR A CB  1 
ATOM   862  O OG1 . THR A 1 116 ? -4.580  7.900   8.875   1.00 11.15 ? 116 THR A OG1 1 
ATOM   863  C CG2 . THR A 1 116 ? -5.774  6.519   7.345   1.00 10.88 ? 116 THR A CG2 1 
ATOM   864  N N   . ILE A 1 117 ? -3.880  10.972  6.949   1.00 10.75 ? 117 ILE A N   1 
ATOM   865  C CA  . ILE A 1 117 ? -3.667  12.387  7.151   1.00 12.56 ? 117 ILE A CA  1 
ATOM   866  C C   . ILE A 1 117 ? -2.657  12.867  6.097   1.00 11.93 ? 117 ILE A C   1 
ATOM   867  O O   . ILE A 1 117 ? -2.005  12.037  5.467   1.00 9.93  ? 117 ILE A O   1 
ATOM   868  C CB  . ILE A 1 117 ? -3.073  12.716  8.498   1.00 16.46 ? 117 ILE A CB  1 
ATOM   869  C CG1 . ILE A 1 117 ? -1.632  12.183  8.639   1.00 17.13 ? 117 ILE A CG1 1 
ATOM   870  C CG2 . ILE A 1 117 ? -4.023  12.270  9.613   1.00 20.68 ? 117 ILE A CG2 1 
ATOM   871  C CD1 . ILE A 1 117 ? -0.966  12.578  9.920   1.00 22.58 ? 117 ILE A CD1 1 
ATOM   872  N N   . LYS A 1 118 ? -2.495  14.175  5.963   1.00 10.50 ? 118 LYS A N   1 
ATOM   873  C CA  . LYS A 1 118 ? -1.383  14.697  5.193   1.00 10.84 ? 118 LYS A CA  1 
ATOM   874  C C   . LYS A 1 118 ? -0.029  14.426  5.835   1.00 10.01 ? 118 LYS A C   1 
ATOM   875  O O   . LYS A 1 118 ? 0.209   14.813  7.004   1.00 10.33 ? 118 LYS A O   1 
ATOM   876  C CB  . LYS A 1 118 ? -1.489  16.212  5.063   1.00 13.05 ? 118 LYS A CB  1 
ATOM   877  C CG  . LYS A 1 118 ? -0.367  16.876  4.275   1.00 15.12 ? 118 LYS A CG  1 
ATOM   878  C CD  . LYS A 1 118 ? -0.832  18.328  4.038   1.00 19.87 ? 118 LYS A CD  1 
ATOM   879  C CE  . LYS A 1 118 ? 0.243   19.126  3.407   1.00 28.76 ? 118 LYS A CE  1 
ATOM   880  N NZ  . LYS A 1 118 ? 1.025   19.751  4.519   1.00 36.84 ? 118 LYS A NZ  1 
ATOM   881  N N   . THR A 1 119 ? 0.855   13.745  5.113   1.00 9.38  ? 119 THR A N   1 
ATOM   882  C CA  . THR A 1 119 ? 2.158   13.278  5.633   1.00 9.21  ? 119 THR A CA  1 
ATOM   883  C C   . THR A 1 119 ? 3.367   13.931  4.869   1.00 9.78  ? 119 THR A C   1 
ATOM   884  O O   . THR A 1 119 ? 4.288   13.273  4.384   1.00 9.44  ? 119 THR A O   1 
ATOM   885  C CB  . THR A 1 119 ? 2.276   11.734  5.641   1.00 9.31  ? 119 THR A CB  1 
ATOM   886  O OG1 . THR A 1 119 ? 2.264   11.212  4.315   1.00 8.17  ? 119 THR A OG1 1 
ATOM   887  C CG2 . THR A 1 119 ? 1.177   11.094  6.422   1.00 9.38  ? 119 THR A CG2 1 
ATOM   888  N N   . ASP A 1 120 ? 3.328   15.247  4.810   1.00 10.40 ? 120 ASP A N   1 
ATOM   889  C CA  . ASP A 1 120 ? 4.268   16.047  4.026   1.00 11.19 ? 120 ASP A CA  1 
ATOM   890  C C   . ASP A 1 120 ? 5.717   15.950  4.435   1.00 10.99 ? 120 ASP A C   1 
ATOM   891  O O   . ASP A 1 120 ? 6.642   16.183  3.629   1.00 10.85 ? 120 ASP A O   1 
ATOM   892  C CB  . ASP A 1 120 ? 3.771   17.494  3.976   1.00 14.21 ? 120 ASP A CB  1 
ATOM   893  C CG  . ASP A 1 120 ? 3.670   18.108  5.329   1.00 15.59 ? 120 ASP A CG  1 
ATOM   894  O OD1 . ASP A 1 120 ? 2.801   17.719  6.119   1.00 17.65 ? 120 ASP A OD1 1 
ATOM   895  O OD2 . ASP A 1 120 ? 4.492   18.968  5.642   1.00 22.57 ? 120 ASP A OD2 1 
ATOM   896  N N   . TRP A 1 121 ? 5.948   15.579  5.692   1.00 10.67 ? 121 TRP A N   1 
ATOM   897  C CA  . TRP A 1 121 ? 7.309   15.335  6.179   1.00 10.95 ? 121 TRP A CA  1 
ATOM   898  C C   . TRP A 1 121 ? 7.978   14.121  5.553   1.00 10.10 ? 121 TRP A C   1 
ATOM   899  O O   . TRP A 1 121 ? 9.170   13.958  5.671   1.00 9.58  ? 121 TRP A O   1 
ATOM   900  C CB  . TRP A 1 121 ? 7.310   15.160  7.709   1.00 12.02 ? 121 TRP A CB  1 
ATOM   901  C CG  . TRP A 1 121 ? 6.485   14.023  8.170   1.00 11.22 ? 121 TRP A CG  1 
ATOM   902  C CD1 . TRP A 1 121 ? 6.892   12.711  8.355   1.00 10.45 ? 121 TRP A CD1 1 
ATOM   903  C CD2 . TRP A 1 121 ? 5.146   14.078  8.567   1.00 11.64 ? 121 TRP A CD2 1 
ATOM   904  N NE1 . TRP A 1 121 ? 5.873   11.965  8.795   1.00 11.46 ? 121 TRP A NE1 1 
ATOM   905  C CE2 . TRP A 1 121 ? 4.758   12.748  8.897   1.00 11.28 ? 121 TRP A CE2 1 
ATOM   906  C CE3 . TRP A 1 121 ? 4.198   15.098  8.617   1.00 11.23 ? 121 TRP A CE3 1 
ATOM   907  C CZ2 . TRP A 1 121 ? 3.455   12.404  9.281   1.00 11.43 ? 121 TRP A CZ2 1 
ATOM   908  C CZ3 . TRP A 1 121 ? 2.911   14.746  8.981   1.00 12.12 ? 121 TRP A CZ3 1 
ATOM   909  C CH2 . TRP A 1 121 ? 2.550   13.404  9.308   1.00 12.48 ? 121 TRP A CH2 1 
ATOM   910  N N   . LEU A 1 122 ? 7.208   13.338  4.786   1.00 8.93  ? 122 LEU A N   1 
ATOM   911  C CA  . LEU A 1 122 ? 7.746   12.222  3.988   1.00 8.68  ? 122 LEU A CA  1 
ATOM   912  C C   . LEU A 1 122 ? 8.113   12.573  2.533   1.00 9.00  ? 122 LEU A C   1 
ATOM   913  O O   . LEU A 1 122 ? 8.647   11.751  1.769   1.00 8.85  ? 122 LEU A O   1 
ATOM   914  C CB  . LEU A 1 122 ? 6.735   11.071  4.054   1.00 8.68  ? 122 LEU A CB  1 
ATOM   915  C CG  . LEU A 1 122 ? 6.323   10.509  5.415   1.00 8.73  ? 122 LEU A CG  1 
ATOM   916  C CD1 . LEU A 1 122 ? 5.406   9.315   5.234   1.00 8.45  ? 122 LEU A CD1 1 
ATOM   917  C CD2 . LEU A 1 122 ? 7.578   10.127  6.171   1.00 9.81  ? 122 LEU A CD2 1 
ATOM   918  N N   . ASP A 1 123 ? 7.822   13.801  2.131   1.00 9.50  ? 123 ASP A N   1 
ATOM   919  C CA  . ASP A 1 123 ? 8.079   14.251  0.796   1.00 9.90  ? 123 ASP A CA  1 
ATOM   920  C C   . ASP A 1 123 ? 9.577   14.225  0.520   1.00 10.18 ? 123 ASP A C   1 
ATOM   921  O O   . ASP A 1 123 ? 10.379  14.656  1.371   1.00 10.75 ? 123 ASP A O   1 
ATOM   922  C CB  . ASP A 1 123 ? 7.603   15.675  0.604   1.00 10.49 ? 123 ASP A CB  1 
ATOM   923  C CG  . ASP A 1 123 ? 6.132   15.786  0.481   1.00 10.05 ? 123 ASP A CG  1 
ATOM   924  O OD1 . ASP A 1 123 ? 5.439   14.762  0.431   1.00 9.89  ? 123 ASP A OD1 1 
ATOM   925  O OD2 . ASP A 1 123 ? 5.597   16.944  0.478   1.00 9.51  ? 123 ASP A OD2 1 
ATOM   926  N N   . GLY A 1 124 ? 9.931   13.678  -0.630  1.00 10.35 ? 124 GLY A N   1 
ATOM   927  C CA  . GLY A 1 124 ? 11.313  13.491  -1.022  1.00 10.68 ? 124 GLY A CA  1 
ATOM   928  C C   . GLY A 1 124 ? 12.003  12.310  -0.361  1.00 10.50 ? 124 GLY A C   1 
ATOM   929  O O   . GLY A 1 124 ? 13.223  12.090  -0.608  1.00 11.18 ? 124 GLY A O   1 
ATOM   930  N N   . LYS A 1 125 ? 11.295  11.584  0.498   1.00 10.46 ? 125 LYS A N   1 
ATOM   931  C CA  . LYS A 1 125 ? 11.815  10.406  1.170   1.00 10.41 ? 125 LYS A CA  1 
ATOM   932  C C   . LYS A 1 125 ? 11.078  9.121   0.777   1.00 10.01 ? 125 LYS A C   1 
ATOM   933  O O   . LYS A 1 125 ? 11.702  8.043   0.761   1.00 10.07 ? 125 LYS A O   1 
ATOM   934  C CB  . LYS A 1 125 ? 11.778  10.586  2.657   1.00 12.93 ? 125 LYS A CB  1 
ATOM   935  C CG  . LYS A 1 125 ? 12.751  11.702  3.096   1.00 15.76 ? 125 LYS A CG  1 
ATOM   936  C CD  . LYS A 1 125 ? 12.346  12.179  4.494   1.00 18.56 ? 125 LYS A CD  1 
ATOM   937  C CE  . LYS A 1 125 ? 13.405  13.078  5.137   1.00 20.71 ? 125 LYS A CE  1 
ATOM   938  N NZ  . LYS A 1 125 ? 13.536  14.285  4.294   1.00 22.48 ? 125 LYS A NZ  1 
ATOM   939  N N   . HIS A 1 126 ? 9.785   9.204   0.532   1.00 8.48  ? 126 HIS A N   1 
ATOM   940  C CA  . HIS A 1 126 ? 8.979   8.090   0.087   1.00 8.26  ? 126 HIS A CA  1 
ATOM   941  C C   . HIS A 1 126 ? 8.373   8.402   -1.237  1.00 8.77  ? 126 HIS A C   1 
ATOM   942  O O   . HIS A 1 126 ? 7.937   9.543   -1.455  1.00 8.99  ? 126 HIS A O   1 
ATOM   943  C CB  . HIS A 1 126 ? 7.895   7.829   1.127   1.00 8.41  ? 126 HIS A CB  1 
ATOM   944  C CG  . HIS A 1 126 ? 8.455   7.355   2.424   1.00 8.33  ? 126 HIS A CG  1 
ATOM   945  N ND1 . HIS A 1 126 ? 8.536   6.009   2.753   1.00 8.36  ? 126 HIS A ND1 1 
ATOM   946  C CD2 . HIS A 1 126 ? 8.960   8.039   3.485   1.00 8.71  ? 126 HIS A CD2 1 
ATOM   947  C CE1 . HIS A 1 126 ? 9.122   5.899   3.937   1.00 9.12  ? 126 HIS A CE1 1 
ATOM   948  N NE2 . HIS A 1 126 ? 9.419   7.109   4.395   1.00 8.23  ? 126 HIS A NE2 1 
ATOM   949  N N   . VAL A 1 127 ? 8.379   7.409   -2.124  1.00 7.46  ? 127 VAL A N   1 
ATOM   950  C CA  . VAL A 1 127 ? 7.858   7.592   -3.501  1.00 8.47  ? 127 VAL A CA  1 
ATOM   951  C C   . VAL A 1 127 ? 6.343   7.411   -3.454  1.00 7.95  ? 127 VAL A C   1 
ATOM   952  O O   . VAL A 1 127 ? 5.830   6.324   -3.277  1.00 7.44  ? 127 VAL A O   1 
ATOM   953  C CB  . VAL A 1 127 ? 8.495   6.626   -4.464  1.00 8.70  ? 127 VAL A CB  1 
ATOM   954  C CG1 . VAL A 1 127 ? 7.843   6.743   -5.831  1.00 9.90  ? 127 VAL A CG1 1 
ATOM   955  C CG2 . VAL A 1 127 ? 10.016  6.871   -4.504  1.00 9.42  ? 127 VAL A CG2 1 
ATOM   956  N N   . VAL A 1 128 ? 5.675   8.530   -3.686  1.00 8.10  ? 128 VAL A N   1 
ATOM   957  C CA  . VAL A 1 128 ? 4.225   8.499   -3.888  1.00 8.04  ? 128 VAL A CA  1 
ATOM   958  C C   . VAL A 1 128 ? 3.894   7.980   -5.250  1.00 7.82  ? 128 VAL A C   1 
ATOM   959  O O   . VAL A 1 128 ? 4.507   8.414   -6.260  1.00 8.26  ? 128 VAL A O   1 
ATOM   960  C CB  . VAL A 1 128 ? 3.652   9.899   -3.689  1.00 8.03  ? 128 VAL A CB  1 
ATOM   961  C CG1 . VAL A 1 128 ? 2.165   9.918   -4.069  1.00 8.38  ? 128 VAL A CG1 1 
ATOM   962  C CG2 . VAL A 1 128 ? 3.845   10.320  -2.245  1.00 7.64  ? 128 VAL A CG2 1 
ATOM   963  N N   . PHE A 1 129 ? 2.899   7.076   -5.348  1.00 7.52  ? 129 PHE A N   1 
ATOM   964  C CA  . PHE A 1 129 ? 2.586   6.507   -6.676  1.00 7.61  ? 129 PHE A CA  1 
ATOM   965  C C   . PHE A 1 129 ? 1.120   6.307   -6.997  1.00 7.27  ? 129 PHE A C   1 
ATOM   966  O O   . PHE A 1 129 ? 0.796   5.651   -8.005  1.00 6.89  ? 129 PHE A O   1 
ATOM   967  C CB  . PHE A 1 129 ? 3.363   5.153   -6.930  1.00 7.83  ? 129 PHE A CB  1 
ATOM   968  C CG  . PHE A 1 129 ? 2.965   4.026   -6.010  1.00 7.22  ? 129 PHE A CG  1 
ATOM   969  C CD1 . PHE A 1 129 ? 3.441   3.998   -4.676  1.00 7.33  ? 129 PHE A CD1 1 
ATOM   970  C CD2 . PHE A 1 129 ? 2.089   3.057   -6.415  1.00 6.85  ? 129 PHE A CD2 1 
ATOM   971  C CE1 . PHE A 1 129 ? 3.041   2.974   -3.832  1.00 6.90  ? 129 PHE A CE1 1 
ATOM   972  C CE2 . PHE A 1 129 ? 1.727   2.015   -5.561  1.00 6.72  ? 129 PHE A CE2 1 
ATOM   973  C CZ  . PHE A 1 129 ? 2.232   1.974   -4.283  1.00 7.10  ? 129 PHE A CZ  1 
ATOM   974  N N   . GLY A 1 130 ? 0.236   6.891   -6.201  1.00 7.38  ? 130 GLY A N   1 
ATOM   975  C CA  . GLY A 1 130 ? -1.198  6.734   -6.453  1.00 7.33  ? 130 GLY A CA  1 
ATOM   976  C C   . GLY A 1 130 ? -2.018  7.323   -5.355  1.00 7.63  ? 130 GLY A C   1 
ATOM   977  O O   . GLY A 1 130 ? -1.504  8.040   -4.491  1.00 7.35  ? 130 GLY A O   1 
ATOM   978  N N   . HIS A 1 131 ? -3.314  7.072   -5.465  1.00 7.89  ? 131 HIS A N   1 
ATOM   979  C CA  . HIS A 1 131 ? -4.254  7.501   -4.428  1.00 8.25  ? 131 HIS A CA  1 
ATOM   980  C C   . HIS A 1 131 ? -5.524  6.737   -4.500  1.00 7.77  ? 131 HIS A C   1 
ATOM   981  O O   . HIS A 1 131 ? -5.807  5.978   -5.442  1.00 7.75  ? 131 HIS A O   1 
ATOM   982  C CB  . HIS A 1 131 ? -4.604  8.983   -4.559  1.00 9.61  ? 131 HIS A CB  1 
ATOM   983  C CG  . HIS A 1 131 ? -5.353  9.296   -5.811  1.00 10.27 ? 131 HIS A CG  1 
ATOM   984  N ND1 . HIS A 1 131 ? -4.738  9.518   -7.046  1.00 11.95 ? 131 HIS A ND1 1 
ATOM   985  C CD2 . HIS A 1 131 ? -6.676  9.496   -6.014  1.00 12.20 ? 131 HIS A CD2 1 
ATOM   986  C CE1 . HIS A 1 131 ? -5.681  9.751   -7.954  1.00 12.60 ? 131 HIS A CE1 1 
ATOM   987  N NE2 . HIS A 1 131 ? -6.850  9.751   -7.355  1.00 11.75 ? 131 HIS A NE2 1 
ATOM   988  N N   . VAL A 1 132 ? -6.309  6.889   -3.453  1.00 7.11  ? 132 VAL A N   1 
ATOM   989  C CA  . VAL A 1 132 ? -7.597  6.205   -3.287  1.00 7.61  ? 132 VAL A CA  1 
ATOM   990  C C   . VAL A 1 132 ? -8.654  6.887   -4.114  1.00 7.25  ? 132 VAL A C   1 
ATOM   991  O O   . VAL A 1 132 ? -8.927  8.089   -3.949  1.00 6.97  ? 132 VAL A O   1 
ATOM   992  C CB  . VAL A 1 132 ? -8.035  6.265   -1.771  1.00 8.40  ? 132 VAL A CB  1 
ATOM   993  C CG1 . VAL A 1 132 ? -9.404  5.683   -1.641  1.00 9.23  ? 132 VAL A CG1 1 
ATOM   994  C CG2 . VAL A 1 132 ? -7.087  5.410   -0.928  1.00 8.73  ? 132 VAL A CG2 1 
ATOM   995  N N   . ILE A 1 133 ? -9.285  6.091   -4.958  1.00 8.40  ? 133 ILE A N   1 
ATOM   996  C CA  . ILE A 1 133 ? -10.403 6.515   -5.847  1.00 9.53  ? 133 ILE A CA  1 
ATOM   997  C C   . ILE A 1 133 ? -11.735 6.295   -5.167  1.00 10.72 ? 133 ILE A C   1 
ATOM   998  O O   . ILE A 1 133 ? -12.626 7.165   -5.302  1.00 13.03 ? 133 ILE A O   1 
ATOM   999  C CB  . ILE A 1 133 ? -10.340 5.724   -7.160  1.00 9.63  ? 133 ILE A CB  1 
ATOM   1000 C CG1 . ILE A 1 133 ? -9.171  6.200   -7.989  1.00 9.22  ? 133 ILE A CG1 1 
ATOM   1001 C CG2 . ILE A 1 133 ? -11.701 5.864   -7.975  1.00 10.00 ? 133 ILE A CG2 1 
ATOM   1002 C CD1 . ILE A 1 133 ? -9.323  7.522   -8.624  1.00 9.62  ? 133 ILE A CD1 1 
ATOM   1003 N N   . GLU A 1 134 ? -11.854 5.193   -4.464  1.00 10.38 ? 134 GLU A N   1 
ATOM   1004 C CA  . GLU A 1 134 ? -13.029 4.744   -3.770  1.00 11.73 ? 134 GLU A CA  1 
ATOM   1005 C C   . GLU A 1 134 ? -12.642 3.913   -2.572  1.00 12.71 ? 134 GLU A C   1 
ATOM   1006 O O   . GLU A 1 134 ? -11.625 3.204   -2.604  1.00 10.60 ? 134 GLU A O   1 
ATOM   1007 C CB  . GLU A 1 134 ? -13.860 3.850   -4.695  1.00 13.42 ? 134 GLU A CB  1 
ATOM   1008 C CG  . GLU A 1 134 ? -15.228 3.522   -4.190  1.00 14.89 ? 134 GLU A CG  1 
ATOM   1009 C CD  . GLU A 1 134 ? -15.905 2.437   -5.016  1.00 15.02 ? 134 GLU A CD  1 
ATOM   1010 O OE1 . GLU A 1 134 ? -16.140 2.683   -6.245  1.00 13.69 ? 134 GLU A OE1 1 
ATOM   1011 O OE2 . GLU A 1 134 ? -16.173 1.318   -4.441  1.00 14.49 ? 134 GLU A OE2 1 
ATOM   1012 N N   . GLY A 1 135 ? -13.466 3.984   -1.499  1.00 11.14 ? 135 GLY A N   1 
ATOM   1013 C CA  . GLY A 1 135 ? -13.192 3.232   -0.296  1.00 12.07 ? 135 GLY A CA  1 
ATOM   1014 C C   . GLY A 1 135 ? -12.304 3.845   0.748   1.00 12.12 ? 135 GLY A C   1 
ATOM   1015 O O   . GLY A 1 135 ? -11.687 3.083   1.534   1.00 12.86 ? 135 GLY A O   1 
ATOM   1016 N N   . MET A 1 136 ? -12.243 5.178   0.803   1.00 12.89 ? 136 MET A N   1 
ATOM   1017 C CA  . MET A 1 136 ? -11.623 5.835   1.966   1.00 13.24 ? 136 MET A CA  1 
ATOM   1018 C C   . MET A 1 136 ? -12.358 5.453   3.257   1.00 14.54 ? 136 MET A C   1 
ATOM   1019 O O   . MET A 1 136 ? -11.723 5.334   4.270   1.00 14.14 ? 136 MET A O   1 
ATOM   1020 C CB  . MET A 1 136 ? -11.605 7.318   1.854   1.00 14.71 ? 136 MET A CB  1 
ATOM   1021 C CG  . MET A 1 136 ? -10.609 7.980   2.817   1.00 16.22 ? 136 MET A CG  1 
ATOM   1022 S SD  . MET A 1 136 ? -8.863  7.485   2.340   1.00 16.50 ? 136 MET A SD  1 
ATOM   1023 C CE  . MET A 1 136 ? -8.270  7.855   3.976   1.00 15.47 ? 136 MET A CE  1 
ATOM   1024 N N   . ASP A 1 137 ? -13.670 5.170   3.192   1.00 14.73 ? 137 ASP A N   1 
ATOM   1025 C CA  . ASP A 1 137 ? -14.375 4.676   4.394   1.00 16.26 ? 137 ASP A CA  1 
ATOM   1026 C C   . ASP A 1 137 ? -13.834 3.301   4.825   1.00 14.44 ? 137 ASP A C   1 
ATOM   1027 O O   . ASP A 1 137 ? -13.723 2.972   6.003   1.00 15.02 ? 137 ASP A O   1 
ATOM   1028 C CB  . ASP A 1 137 ? -15.880 4.590   4.126   1.00 17.46 ? 137 ASP A CB  1 
ATOM   1029 C CG  . ASP A 1 137 ? -16.262 3.630   3.006   1.00 21.67 ? 137 ASP A CG  1 
ATOM   1030 O OD1 . ASP A 1 137 ? -15.643 3.602   1.948   1.00 20.49 ? 137 ASP A OD1 1 
ATOM   1031 O OD2 . ASP A 1 137 ? -17.264 2.903   3.118   1.00 25.18 ? 137 ASP A OD2 1 
ATOM   1032 N N   . VAL A 1 138 ? -13.448 2.476   3.849   1.00 12.44 ? 138 VAL A N   1 
ATOM   1033 C CA  . VAL A 1 138 ? -12.824 1.221   4.151   1.00 11.76 ? 138 VAL A CA  1 
ATOM   1034 C C   . VAL A 1 138 ? -11.443 1.430   4.819   1.00 11.80 ? 138 VAL A C   1 
ATOM   1035 O O   . VAL A 1 138 ? -11.102 0.764   5.807   1.00 11.43 ? 138 VAL A O   1 
ATOM   1036 C CB  . VAL A 1 138 ? -12.766 0.275   2.892   1.00 12.21 ? 138 VAL A CB  1 
ATOM   1037 C CG1 . VAL A 1 138 ? -12.116 -1.016  3.231   1.00 12.80 ? 138 VAL A CG1 1 
ATOM   1038 C CG2 . VAL A 1 138 ? -14.188 0.041   2.330   1.00 13.00 ? 138 VAL A CG2 1 
ATOM   1039 N N   . VAL A 1 139 ? -10.657 2.376   4.296   1.00 10.79 ? 139 VAL A N   1 
ATOM   1040 C CA  . VAL A 1 139 ? -9.390  2.740   4.911   1.00 10.15 ? 139 VAL A CA  1 
ATOM   1041 C C   . VAL A 1 139 ? -9.579  3.172   6.358   1.00 11.57 ? 139 VAL A C   1 
ATOM   1042 O O   . VAL A 1 139 ? -8.835  2.741   7.254   1.00 12.02 ? 139 VAL A O   1 
ATOM   1043 C CB  . VAL A 1 139 ? -8.678  3.795   4.097   1.00 11.07 ? 139 VAL A CB  1 
ATOM   1044 C CG1 . VAL A 1 139 ? -7.337  4.231   4.748   1.00 12.13 ? 139 VAL A CG1 1 
ATOM   1045 C CG2 . VAL A 1 139 ? -8.366  3.261   2.701   1.00 11.43 ? 139 VAL A CG2 1 
ATOM   1046 N N   . LYS A 1 140 ? -10.627 3.975   6.593   1.00 12.28 ? 140 LYS A N   1 
ATOM   1047 C CA  . LYS A 1 140 ? -10.933 4.435   7.910   1.00 13.37 ? 140 LYS A CA  1 
ATOM   1048 C C   . LYS A 1 140 ? -11.292 3.281   8.832   1.00 12.60 ? 140 LYS A C   1 
ATOM   1049 O O   . LYS A 1 140 ? -10.978 3.321   10.000  1.00 14.60 ? 140 LYS A O   1 
ATOM   1050 C CB  . LYS A 1 140 ? -12.068 5.456   7.836   1.00 14.69 ? 140 LYS A CB  1 
ATOM   1051 C CG  . LYS A 1 140 ? -11.752 6.786   7.167   1.00 16.22 ? 140 LYS A CG  1 
ATOM   1052 C CD  . LYS A 1 140 ? -10.652 7.590   7.738   1.00 17.68 ? 140 LYS A CD  1 
ATOM   1053 C CE  . LYS A 1 140 ? -10.961 8.220   9.093   1.00 17.34 ? 140 LYS A CE  1 
ATOM   1054 N NZ  . LYS A 1 140 ? -9.757  8.947   9.432   1.00 16.26 ? 140 LYS A NZ  1 
ATOM   1055 N N   . LYS A 1 141 ? -12.001 2.273   8.359   1.00 12.42 ? 141 LYS A N   1 
ATOM   1056 C CA  . LYS A 1 141 ? -12.217 1.082   9.176   1.00 14.68 ? 141 LYS A CA  1 
ATOM   1057 C C   . LYS A 1 141 ? -10.939 0.356   9.512   1.00 14.90 ? 141 LYS A C   1 
ATOM   1058 O O   . LYS A 1 141 ? -10.738 -0.035  10.659  1.00 14.66 ? 141 LYS A O   1 
ATOM   1059 C CB  . LYS A 1 141 ? -13.132 0.086   8.457   1.00 16.19 ? 141 LYS A CB  1 
ATOM   1060 C CG  . LYS A 1 141 ? -14.533 0.575   8.181   1.00 19.69 ? 141 LYS A CG  1 
ATOM   1061 C CD  . LYS A 1 141 ? -15.318 -0.549  7.422   1.00 23.29 ? 141 LYS A CD  1 
ATOM   1062 C CE  . LYS A 1 141 ? -16.489 0.029   6.685   1.00 28.78 ? 141 LYS A CE  1 
ATOM   1063 N NZ  . LYS A 1 141 ? -17.183 -1.101  6.012   1.00 32.93 ? 141 LYS A NZ  1 
ATOM   1064 N N   . ILE A 1 142 ? -10.064 0.143   8.519   1.00 11.59 ? 142 ILE A N   1 
ATOM   1065 C CA  . ILE A 1 142 ? -8.724  -0.457  8.819   1.00 11.66 ? 142 ILE A CA  1 
ATOM   1066 C C   . ILE A 1 142 ? -8.040  0.371   9.942   1.00 12.20 ? 142 ILE A C   1 
ATOM   1067 O O   . ILE A 1 142 ? -7.527  -0.208  10.935  1.00 13.46 ? 142 ILE A O   1 
ATOM   1068 C CB  . ILE A 1 142 ? -7.806  -0.453  7.580   1.00 12.30 ? 142 ILE A CB  1 
ATOM   1069 C CG1 . ILE A 1 142 ? -8.426  -1.348  6.470   1.00 12.49 ? 142 ILE A CG1 1 
ATOM   1070 C CG2 . ILE A 1 142 ? -6.378  -0.874  7.964   1.00 13.06 ? 142 ILE A CG2 1 
ATOM   1071 C CD1 . ILE A 1 142 ? -7.750  -1.253  5.088   1.00 13.17 ? 142 ILE A CD1 1 
ATOM   1072 N N   . GLU A 1 143 ? -7.999  1.696   9.768   1.00 11.91 ? 143 GLU A N   1 
ATOM   1073 C CA  . GLU A 1 143 ? -7.340  2.662   10.690  1.00 12.85 ? 143 GLU A CA  1 
ATOM   1074 C C   . GLU A 1 143 ? -7.833  2.460   12.089  1.00 14.67 ? 143 GLU A C   1 
ATOM   1075 O O   . GLU A 1 143 ? -7.025  2.448   13.047  1.00 12.71 ? 143 GLU A O   1 
ATOM   1076 C CB  . GLU A 1 143 ? -7.648  4.076   10.273  1.00 13.67 ? 143 GLU A CB  1 
ATOM   1077 C CG  . GLU A 1 143 ? -6.942  5.125   11.087  1.00 14.67 ? 143 GLU A CG  1 
ATOM   1078 C CD  . GLU A 1 143 ? -7.280  6.550   10.730  1.00 16.55 ? 143 GLU A CD  1 
ATOM   1079 O OE1 . GLU A 1 143 ? -8.390  6.747   10.229  1.00 17.04 ? 143 GLU A OE1 1 
ATOM   1080 O OE2 . GLU A 1 143 ? -6.424  7.441   10.943  1.00 16.40 ? 143 GLU A OE2 1 
ATOM   1081 N N   . SER A 1 144 ? -9.154  2.202   12.173  1.00 14.34 ? 144 SER A N   1 
ATOM   1082 C CA  . SER A 1 144 ? -9.811  1.912   13.506  1.00 14.53 ? 144 SER A CA  1 
ATOM   1083 C C   . SER A 1 144 ? -9.318  0.708   14.290  1.00 16.05 ? 144 SER A C   1 
ATOM   1084 O O   . SER A 1 144 ? -9.466  0.712   15.562  1.00 16.47 ? 144 SER A O   1 
ATOM   1085 C CB  . SER A 1 144 ? -11.381 1.911   13.358  1.00 15.69 ? 144 SER A CB  1 
ATOM   1086 O OG  . SER A 1 144 ? -11.827 0.641   12.954  1.00 13.54 ? 144 SER A OG  1 
ATOM   1087 N N   . PHE A 1 145 ? -8.712  -0.265  13.617  1.00 15.77 ? 145 PHE A N   1 
ATOM   1088 C CA  . PHE A 1 145 ? -8.134  -1.426  14.218  1.00 15.91 ? 145 PHE A CA  1 
ATOM   1089 C C   . PHE A 1 145 ? -6.642  -1.298  14.509  1.00 14.95 ? 145 PHE A C   1 
ATOM   1090 O O   . PHE A 1 145 ? -6.049  -2.245  14.973  1.00 13.72 ? 145 PHE A O   1 
ATOM   1091 C CB  . PHE A 1 145 ? -8.363  -2.622  13.372  1.00 17.26 ? 145 PHE A CB  1 
ATOM   1092 C CG  . PHE A 1 145 ? -9.825  -2.905  13.183  1.00 20.87 ? 145 PHE A CG  1 
ATOM   1093 C CD1 . PHE A 1 145 ? -10.648 -3.015  14.312  1.00 24.13 ? 145 PHE A CD1 1 
ATOM   1094 C CD2 . PHE A 1 145 ? -10.397 -2.912  11.931  1.00 20.00 ? 145 PHE A CD2 1 
ATOM   1095 C CE1 . PHE A 1 145 ? -12.004 -3.184  14.171  1.00 26.61 ? 145 PHE A CE1 1 
ATOM   1096 C CE2 . PHE A 1 145 ? -11.755 -3.116  11.776  1.00 23.38 ? 145 PHE A CE2 1 
ATOM   1097 C CZ  . PHE A 1 145 ? -12.563 -3.271  12.887  1.00 23.53 ? 145 PHE A CZ  1 
ATOM   1098 N N   . GLY A 1 146 ? -6.046  -0.150  14.226  1.00 13.94 ? 146 GLY A N   1 
ATOM   1099 C CA  . GLY A 1 146 ? -4.640  0.112   14.580  1.00 12.47 ? 146 GLY A CA  1 
ATOM   1100 C C   . GLY A 1 146 ? -4.507  0.644   16.001  1.00 13.32 ? 146 GLY A C   1 
ATOM   1101 O O   . GLY A 1 146 ? -5.511  0.691   16.793  1.00 13.56 ? 146 GLY A O   1 
ATOM   1102 N N   . SER A 1 147 ? -3.277  1.042   16.302  1.00 11.45 ? 147 SER A N   1 
ATOM   1103 C CA  . SER A 1 147 ? -2.957  1.631   17.574  1.00 11.25 ? 147 SER A CA  1 
ATOM   1104 C C   . SER A 1 147 ? -1.800  2.523   17.420  1.00 11.08 ? 147 SER A C   1 
ATOM   1105 O O   . SER A 1 147 ? -1.134  2.507   16.408  1.00 10.88 ? 147 SER A O   1 
ATOM   1106 C CB  . SER A 1 147 ? -2.694  0.534   18.577  1.00 11.16 ? 147 SER A CB  1 
ATOM   1107 O OG  . SER A 1 147 ? -1.545  -0.224  18.289  1.00 11.22 ? 147 SER A OG  1 
ATOM   1108 N N   . LYS A 1 148 ? -1.508  3.316   18.471  1.00 11.44 ? 148 LYS A N   1 
ATOM   1109 C CA  . LYS A 1 148 ? -0.378  4.224   18.373  1.00 12.34 ? 148 LYS A CA  1 
ATOM   1110 C C   . LYS A 1 148 ? 0.949   3.488   18.196  1.00 12.34 ? 148 LYS A C   1 
ATOM   1111 O O   . LYS A 1 148 ? 1.875   4.012   17.584  1.00 12.24 ? 148 LYS A O   1 
ATOM   1112 C CB  . LYS A 1 148 ? -0.385  5.149   19.574  1.00 14.17 ? 148 LYS A CB  1 
ATOM   1113 C CG  . LYS A 1 148 ? 0.391   6.402   19.482  1.00 18.78 ? 148 LYS A CG  1 
ATOM   1114 C CD  . LYS A 1 148 ? -0.132  7.465   20.525  1.00 20.38 ? 148 LYS A CD  1 
ATOM   1115 C CE  . LYS A 1 148 ? 0.843   8.642   20.568  1.00 23.83 ? 148 LYS A CE  1 
ATOM   1116 N NZ  . LYS A 1 148 ? 0.345   9.844   21.367  1.00 24.01 ? 148 LYS A NZ  1 
ATOM   1117 N N   . SER A 1 149 ? 1.030   2.265   18.705  1.00 11.39 ? 149 SER A N   1 
ATOM   1118 C CA  . SER A 1 149 ? 2.252   1.445   18.521  1.00 12.97 ? 149 SER A CA  1 
ATOM   1119 C C   . SER A 1 149 ? 2.342   0.860   17.086  1.00 12.46 ? 149 SER A C   1 
ATOM   1120 O O   . SER A 1 149 ? 3.388   0.314   16.707  1.00 12.54 ? 149 SER A O   1 
ATOM   1121 C CB  . SER A 1 149 ? 2.227   0.221   19.418  1.00 13.44 ? 149 SER A CB  1 
ATOM   1122 O OG  . SER A 1 149 ? 1.218   -0.722  18.998  1.00 12.81 ? 149 SER A OG  1 
ATOM   1123 N N   . GLY A 1 150 ? 1.243   0.909   16.353  1.00 12.94 ? 150 GLY A N   1 
ATOM   1124 C CA  . GLY A 1 150 ? 1.169   0.301   15.016  1.00 13.22 ? 150 GLY A CA  1 
ATOM   1125 C C   . GLY A 1 150 ? 0.600   -1.079  15.026  1.00 14.26 ? 150 GLY A C   1 
ATOM   1126 O O   . GLY A 1 150 ? 0.151   -1.639  14.006  1.00 11.36 ? 150 GLY A O   1 
ATOM   1127 N N   . ARG A 1 151 ? 0.543   -1.686  16.203  1.00 14.13 ? 151 ARG A N   1 
ATOM   1128 C CA  . ARG A 1 151 ? -0.016  -3.040  16.272  1.00 15.57 ? 151 ARG A CA  1 
ATOM   1129 C C   . ARG A 1 151 ? -1.517  -3.040  16.046  1.00 13.34 ? 151 ARG A C   1 
ATOM   1130 O O   . ARG A 1 151 ? -2.243  -2.183  16.545  1.00 13.07 ? 151 ARG A O   1 
ATOM   1131 C CB  . ARG A 1 151 ? 0.223   -3.683  17.666  1.00 18.62 ? 151 ARG A CB  1 
ATOM   1132 C CG  . ARG A 1 151 ? 1.601   -4.142  17.872  1.00 23.25 ? 151 ARG A CG  1 
ATOM   1133 C CD  . ARG A 1 151 ? 1.572   -5.529  18.606  1.00 27.83 ? 151 ARG A CD  1 
ATOM   1134 N NE  . ARG A 1 151 ? 2.950   -5.806  18.866  1.00 33.57 ? 151 ARG A NE  1 
ATOM   1135 C CZ  . ARG A 1 151 ? 3.449   -6.462  19.907  1.00 27.42 ? 151 ARG A CZ  1 
ATOM   1136 N NH1 . ARG A 1 151 ? 2.663   -6.963  20.877  1.00 31.88 ? 151 ARG A NH1 1 
ATOM   1137 N NH2 . ARG A 1 151 ? 4.760   -6.564  19.946  1.00 30.24 ? 151 ARG A NH2 1 
ATOM   1138 N N   . THR A 1 152 ? -2.024  -4.033  15.337  1.00 13.86 ? 152 THR A N   1 
ATOM   1139 C CA  . THR A 1 152 ? -3.433  -4.079  15.086  1.00 13.73 ? 152 THR A CA  1 
ATOM   1140 C C   . THR A 1 152 ? -4.117  -4.994  16.072  1.00 17.00 ? 152 THR A C   1 
ATOM   1141 O O   . THR A 1 152 ? -3.488  -5.909  16.585  1.00 16.94 ? 152 THR A O   1 
ATOM   1142 C CB  . THR A 1 152 ? -3.748  -4.588  13.641  1.00 14.87 ? 152 THR A CB  1 
ATOM   1143 O OG1 . THR A 1 152 ? -3.122  -5.832  13.477  1.00 14.18 ? 152 THR A OG1 1 
ATOM   1144 C CG2 . THR A 1 152 ? -3.204  -3.601  12.608  1.00 14.59 ? 152 THR A CG2 1 
ATOM   1145 N N   . SER A 1 153 ? -5.361  -4.670  16.364  1.00 17.37 ? 153 SER A N   1 
ATOM   1146 C CA  . SER A 1 153 ? -6.181  -5.381  17.362  1.00 20.69 ? 153 SER A CA  1 
ATOM   1147 C C   . SER A 1 153 ? -6.950  -6.524  16.747  1.00 23.05 ? 153 SER A C   1 
ATOM   1148 O O   . SER A 1 153 ? -7.515  -7.377  17.461  1.00 22.86 ? 153 SER A O   1 
ATOM   1149 C CB  . SER A 1 153 ? -7.143  -4.419  18.072  1.00 19.36 ? 153 SER A CB  1 
ATOM   1150 O OG  . SER A 1 153 ? -8.068  -3.754  17.231  1.00 18.70 ? 153 SER A OG  1 
ATOM   1151 N N   . LYS A 1 154 ? -7.067  -6.512  15.413  1.00 21.93 ? 154 LYS A N   1 
ATOM   1152 C CA  . LYS A 1 154 ? -7.602  -7.628  14.667  1.00 22.79 ? 154 LYS A CA  1 
ATOM   1153 C C   . LYS A 1 154 ? -6.655  -7.922  13.509  1.00 21.68 ? 154 LYS A C   1 
ATOM   1154 O O   . LYS A 1 154 ? -5.834  -7.077  13.144  1.00 19.01 ? 154 LYS A O   1 
ATOM   1155 C CB  . LYS A 1 154 ? -8.963  -7.256  14.109  1.00 25.01 ? 154 LYS A CB  1 
ATOM   1156 C CG  . LYS A 1 154 ? -9.944  -6.999  15.239  1.00 30.78 ? 154 LYS A CG  1 
ATOM   1157 C CD  . LYS A 1 154 ? -11.302 -7.472  14.856  1.00 36.73 ? 154 LYS A CD  1 
ATOM   1158 C CE  . LYS A 1 154 ? -12.052 -6.475  14.046  1.00 42.56 ? 154 LYS A CE  1 
ATOM   1159 N NZ  . LYS A 1 154 ? -13.184 -5.962  14.875  1.00 50.65 ? 154 LYS A NZ  1 
ATOM   1160 N N   . LYS A 1 155 ? -6.746  -9.140  12.975  1.00 19.21 ? 155 LYS A N   1 
ATOM   1161 C CA  . LYS A 1 155 ? -5.919  -9.517  11.853  1.00 18.11 ? 155 LYS A CA  1 
ATOM   1162 C C   . LYS A 1 155 ? -6.573  -8.925  10.581  1.00 17.84 ? 155 LYS A C   1 
ATOM   1163 O O   . LYS A 1 155 ? -7.696  -9.334  10.197  1.00 17.24 ? 155 LYS A O   1 
ATOM   1164 C CB  . LYS A 1 155 ? -5.829  -11.032 11.700  1.00 19.59 ? 155 LYS A CB  1 
ATOM   1165 C CG  . LYS A 1 155 ? -4.674  -11.444 10.865  1.00 21.96 ? 155 LYS A CG  1 
ATOM   1166 C CD  . LYS A 1 155 ? -4.729  -12.907 10.492  1.00 27.24 ? 155 LYS A CD  1 
ATOM   1167 C CE  . LYS A 1 155 ? -3.546  -13.198 9.615   1.00 29.35 ? 155 LYS A CE  1 
ATOM   1168 N NZ  . LYS A 1 155 ? -3.473  -14.630 9.307   1.00 30.76 ? 155 LYS A NZ  1 
ATOM   1169 N N   . ILE A 1 156 ? -5.846  -8.032  9.896   1.00 14.58 ? 156 ILE A N   1 
ATOM   1170 C CA  . ILE A 1 156 ? -6.422  -7.259  8.760   1.00 12.50 ? 156 ILE A CA  1 
ATOM   1171 C C   . ILE A 1 156 ? -5.799  -7.835  7.474   1.00 12.14 ? 156 ILE A C   1 
ATOM   1172 O O   . ILE A 1 156 ? -4.606  -7.731  7.315   1.00 10.97 ? 156 ILE A O   1 
ATOM   1173 C CB  . ILE A 1 156 ? -6.096  -5.733  8.884   1.00 13.90 ? 156 ILE A CB  1 
ATOM   1174 C CG1 . ILE A 1 156 ? -6.484  -5.148  10.266  1.00 15.45 ? 156 ILE A CG1 1 
ATOM   1175 C CG2 . ILE A 1 156 ? -6.767  -4.991  7.748   1.00 13.81 ? 156 ILE A CG2 1 
ATOM   1176 C CD1 . ILE A 1 156 ? -7.954  -5.275  10.583  1.00 19.16 ? 156 ILE A CD1 1 
ATOM   1177 N N   . VAL A 1 157 ? -6.608  -8.452  6.603   1.00 10.97 ? 157 VAL A N   1 
ATOM   1178 C CA  . VAL A 1 157 ? -6.130  -9.317  5.542   1.00 12.17 ? 157 VAL A CA  1 
ATOM   1179 C C   . VAL A 1 157 ? -6.654  -8.821  4.212   1.00 11.75 ? 157 VAL A C   1 
ATOM   1180 O O   . VAL A 1 157 ? -7.816  -8.460  4.103   1.00 11.11 ? 157 VAL A O   1 
ATOM   1181 C CB  . VAL A 1 157 ? -6.591  -10.775 5.730   1.00 14.69 ? 157 VAL A CB  1 
ATOM   1182 C CG1 . VAL A 1 157 ? -6.125  -11.632 4.547   1.00 14.52 ? 157 VAL A CG1 1 
ATOM   1183 C CG2 . VAL A 1 157 ? -5.968  -11.345 6.971   1.00 15.88 ? 157 VAL A CG2 1 
ATOM   1184 N N   . ILE A 1 158 ? -5.771  -8.690  3.234   1.00 11.17 ? 158 ILE A N   1 
ATOM   1185 C CA  . ILE A 1 158 ? -6.178  -8.419  1.837   1.00 11.30 ? 158 ILE A CA  1 
ATOM   1186 C C   . ILE A 1 158 ? -6.632  -9.785  1.288   1.00 13.47 ? 158 ILE A C   1 
ATOM   1187 O O   . ILE A 1 158 ? -5.776  -10.634 0.915   1.00 13.88 ? 158 ILE A O   1 
ATOM   1188 C CB  . ILE A 1 158 ? -5.005  -7.864  0.983   1.00 11.84 ? 158 ILE A CB  1 
ATOM   1189 C CG1 . ILE A 1 158 ? -4.523  -6.531  1.565   1.00 11.98 ? 158 ILE A CG1 1 
ATOM   1190 C CG2 . ILE A 1 158 ? -5.389  -7.763  -0.507  1.00 11.12 ? 158 ILE A CG2 1 
ATOM   1191 C CD1 . ILE A 1 158 ? -3.239  -5.994  1.050   1.00 11.39 ? 158 ILE A CD1 1 
ATOM   1192 N N   . THR A 1 159 ? -7.936  -10.011 1.318   1.00 13.69 ? 159 THR A N   1 
ATOM   1193 C CA  . THR A 1 159 ? -8.467  -11.353 0.930   1.00 16.12 ? 159 THR A CA  1 
ATOM   1194 C C   . THR A 1 159 ? -8.488  -11.519 -0.577  1.00 15.10 ? 159 THR A C   1 
ATOM   1195 O O   . THR A 1 159 ? -8.439  -12.597 -1.054  1.00 15.08 ? 159 THR A O   1 
ATOM   1196 C CB  . THR A 1 159 ? -9.867  -11.634 1.424   1.00 18.97 ? 159 THR A CB  1 
ATOM   1197 O OG1 . THR A 1 159 ? -10.639 -10.578 1.011   1.00 17.39 ? 159 THR A OG1 1 
ATOM   1198 C CG2 . THR A 1 159 ? -9.857  -11.691 2.861   1.00 23.41 ? 159 THR A CG2 1 
ATOM   1199 N N   . ASP A 1 160 ? -8.612  -10.434 -1.293  1.00 14.10 ? 160 ASP A N   1 
ATOM   1200 C CA  . ASP A 1 160 ? -8.446  -10.469 -2.760  1.00 14.08 ? 160 ASP A CA  1 
ATOM   1201 C C   . ASP A 1 160 ? -7.924  -9.180  -3.249  1.00 11.89 ? 160 ASP A C   1 
ATOM   1202 O O   . ASP A 1 160 ? -8.052  -8.139  -2.584  1.00 12.21 ? 160 ASP A O   1 
ATOM   1203 C CB  . ASP A 1 160 ? -9.833  -10.681 -3.395  1.00 16.25 ? 160 ASP A CB  1 
ATOM   1204 C CG  . ASP A 1 160 ? -9.780  -11.333 -4.807  1.00 18.22 ? 160 ASP A CG  1 
ATOM   1205 O OD1 . ASP A 1 160 ? -8.714  -11.685 -5.337  1.00 15.82 ? 160 ASP A OD1 1 
ATOM   1206 O OD2 . ASP A 1 160 ? -10.898 -11.502 -5.341  1.00 24.25 ? 160 ASP A OD2 1 
ATOM   1207 N N   . CYS A 1 161 ? -7.417  -9.201  -4.481  1.00 10.30 ? 161 CYS A N   1 
ATOM   1208 C CA  . CYS A 1 161 ? -6.921  -7.997  -5.077  1.00 10.70 ? 161 CYS A CA  1 
ATOM   1209 C C   . CYS A 1 161 ? -6.753  -8.212  -6.555  1.00 10.74 ? 161 CYS A C   1 
ATOM   1210 O O   . CYS A 1 161 ? -6.774  -9.351  -6.999  1.00 12.17 ? 161 CYS A O   1 
ATOM   1211 C CB  . CYS A 1 161 ? -5.607  -7.526  -4.413  1.00 9.99  ? 161 CYS A CB  1 
ATOM   1212 S SG  . CYS A 1 161 ? -4.363  -8.832  -4.203  1.00 11.32 ? 161 CYS A SG  1 
ATOM   1213 N N   . GLY A 1 162 ? -6.627  -7.116  -7.313  1.00 10.16 ? 162 GLY A N   1 
ATOM   1214 C CA  . GLY A 1 162 ? -6.559  -7.242  -8.765  1.00 10.56 ? 162 GLY A CA  1 
ATOM   1215 C C   . GLY A 1 162 ? -6.630  -5.935  -9.497  1.00 10.79 ? 162 GLY A C   1 
ATOM   1216 O O   . GLY A 1 162 ? -6.591  -4.891  -8.873  1.00 9.86  ? 162 GLY A O   1 
ATOM   1217 N N   . GLN A 1 163 ? -6.858  -6.018  -10.815 1.00 10.33 ? 163 GLN A N   1 
ATOM   1218 C CA  . GLN A 1 163 ? -6.893  -4.790  -11.640 1.00 10.51 ? 163 GLN A CA  1 
ATOM   1219 C C   . GLN A 1 163 ? -8.250  -4.666  -12.269 1.00 10.46 ? 163 GLN A C   1 
ATOM   1220 O O   . GLN A 1 163 ? -8.739  -5.640  -12.800 1.00 12.99 ? 163 GLN A O   1 
ATOM   1221 C CB  . GLN A 1 163 ? -5.819  -4.919  -12.718 1.00 10.21 ? 163 GLN A CB  1 
ATOM   1222 C CG  . GLN A 1 163 ? -5.742  -3.726  -13.609 1.00 10.93 ? 163 GLN A CG  1 
ATOM   1223 C CD  . GLN A 1 163 ? -4.543  -3.679  -14.543 1.00 10.26 ? 163 GLN A CD  1 
ATOM   1224 O OE1 . GLN A 1 163 ? -3.802  -4.662  -14.639 1.00 11.15 ? 163 GLN A OE1 1 
ATOM   1225 N NE2 . GLN A 1 163 ? -4.310  -2.532  -15.184 1.00 10.75 ? 163 GLN A NE2 1 
ATOM   1226 N N   . LEU A 1 164 ? -8.843  -3.504  -12.175 1.00 10.55 ? 164 LEU A N   1 
ATOM   1227 C CA  . LEU A 1 164 ? -10.158 -3.208  -12.803 1.00 11.45 ? 164 LEU A CA  1 
ATOM   1228 C C   . LEU A 1 164 ? -10.052 -2.692  -14.234 1.00 12.21 ? 164 LEU A C   1 
ATOM   1229 O O   . LEU A 1 164 ? -11.005 -2.859  -15.046 1.00 13.05 ? 164 LEU A O   1 
ATOM   1230 C CB  . LEU A 1 164 ? -10.834 -2.119  -11.996 1.00 12.44 ? 164 LEU A CB  1 
ATOM   1231 C CG  . LEU A 1 164 ? -11.217 -2.603  -10.594 1.00 12.59 ? 164 LEU A CG  1 
ATOM   1232 C CD1 . LEU A 1 164 ? -11.873 -1.460  -9.889  1.00 15.20 ? 164 LEU A CD1 1 
ATOM   1233 C CD2 . LEU A 1 164 ? -12.157 -3.816  -10.515 1.00 14.96 ? 164 LEU A CD2 1 
ATOM   1234 N N   . SER A 1 165 ? -9.015  -1.949  -14.497 1.00 10.19 ? 165 SER A N   1 
ATOM   1235 C CA  . SER A 1 165 ? -8.763  -1.323  -15.835 1.00 11.17 ? 165 SER A CA  1 
ATOM   1236 C C   . SER A 1 165 ? -7.355  -0.791  -15.906 1.00 11.05 ? 165 SER A C   1 
ATOM   1237 O O   . SER A 1 165 ? -6.932  -0.275  -17.009 1.00 10.70 ? 165 SER A O   1 
ATOM   1238 C CB  . SER A 1 165 ? -9.763  -0.172  -16.164 1.00 11.50 ? 165 SER A CB  1 
ATOM   1239 O OG  . SER A 1 165 ? -9.658  0.912   -15.291 1.00 12.26 ? 165 SER A OG  1 
ATOM   1240 O OXT . SER A 1 165 ? -6.631  -0.854  -14.870 1.00 8.95  ? 165 SER A OXT 1 
HETATM 1241 K K   . K   B 2 .   ? 3.537   10.617  15.844  0.50 19.48 ? 201 K   A K   1 
HETATM 1242 C C   . FMT C 3 .   ? -4.617  -11.799 -7.088  1.00 26.03 ? 202 FMT A C   1 
HETATM 1243 O O1  . FMT C 3 .   ? -5.563  -12.473 -7.540  1.00 32.83 ? 202 FMT A O1  1 
HETATM 1244 O O2  . FMT C 3 .   ? -3.524  -12.493 -6.644  1.00 23.97 ? 202 FMT A O2  1 
HETATM 1245 O O1  . PG4 D 4 .   ? -5.118  18.332  -2.142  1.00 43.99 ? 203 PG4 A O1  1 
HETATM 1246 C C1  . PG4 D 4 .   ? -5.592  17.777  -0.902  1.00 46.62 ? 203 PG4 A C1  1 
HETATM 1247 C C2  . PG4 D 4 .   ? -6.511  16.575  -1.153  1.00 49.07 ? 203 PG4 A C2  1 
HETATM 1248 O O2  . PG4 D 4 .   ? -5.878  15.369  -0.704  1.00 48.62 ? 203 PG4 A O2  1 
HETATM 1249 C C3  . PG4 D 4 .   ? -6.628  14.162  -0.924  1.00 40.23 ? 203 PG4 A C3  1 
HETATM 1250 C C4  . PG4 D 4 .   ? -5.683  13.131  -1.561  1.00 35.63 ? 203 PG4 A C4  1 
HETATM 1251 O O3  . PG4 D 4 .   ? -5.273  13.576  -2.847  1.00 29.41 ? 203 PG4 A O3  1 
HETATM 1252 C C5  . PG4 D 4 .   ? -4.431  12.632  -3.516  1.00 26.48 ? 203 PG4 A C5  1 
HETATM 1253 C C6  . PG4 D 4 .   ? -4.140  13.267  -4.847  1.00 26.90 ? 203 PG4 A C6  1 
HETATM 1254 O O4  . PG4 D 4 .   ? -5.422  13.334  -5.472  1.00 29.29 ? 203 PG4 A O4  1 
HETATM 1255 C C7  . PG4 D 4 .   ? -5.401  13.304  -6.894  1.00 27.41 ? 203 PG4 A C7  1 
HETATM 1256 C C8  . PG4 D 4 .   ? -6.865  13.018  -7.224  1.00 27.14 ? 203 PG4 A C8  1 
HETATM 1257 O O5  . PG4 D 4 .   ? -7.642  14.201  -7.076  1.00 27.89 ? 203 PG4 A O5  1 
HETATM 1258 C C1  . PGE E 5 .   ? 6.056   9.942   13.325  1.00 30.17 ? 204 PGE A C1  1 
HETATM 1259 O O1  . PGE E 5 .   ? 5.549   8.792   14.055  1.00 28.21 ? 204 PGE A O1  1 
HETATM 1260 C C2  . PGE E 5 .   ? 5.111   10.912  12.600  1.00 28.52 ? 204 PGE A C2  1 
HETATM 1261 O O2  . PGE E 5 .   ? 3.912   11.333  13.255  1.00 27.76 ? 204 PGE A O2  1 
HETATM 1262 C C3  . PGE E 5 .   ? 2.743   11.463  12.385  1.00 30.45 ? 204 PGE A C3  1 
HETATM 1263 C C4  . PGE E 5 .   ? 1.365   11.528  13.051  1.00 29.20 ? 204 PGE A C4  1 
HETATM 1264 O O4  . PGE E 5 .   ? 0.592   9.969   16.774  1.00 36.56 ? 204 PGE A O4  1 
HETATM 1265 C C6  . PGE E 5 .   ? -0.137  9.415   15.695  1.00 32.88 ? 204 PGE A C6  1 
HETATM 1266 C C5  . PGE E 5 .   ? -0.028  10.376  14.530  1.00 29.63 ? 204 PGE A C5  1 
HETATM 1267 O O3  . PGE E 5 .   ? 1.323   10.599  14.102  1.00 26.10 ? 204 PGE A O3  1 
HETATM 1268 C C1  . 4ZP F 6 .   ? 10.148  -1.424  7.005   1.00 22.80 ? 205 4ZP A C1  1 
HETATM 1269 C C2  . 4ZP F 6 .   ? 9.730   -1.099  4.557   1.00 19.96 ? 205 4ZP A C2  1 
HETATM 1270 C C3  . 4ZP F 6 .   ? 10.003  -1.365  3.233   1.00 19.37 ? 205 4ZP A C3  1 
HETATM 1271 C C4  . 4ZP F 6 .   ? 11.011  -2.185  2.833   1.00 19.58 ? 205 4ZP A C4  1 
HETATM 1272 C C5  . 4ZP F 6 .   ? 11.747  -2.823  3.882   1.00 22.74 ? 205 4ZP A C5  1 
HETATM 1273 C C6  . 4ZP F 6 .   ? 11.448  -2.588  5.218   1.00 21.46 ? 205 4ZP A C6  1 
HETATM 1274 C C7  . 4ZP F 6 .   ? 10.447  -1.706  5.568   1.00 20.17 ? 205 4ZP A C7  1 
HETATM 1275 C C8  . 4ZP F 6 .   ? 12.841  -3.766  3.571   1.00 26.91 ? 205 4ZP A C8  1 
HETATM 1276 C C9  . 4ZP F 6 .   ? 12.876  -5.059  4.081   1.00 28.60 ? 205 4ZP A C9  1 
HETATM 1277 C C11 . 4ZP F 6 .   ? 14.948  -5.499  3.006   1.00 32.85 ? 205 4ZP A C11 1 
HETATM 1278 N N10 . 4ZP F 6 .   ? 13.908  -5.890  3.793   1.00 33.62 ? 205 4ZP A N10 1 
HETATM 1279 C C12 . 4ZP F 6 .   ? 14.905  -4.214  2.486   1.00 29.21 ? 205 4ZP A C12 1 
HETATM 1280 C C13 . 4ZP F 6 .   ? 13.873  -3.328  2.758   1.00 29.55 ? 205 4ZP A C13 1 
HETATM 1281 N N14 . 4ZP F 6 .   ? 10.404  -0.022  7.208   1.00 23.15 ? 205 4ZP A N14 1 
HETATM 1282 C C15 . 4ZP F 6 .   ? 9.461   0.853   7.573   1.00 20.64 ? 205 4ZP A C15 1 
HETATM 1283 N N16 . 4ZP F 6 .   ? 9.821   2.127   7.558   1.00 18.80 ? 205 4ZP A N16 1 
HETATM 1284 C C17 . 4ZP F 6 .   ? 8.894   3.181   7.892   1.00 19.49 ? 205 4ZP A C17 1 
HETATM 1285 C C18 . 4ZP F 6 .   ? 7.983   3.453   6.709   1.00 18.09 ? 205 4ZP A C18 1 
HETATM 1286 O O19 . 4ZP F 6 .   ? 8.306   0.556   7.875   1.00 21.38 ? 205 4ZP A O19 1 
HETATM 1287 O O20 . 4ZP F 6 .   ? 8.290   3.149   5.594   1.00 13.06 ? 205 4ZP A O20 1 
HETATM 1288 O O21 . 4ZP F 6 .   ? 6.838   4.213   7.013   1.00 18.59 ? 205 4ZP A O21 1 
HETATM 1289 C C22 . 4ZP F 6 .   ? 5.911   4.664   6.044   1.00 18.75 ? 205 4ZP A C22 1 
HETATM 1290 C C23 . 4ZP F 6 .   ? 4.900   5.511   6.781   1.00 17.55 ? 205 4ZP A C23 1 
HETATM 1291 O O   . HOH G 7 .   ? -8.725  -11.395 8.846   1.00 25.61 ? 301 HOH A O   1 
HETATM 1292 O O   . HOH G 7 .   ? -1.911  1.397   -17.875 1.00 42.31 ? 302 HOH A O   1 
HETATM 1293 O O   . HOH G 7 .   ? 10.814  5.861   -14.548 1.00 19.43 ? 303 HOH A O   1 
HETATM 1294 O O   . HOH G 7 .   ? -0.570  16.455  8.730   1.00 16.67 ? 304 HOH A O   1 
HETATM 1295 O O   . HOH G 7 .   ? 9.674   18.072  -6.250  1.00 40.98 ? 305 HOH A O   1 
HETATM 1296 O O   . HOH G 7 .   ? 12.991  -6.498  -0.128  1.00 25.93 ? 306 HOH A O   1 
HETATM 1297 O O   . HOH G 7 .   ? 5.756   -7.808  21.915  1.00 12.37 ? 307 HOH A O   1 
HETATM 1298 O O   . HOH G 7 .   ? 14.015  8.692   -12.415 1.00 9.32  ? 308 HOH A O   1 
HETATM 1299 O O   . HOH G 7 .   ? 6.724   19.202  0.821   1.00 29.26 ? 309 HOH A O   1 
HETATM 1300 O O   . HOH G 7 .   ? -9.601  0.752   18.137  1.00 24.90 ? 310 HOH A O   1 
HETATM 1301 O O   . HOH G 7 .   ? 10.637  15.494  3.799   1.00 23.80 ? 311 HOH A O   1 
HETATM 1302 O O   . HOH G 7 .   ? -1.832  -10.977 -5.399  1.00 11.79 ? 312 HOH A O   1 
HETATM 1303 O O   . HOH G 7 .   ? 8.351   -1.779  -15.180 1.00 21.99 ? 313 HOH A O   1 
HETATM 1304 O O   . HOH G 7 .   ? 1.596   18.342  8.352   1.00 32.02 ? 314 HOH A O   1 
HETATM 1305 O O   . HOH G 7 .   ? -13.242 -10.315 -4.100  1.00 27.43 ? 315 HOH A O   1 
HETATM 1306 O O   . HOH G 7 .   ? 1.303   -9.459  5.682   1.00 12.66 ? 316 HOH A O   1 
HETATM 1307 O O   . HOH G 7 .   ? 8.599   13.275  -12.819 1.00 25.31 ? 317 HOH A O   1 
HETATM 1308 O O   . HOH G 7 .   ? 4.686   10.710  -18.612 1.00 32.63 ? 318 HOH A O   1 
HETATM 1309 O O   . HOH G 7 .   ? 5.227   -4.391  18.516  1.00 25.59 ? 319 HOH A O   1 
HETATM 1310 O O   . HOH G 7 .   ? 16.740  8.291   -3.240  1.00 20.74 ? 320 HOH A O   1 
HETATM 1311 O O   . HOH G 7 .   ? 3.544   -10.251 -16.270 1.00 23.97 ? 321 HOH A O   1 
HETATM 1312 O O   . HOH G 7 .   ? 6.970   10.823  -4.698  1.00 9.15  ? 322 HOH A O   1 
HETATM 1313 O O   . HOH G 7 .   ? -5.280  -12.849 -10.263 1.00 17.90 ? 323 HOH A O   1 
HETATM 1314 O O   . HOH G 7 .   ? -0.041  -6.899  2.706   1.00 11.50 ? 324 HOH A O   1 
HETATM 1315 O O   . HOH G 7 .   ? 3.698   1.439   -15.537 1.00 15.68 ? 325 HOH A O   1 
HETATM 1316 O O   . HOH G 7 .   ? 14.605  13.776  -2.157  1.00 20.04 ? 326 HOH A O   1 
HETATM 1317 O O   . HOH G 7 .   ? -16.841 2.530   -0.192  1.00 22.29 ? 327 HOH A O   1 
HETATM 1318 O O   . HOH G 7 .   ? -15.478 0.836   -1.886  1.00 12.83 ? 328 HOH A O   1 
HETATM 1319 O O   . HOH G 7 .   ? 11.753  -10.424 -6.479  1.00 16.51 ? 329 HOH A O   1 
HETATM 1320 O O   . HOH G 7 .   ? -3.336  -6.986  10.840  1.00 13.46 ? 330 HOH A O   1 
HETATM 1321 O O   . HOH G 7 .   ? 4.900   7.017   -17.883 1.00 18.72 ? 331 HOH A O   1 
HETATM 1322 O O   . HOH G 7 .   ? -7.805  0.499   -19.435 1.00 22.23 ? 332 HOH A O   1 
HETATM 1323 O O   . HOH G 7 .   ? 11.117  7.297   6.477   1.00 36.09 ? 333 HOH A O   1 
HETATM 1324 O O   . HOH G 7 .   ? -8.179  -11.386 -8.076  1.00 8.31  ? 334 HOH A O   1 
HETATM 1325 O O   . HOH G 7 .   ? 2.790   -10.738 -9.387  1.00 13.45 ? 335 HOH A O   1 
HETATM 1326 O O   . HOH G 7 .   ? 7.031   17.731  -8.076  1.00 33.76 ? 336 HOH A O   1 
HETATM 1327 O O   . HOH G 7 .   ? 19.752  2.832   1.570   1.00 14.61 ? 337 HOH A O   1 
HETATM 1328 O O   . HOH G 7 .   ? 7.452   -13.549 10.139  1.00 25.33 ? 338 HOH A O   1 
HETATM 1329 O O   . HOH G 7 .   ? 14.315  -7.433  -12.893 1.00 20.28 ? 339 HOH A O   1 
HETATM 1330 O O   . HOH G 7 .   ? -18.464 1.937   -7.413  1.00 13.77 ? 340 HOH A O   1 
HETATM 1331 O O   . HOH G 7 .   ? 5.716   -6.429  -15.637 1.00 19.55 ? 341 HOH A O   1 
HETATM 1332 O O   . HOH G 7 .   ? -8.566  10.216  7.135   1.00 25.21 ? 342 HOH A O   1 
HETATM 1333 O O   . HOH G 7 .   ? -4.364  0.563   -17.268 1.00 23.40 ? 343 HOH A O   1 
HETATM 1334 O O   . HOH G 7 .   ? -7.375  -14.749 0.216   1.00 24.36 ? 344 HOH A O   1 
HETATM 1335 O O   . HOH G 7 .   ? 13.560  3.624   -0.858  1.00 9.60  ? 345 HOH A O   1 
HETATM 1336 O O   . HOH G 7 .   ? -16.059 5.058   -7.569  1.00 12.89 ? 346 HOH A O   1 
HETATM 1337 O O   . HOH G 7 .   ? 7.542   11.366  -14.469 1.00 22.52 ? 347 HOH A O   1 
HETATM 1338 O O   . HOH G 7 .   ? 17.832  -7.675  -0.405  1.00 27.75 ? 348 HOH A O   1 
HETATM 1339 O O   . HOH G 7 .   ? 2.940   17.537  0.637   1.00 15.48 ? 349 HOH A O   1 
HETATM 1340 O O   . HOH G 7 .   ? 18.562  -3.812  4.202   1.00 24.55 ? 350 HOH A O   1 
HETATM 1341 O O   . HOH G 7 .   ? -7.052  10.043  10.418  1.00 17.88 ? 351 HOH A O   1 
HETATM 1342 O O   . HOH G 7 .   ? 8.680   -1.075  -0.042  1.00 9.09  ? 352 HOH A O   1 
HETATM 1343 O O   . HOH G 7 .   ? 1.504   -0.287  -14.931 1.00 13.21 ? 353 HOH A O   1 
HETATM 1344 O O   . HOH G 7 .   ? 14.305  4.482   -17.227 1.00 31.59 ? 354 HOH A O   1 
HETATM 1345 O O   . HOH G 7 .   ? 3.026   -8.043  23.376  1.00 15.60 ? 355 HOH A O   1 
HETATM 1346 O O   . HOH G 7 .   ? -1.576  19.373  0.753   1.00 26.61 ? 356 HOH A O   1 
HETATM 1347 O O   . HOH G 7 .   ? 2.221   -6.691  5.522   1.00 8.35  ? 357 HOH A O   1 
HETATM 1348 O O   . HOH G 7 .   ? 0.018   13.132  -4.568  1.00 14.82 ? 358 HOH A O   1 
HETATM 1349 O O   . HOH G 7 .   ? -15.341 4.105   7.934   1.00 18.77 ? 359 HOH A O   1 
HETATM 1350 O O   . HOH G 7 .   ? 10.223  5.171   -1.294  1.00 10.55 ? 360 HOH A O   1 
HETATM 1351 O O   . HOH G 7 .   ? 4.498   4.286   18.418  1.00 13.94 ? 361 HOH A O   1 
HETATM 1352 O O   . HOH G 7 .   ? -0.629  6.052   -17.865 1.00 20.16 ? 362 HOH A O   1 
HETATM 1353 O O   . HOH G 7 .   ? 8.628   -15.949 6.427   1.00 31.09 ? 363 HOH A O   1 
HETATM 1354 O O   . HOH G 7 .   ? -16.333 -0.901  -6.108  1.00 15.01 ? 364 HOH A O   1 
HETATM 1355 O O   . HOH G 7 .   ? -7.104  15.184  -4.192  1.00 14.79 ? 365 HOH A O   1 
HETATM 1356 O O   . HOH G 7 .   ? -15.325 7.222   -5.984  1.00 11.95 ? 366 HOH A O   1 
HETATM 1357 O O   . HOH G 7 .   ? -1.333  10.818  -4.734  1.00 18.34 ? 367 HOH A O   1 
HETATM 1358 O O   . HOH G 7 .   ? -10.749 5.494   11.743  1.00 15.74 ? 368 HOH A O   1 
HETATM 1359 O O   . HOH G 7 .   ? 10.309  3.982   -6.645  1.00 9.20  ? 369 HOH A O   1 
HETATM 1360 O O   . HOH G 7 .   ? -9.529  -9.222  -10.742 1.00 27.35 ? 370 HOH A O   1 
HETATM 1361 O O   . HOH G 7 .   ? -7.457  -1.089  17.852  1.00 21.04 ? 371 HOH A O   1 
HETATM 1362 O O   . HOH G 7 .   ? 12.495  13.438  -7.979  1.00 20.13 ? 372 HOH A O   1 
HETATM 1363 O O   . HOH G 7 .   ? 5.333   -0.287  -6.116  1.00 8.71  ? 373 HOH A O   1 
HETATM 1364 O O   . HOH G 7 .   ? -2.200  10.637  -7.500  1.00 16.05 ? 374 HOH A O   1 
HETATM 1365 O O   . HOH G 7 .   ? -4.417  15.909  7.057   1.00 17.67 ? 375 HOH A O   1 
HETATM 1366 O O   . HOH G 7 .   ? 13.184  15.545  1.803   1.00 40.69 ? 376 HOH A O   1 
HETATM 1367 O O   . HOH G 7 .   ? 7.715   12.284  -2.049  1.00 9.58  ? 377 HOH A O   1 
HETATM 1368 O O   . HOH G 7 .   ? -15.814 5.536   -1.361  1.00 18.85 ? 378 HOH A O   1 
HETATM 1369 O O   . HOH G 7 .   ? 6.314   10.406  -7.493  1.00 8.70  ? 379 HOH A O   1 
HETATM 1370 O O   . HOH G 7 .   ? 3.334   16.777  -8.062  1.00 25.75 ? 380 HOH A O   1 
HETATM 1371 O O   . HOH G 7 .   ? 12.328  2.922   -9.755  1.00 12.08 ? 381 HOH A O   1 
HETATM 1372 O O   . HOH G 7 .   ? -0.312  12.328  2.588   1.00 9.20  ? 382 HOH A O   1 
HETATM 1373 O O   . HOH G 7 .   ? -0.028  -5.597  13.685  1.00 24.93 ? 383 HOH A O   1 
HETATM 1374 O O   . HOH G 7 .   ? -12.849 -9.275  2.245   1.00 21.82 ? 384 HOH A O   1 
HETATM 1375 O O   . HOH G 7 .   ? -2.476  -1.902  -17.275 1.00 18.11 ? 385 HOH A O   1 
HETATM 1376 O O   . HOH G 7 .   ? -3.395  3.481   20.606  1.00 20.14 ? 386 HOH A O   1 
HETATM 1377 O O   . HOH G 7 .   ? 19.137  1.273   3.727   1.00 22.74 ? 387 HOH A O   1 
HETATM 1378 O O   . HOH G 7 .   ? 11.258  9.722   -13.273 1.00 20.10 ? 388 HOH A O   1 
HETATM 1379 O O   . HOH G 7 .   ? 1.933   -3.243  -17.889 1.00 31.10 ? 389 HOH A O   1 
HETATM 1380 O O   . HOH G 7 .   ? -1.827  2.685   -20.257 1.00 35.37 ? 390 HOH A O   1 
HETATM 1381 O O   . HOH G 7 .   ? -18.774 0.630   -3.456  1.00 19.36 ? 391 HOH A O   1 
HETATM 1382 O O   . HOH G 7 .   ? 7.336   -16.687 -9.268  1.00 37.12 ? 392 HOH A O   1 
HETATM 1383 O O   . HOH G 7 .   ? 6.865   -1.915  9.160   1.00 13.71 ? 393 HOH A O   1 
HETATM 1384 O O   . HOH G 7 .   ? -16.616 -1.444  -0.346  1.00 18.28 ? 394 HOH A O   1 
HETATM 1385 O O   . HOH G 7 .   ? 11.028  14.132  7.892   1.00 12.48 ? 395 HOH A O   1 
HETATM 1386 O O   . HOH G 7 .   ? -6.897  -8.755  -11.779 1.00 16.34 ? 396 HOH A O   1 
HETATM 1387 O O   . HOH G 7 .   ? 12.408  -3.964  -0.136  1.00 32.30 ? 397 HOH A O   1 
HETATM 1388 O O   . HOH G 7 .   ? 18.103  6.060   -7.571  1.00 16.26 ? 398 HOH A O   1 
HETATM 1389 O O   . HOH G 7 .   ? 11.418  4.602   6.662   1.00 24.76 ? 399 HOH A O   1 
HETATM 1390 O O   . HOH G 7 .   ? -2.247  6.936   16.937  1.00 20.99 ? 400 HOH A O   1 
HETATM 1391 O O   . HOH G 7 .   ? -4.290  -7.385  -15.618 1.00 29.08 ? 401 HOH A O   1 
HETATM 1392 O O   . HOH G 7 .   ? 0.088   -8.145  -18.041 1.00 32.66 ? 402 HOH A O   1 
HETATM 1393 O O   . HOH G 7 .   ? -7.482  10.015  -2.241  1.00 21.75 ? 403 HOH A O   1 
HETATM 1394 O O   . HOH G 7 .   ? 1.790   16.134  -5.637  1.00 13.86 ? 404 HOH A O   1 
HETATM 1395 O O   . HOH G 7 .   ? -14.791 -2.147  -7.988  1.00 17.15 ? 405 HOH A O   1 
HETATM 1396 O O   . HOH G 7 .   ? 11.130  -13.375 -6.884  1.00 23.26 ? 406 HOH A O   1 
HETATM 1397 O O   . HOH G 7 .   ? 7.591   -16.100 -4.552  1.00 26.31 ? 407 HOH A O   1 
HETATM 1398 O O   . HOH G 7 .   ? 9.174   -4.509  0.863   1.00 16.23 ? 408 HOH A O   1 
HETATM 1399 O O   . HOH G 7 .   ? -14.052 -6.999  1.708   1.00 19.35 ? 409 HOH A O   1 
HETATM 1400 O O   . HOH G 7 .   ? 0.020   -15.176 -7.339  1.00 28.13 ? 410 HOH A O   1 
HETATM 1401 O O   . HOH G 7 .   ? -14.992 6.455   0.634   1.00 23.52 ? 411 HOH A O   1 
HETATM 1402 O O   . HOH G 7 .   ? 5.260   1.272   14.497  1.00 31.46 ? 412 HOH A O   1 
HETATM 1403 O O   . HOH G 7 .   ? 2.774   -14.267 -2.551  1.00 17.67 ? 413 HOH A O   1 
HETATM 1404 O O   . HOH G 7 .   ? 1.202   -13.777 1.557   1.00 29.79 ? 414 HOH A O   1 
HETATM 1405 O O   . HOH G 7 .   ? 9.616   2.523   -17.239 1.00 22.58 ? 415 HOH A O   1 
HETATM 1406 O O   . HOH G 7 .   ? 10.169  16.896  -1.766  1.00 25.80 ? 416 HOH A O   1 
HETATM 1407 O O   . HOH G 7 .   ? -13.947 -6.900  -9.755  1.00 32.80 ? 417 HOH A O   1 
HETATM 1408 O O   . HOH G 7 .   ? -6.330  -10.560 -9.977  1.00 23.55 ? 418 HOH A O   1 
HETATM 1409 O O   . HOH G 7 .   ? -7.622  11.812  12.148  1.00 23.96 ? 419 HOH A O   1 
HETATM 1410 O O   . HOH G 7 .   ? -3.548  -3.184  19.433  1.00 34.34 ? 420 HOH A O   1 
HETATM 1411 O O   . HOH G 7 .   ? 13.665  -11.050 -4.383  1.00 19.92 ? 421 HOH A O   1 
HETATM 1412 O O   . HOH G 7 .   ? 7.164   6.083   10.339  1.00 28.23 ? 422 HOH A O   1 
HETATM 1413 O O   . HOH G 7 .   ? 13.457  6.092   -13.378 1.00 19.72 ? 423 HOH A O   1 
HETATM 1414 O O   . HOH G 7 .   ? 16.347  9.397   -6.313  1.00 24.97 ? 424 HOH A O   1 
HETATM 1415 O O   . HOH G 7 .   ? -14.707 3.328   10.801  1.00 38.24 ? 425 HOH A O   1 
HETATM 1416 O O   . HOH G 7 .   ? -20.671 -5.612  8.427   1.00 40.15 ? 426 HOH A O   1 
HETATM 1417 O O   . HOH G 7 .   ? 3.461   2.665   -17.969 1.00 24.38 ? 427 HOH A O   1 
HETATM 1418 O O   . HOH G 7 .   ? -0.127  -0.290  -17.139 1.00 18.82 ? 428 HOH A O   1 
HETATM 1419 O O   . HOH G 7 .   ? -16.563 7.352   -3.464  1.00 26.12 ? 429 HOH A O   1 
HETATM 1420 O O   . HOH G 7 .   ? 17.236  10.257  -2.002  1.00 24.32 ? 430 HOH A O   1 
HETATM 1421 O O   . HOH G 7 .   ? -7.382  -14.533 2.850   1.00 35.72 ? 431 HOH A O   1 
HETATM 1422 O O   . HOH G 7 .   ? -0.824  15.127  -5.935  1.00 17.34 ? 432 HOH A O   1 
HETATM 1423 O O   . HOH G 7 .   ? 2.020   18.735  -4.654  1.00 25.36 ? 433 HOH A O   1 
HETATM 1424 O O   . HOH G 7 .   ? -10.115 10.981  5.061   1.00 22.68 ? 434 HOH A O   1 
# 
